data_6GD9
# 
_entry.id   6GD9 
# 
_audit_conform.dict_name       mmcif_pdbx.dic 
_audit_conform.dict_version    5.406 
_audit_conform.dict_location   http://mmcif.pdb.org/dictionaries/ascii/mmcif_pdbx.dic 
# 
loop_
_database_2.database_id 
_database_2.database_code 
_database_2.pdbx_database_accession 
_database_2.pdbx_DOI 
PDB   6GD9         pdb_00006gd9 10.2210/pdb6gd9/pdb 
WWPDB D_1200009560 ?            ?                   
# 
loop_
_pdbx_audit_revision_history.ordinal 
_pdbx_audit_revision_history.data_content_type 
_pdbx_audit_revision_history.major_revision 
_pdbx_audit_revision_history.minor_revision 
_pdbx_audit_revision_history.revision_date 
_pdbx_audit_revision_history.part_number 
1 'Structure model' 1 0 2018-08-29 ? 
2 'Structure model' 1 1 2018-10-17 ? 
3 'Structure model' 1 2 2024-01-17 ? 
4 'Structure model' 1 3 2025-10-01 ? 
# 
_pdbx_audit_revision_details.ordinal             1 
_pdbx_audit_revision_details.revision_ordinal    1 
_pdbx_audit_revision_details.data_content_type   'Structure model' 
_pdbx_audit_revision_details.provider            repository 
_pdbx_audit_revision_details.type                'Initial release' 
_pdbx_audit_revision_details.description         ? 
_pdbx_audit_revision_details.details             ? 
# 
loop_
_pdbx_audit_revision_group.ordinal 
_pdbx_audit_revision_group.revision_ordinal 
_pdbx_audit_revision_group.data_content_type 
_pdbx_audit_revision_group.group 
1 2 'Structure model' 'Data collection'        
2 2 'Structure model' 'Database references'    
3 3 'Structure model' 'Data collection'        
4 3 'Structure model' 'Database references'    
5 3 'Structure model' 'Refinement description' 
6 4 'Structure model' Advisory                 
7 4 'Structure model' 'Derived calculations'   
8 4 'Structure model' 'Structure summary'      
# 
loop_
_pdbx_audit_revision_category.ordinal 
_pdbx_audit_revision_category.revision_ordinal 
_pdbx_audit_revision_category.data_content_type 
_pdbx_audit_revision_category.category 
1  2 'Structure model' citation                      
2  2 'Structure model' citation_author               
3  3 'Structure model' chem_comp_atom                
4  3 'Structure model' chem_comp_bond                
5  3 'Structure model' database_2                    
6  3 'Structure model' pdbx_initial_refinement_model 
7  4 'Structure model' pdbx_entry_details            
8  4 'Structure model' pdbx_modification_feature     
9  4 'Structure model' pdbx_validate_close_contact   
10 4 'Structure model' struct_conn                   
# 
loop_
_pdbx_audit_revision_item.ordinal 
_pdbx_audit_revision_item.revision_ordinal 
_pdbx_audit_revision_item.data_content_type 
_pdbx_audit_revision_item.item 
1 2 'Structure model' '_citation.journal_volume'            
2 2 'Structure model' '_citation.page_first'                
3 2 'Structure model' '_citation.page_last'                 
4 2 'Structure model' '_citation_author.identifier_ORCID'   
5 2 'Structure model' '_citation_author.name'               
6 3 'Structure model' '_database_2.pdbx_DOI'                
7 3 'Structure model' '_database_2.pdbx_database_accession' 
# 
_pdbx_database_status.status_code                     REL 
_pdbx_database_status.status_code_sf                  REL 
_pdbx_database_status.status_code_mr                  ? 
_pdbx_database_status.entry_id                        6GD9 
_pdbx_database_status.recvd_initial_deposition_date   2018-04-23 
_pdbx_database_status.SG_entry                        N 
_pdbx_database_status.deposit_site                    PDBE 
_pdbx_database_status.process_site                    PDBE 
_pdbx_database_status.status_code_cs                  ? 
_pdbx_database_status.methods_development_category    ? 
_pdbx_database_status.pdb_format_compatible           Y 
_pdbx_database_status.status_code_nmr_data            ? 
# 
loop_
_pdbx_database_related.db_name 
_pdbx_database_related.details 
_pdbx_database_related.db_id 
_pdbx_database_related.content_type 
PDB 'Same protein-ligand complex in a different crystal form' 6GD6 unspecified 
PDB 'Same protein-ligand complex in a different crystal form' 6GD7 unspecified 
PDB 'Same protein-ligand complex in a different crystal form' 6GD8 unspecified 
PDB 'Same structure soaked with spermine'                     6GDA unspecified 
# 
loop_
_audit_author.name 
_audit_author.pdbx_ordinal 
_audit_author.identifier_ORCID 
'Rennie, M.L.'  1 0000-0002-0799-3450 
'Fox, G.C.'     2 ?                   
'Crowley, P.B.' 3 ?                   
# 
_citation.abstract                  ? 
_citation.abstract_id_CAS           ? 
_citation.book_id_ISBN              ? 
_citation.book_publisher            ? 
_citation.book_publisher_city       ? 
_citation.book_title                ? 
_citation.coordinate_linkage        ? 
_citation.country                   GE 
_citation.database_id_Medline       ? 
_citation.details                   ? 
_citation.id                        primary 
_citation.journal_abbrev            'Angew. Chem. Int. Ed. Engl.' 
_citation.journal_id_ASTM           ACIEAY 
_citation.journal_id_CSD            0179 
_citation.journal_id_ISSN           1521-3773 
_citation.journal_full              ? 
_citation.journal_issue             ? 
_citation.journal_volume            57 
_citation.language                  ? 
_citation.page_first                13764 
_citation.page_last                 13769 
_citation.title                     'Auto-regulated Protein Assembly on a Supramolecular Scaffold.' 
_citation.year                      2018 
_citation.database_id_CSD           ? 
_citation.pdbx_database_id_DOI      10.1002/anie.201807490 
_citation.pdbx_database_id_PubMed   30109907 
_citation.unpublished_flag          ? 
# 
loop_
_citation_author.citation_id 
_citation_author.name 
_citation_author.ordinal 
_citation_author.identifier_ORCID 
primary 'Rennie, M.L.'  1 ?                   
primary 'Fox, G.C.'     2 ?                   
primary 'Perez, J.'     3 ?                   
primary 'Crowley, P.B.' 4 0000-0002-5365-0096 
# 
loop_
_entity.id 
_entity.type 
_entity.src_method 
_entity.pdbx_description 
_entity.formula_weight 
_entity.pdbx_number_of_molecules 
_entity.pdbx_ec 
_entity.pdbx_mutation 
_entity.pdbx_fragment 
_entity.details 
1 polymer     man 'Cytochrome c iso-1'                                  12041.770 1  ? 'C102T, T-5A' ? ? 
2 non-polymer syn 'HEME C'                                              618.503   1  ? ?             ? ? 
3 non-polymer syn 'sulfonato-calix[8]arene'                             1489.481  3  ? ?             ? ? 
4 non-polymer syn '4-(2-HYDROXYETHYL)-1-PIPERAZINE ETHANESULFONIC ACID' 238.305   4  ? ?             ? ? 
5 non-polymer syn 'SULFATE ION'                                         96.063    3  ? ?             ? ? 
6 water       nat water                                                 18.015    35 ? ?             ? ? 
# 
_entity_poly.entity_id                      1 
_entity_poly.type                           'polypeptide(L)' 
_entity_poly.nstd_linkage                   no 
_entity_poly.nstd_monomer                   no 
_entity_poly.pdbx_seq_one_letter_code       
;AEFKAGSAKKGATLFKTRCLQCHTVEKGGPHKVGPNLHGIFGRHSGQAEGYSYTDANIKKNVLWDENNMSEYLTNPKKYI
PGTKMAFGGLKKEKDRNDLITYLKKATE
;
_entity_poly.pdbx_seq_one_letter_code_can   
;AEFKAGSAKKGATLFKTRCLQCHTVEKGGPHKVGPNLHGIFGRHSGQAEGYSYTDANIKKNVLWDENNMSEYLTNPKKYI
PGTKMAFGGLKKEKDRNDLITYLKKATE
;
_entity_poly.pdbx_strand_id                 A 
_entity_poly.pdbx_target_identifier         ? 
# 
loop_
_pdbx_entity_nonpoly.entity_id 
_pdbx_entity_nonpoly.name 
_pdbx_entity_nonpoly.comp_id 
2 'HEME C'                                              HEC 
3 'sulfonato-calix[8]arene'                             EVB 
4 '4-(2-HYDROXYETHYL)-1-PIPERAZINE ETHANESULFONIC ACID' EPE 
5 'SULFATE ION'                                         SO4 
6 water                                                 HOH 
# 
loop_
_entity_poly_seq.entity_id 
_entity_poly_seq.num 
_entity_poly_seq.mon_id 
_entity_poly_seq.hetero 
1 1   ALA n 
1 2   GLU n 
1 3   PHE n 
1 4   LYS n 
1 5   ALA n 
1 6   GLY n 
1 7   SER n 
1 8   ALA n 
1 9   LYS n 
1 10  LYS n 
1 11  GLY n 
1 12  ALA n 
1 13  THR n 
1 14  LEU n 
1 15  PHE n 
1 16  LYS n 
1 17  THR n 
1 18  ARG n 
1 19  CYS n 
1 20  LEU n 
1 21  GLN n 
1 22  CYS n 
1 23  HIS n 
1 24  THR n 
1 25  VAL n 
1 26  GLU n 
1 27  LYS n 
1 28  GLY n 
1 29  GLY n 
1 30  PRO n 
1 31  HIS n 
1 32  LYS n 
1 33  VAL n 
1 34  GLY n 
1 35  PRO n 
1 36  ASN n 
1 37  LEU n 
1 38  HIS n 
1 39  GLY n 
1 40  ILE n 
1 41  PHE n 
1 42  GLY n 
1 43  ARG n 
1 44  HIS n 
1 45  SER n 
1 46  GLY n 
1 47  GLN n 
1 48  ALA n 
1 49  GLU n 
1 50  GLY n 
1 51  TYR n 
1 52  SER n 
1 53  TYR n 
1 54  THR n 
1 55  ASP n 
1 56  ALA n 
1 57  ASN n 
1 58  ILE n 
1 59  LYS n 
1 60  LYS n 
1 61  ASN n 
1 62  VAL n 
1 63  LEU n 
1 64  TRP n 
1 65  ASP n 
1 66  GLU n 
1 67  ASN n 
1 68  ASN n 
1 69  MET n 
1 70  SER n 
1 71  GLU n 
1 72  TYR n 
1 73  LEU n 
1 74  THR n 
1 75  ASN n 
1 76  PRO n 
1 77  LYS n 
1 78  LYS n 
1 79  TYR n 
1 80  ILE n 
1 81  PRO n 
1 82  GLY n 
1 83  THR n 
1 84  LYS n 
1 85  MET n 
1 86  ALA n 
1 87  PHE n 
1 88  GLY n 
1 89  GLY n 
1 90  LEU n 
1 91  LYS n 
1 92  LYS n 
1 93  GLU n 
1 94  LYS n 
1 95  ASP n 
1 96  ARG n 
1 97  ASN n 
1 98  ASP n 
1 99  LEU n 
1 100 ILE n 
1 101 THR n 
1 102 TYR n 
1 103 LEU n 
1 104 LYS n 
1 105 LYS n 
1 106 ALA n 
1 107 THR n 
1 108 GLU n 
# 
_entity_src_gen.entity_id                          1 
_entity_src_gen.pdbx_src_id                        1 
_entity_src_gen.pdbx_alt_source_flag               sample 
_entity_src_gen.pdbx_seq_type                      'Biological sequence' 
_entity_src_gen.pdbx_beg_seq_num                   1 
_entity_src_gen.pdbx_end_seq_num                   108 
_entity_src_gen.gene_src_common_name               
;Baker's yeast
;
_entity_src_gen.gene_src_genus                     ? 
_entity_src_gen.pdbx_gene_src_gene                 'CYC1, YJR048W, J1653' 
_entity_src_gen.gene_src_species                   ? 
_entity_src_gen.gene_src_strain                    ? 
_entity_src_gen.gene_src_tissue                    ? 
_entity_src_gen.gene_src_tissue_fraction           ? 
_entity_src_gen.gene_src_details                   ? 
_entity_src_gen.pdbx_gene_src_fragment             ? 
_entity_src_gen.pdbx_gene_src_scientific_name      'Saccharomyces cerevisiae (strain ATCC 204508 / S288c)' 
_entity_src_gen.pdbx_gene_src_ncbi_taxonomy_id     559292 
_entity_src_gen.pdbx_gene_src_variant              ? 
_entity_src_gen.pdbx_gene_src_cell_line            ? 
_entity_src_gen.pdbx_gene_src_atcc                 ? 
_entity_src_gen.pdbx_gene_src_organ                ? 
_entity_src_gen.pdbx_gene_src_organelle            ? 
_entity_src_gen.pdbx_gene_src_cell                 ? 
_entity_src_gen.pdbx_gene_src_cellular_location    ? 
_entity_src_gen.host_org_common_name               ? 
_entity_src_gen.pdbx_host_org_scientific_name      'Escherichia coli BL21(DE3)' 
_entity_src_gen.pdbx_host_org_ncbi_taxonomy_id     469008 
_entity_src_gen.host_org_genus                     ? 
_entity_src_gen.pdbx_host_org_gene                 ? 
_entity_src_gen.pdbx_host_org_organ                ? 
_entity_src_gen.host_org_species                   ? 
_entity_src_gen.pdbx_host_org_tissue               ? 
_entity_src_gen.pdbx_host_org_tissue_fraction      ? 
_entity_src_gen.pdbx_host_org_strain               ? 
_entity_src_gen.pdbx_host_org_variant              ? 
_entity_src_gen.pdbx_host_org_cell_line            ? 
_entity_src_gen.pdbx_host_org_atcc                 ? 
_entity_src_gen.pdbx_host_org_culture_collection   ? 
_entity_src_gen.pdbx_host_org_cell                 ? 
_entity_src_gen.pdbx_host_org_organelle            ? 
_entity_src_gen.pdbx_host_org_cellular_location    ? 
_entity_src_gen.pdbx_host_org_vector_type          ? 
_entity_src_gen.pdbx_host_org_vector               ? 
_entity_src_gen.host_org_details                   ? 
_entity_src_gen.expression_system_id               ? 
_entity_src_gen.plasmid_name                       ? 
_entity_src_gen.plasmid_details                    ? 
_entity_src_gen.pdbx_description                   ? 
# 
loop_
_chem_comp.id 
_chem_comp.type 
_chem_comp.mon_nstd_flag 
_chem_comp.name 
_chem_comp.pdbx_synonyms 
_chem_comp.formula 
_chem_comp.formula_weight 
ALA 'L-peptide linking' y ALANINE                                               ?     'C3 H7 N O2'       89.093   
ARG 'L-peptide linking' y ARGININE                                              ?     'C6 H15 N4 O2 1'   175.209  
ASN 'L-peptide linking' y ASPARAGINE                                            ?     'C4 H8 N2 O3'      132.118  
ASP 'L-peptide linking' y 'ASPARTIC ACID'                                       ?     'C4 H7 N O4'       133.103  
CYS 'L-peptide linking' y CYSTEINE                                              ?     'C3 H7 N O2 S'     121.158  
EPE non-polymer         . '4-(2-HYDROXYETHYL)-1-PIPERAZINE ETHANESULFONIC ACID' HEPES 'C8 H18 N2 O4 S'   238.305  
EVB non-polymer         . 'sulfonato-calix[8]arene'                             ?     'C56 H48 O32 S8'   1489.481 
GLN 'L-peptide linking' y GLUTAMINE                                             ?     'C5 H10 N2 O3'     146.144  
GLU 'L-peptide linking' y 'GLUTAMIC ACID'                                       ?     'C5 H9 N O4'       147.129  
GLY 'peptide linking'   y GLYCINE                                               ?     'C2 H5 N O2'       75.067   
HEC non-polymer         . 'HEME C'                                              ?     'C34 H34 Fe N4 O4' 618.503  
HIS 'L-peptide linking' y HISTIDINE                                             ?     'C6 H10 N3 O2 1'   156.162  
HOH non-polymer         . WATER                                                 ?     'H2 O'             18.015   
ILE 'L-peptide linking' y ISOLEUCINE                                            ?     'C6 H13 N O2'      131.173  
LEU 'L-peptide linking' y LEUCINE                                               ?     'C6 H13 N O2'      131.173  
LYS 'L-peptide linking' y LYSINE                                                ?     'C6 H15 N2 O2 1'   147.195  
MET 'L-peptide linking' y METHIONINE                                            ?     'C5 H11 N O2 S'    149.211  
PHE 'L-peptide linking' y PHENYLALANINE                                         ?     'C9 H11 N O2'      165.189  
PRO 'L-peptide linking' y PROLINE                                               ?     'C5 H9 N O2'       115.130  
SER 'L-peptide linking' y SERINE                                                ?     'C3 H7 N O3'       105.093  
SO4 non-polymer         . 'SULFATE ION'                                         ?     'O4 S -2'          96.063   
THR 'L-peptide linking' y THREONINE                                             ?     'C4 H9 N O3'       119.119  
TRP 'L-peptide linking' y TRYPTOPHAN                                            ?     'C11 H12 N2 O2'    204.225  
TYR 'L-peptide linking' y TYROSINE                                              ?     'C9 H11 N O3'      181.189  
VAL 'L-peptide linking' y VALINE                                                ?     'C5 H11 N O2'      117.146  
# 
loop_
_pdbx_poly_seq_scheme.asym_id 
_pdbx_poly_seq_scheme.entity_id 
_pdbx_poly_seq_scheme.seq_id 
_pdbx_poly_seq_scheme.mon_id 
_pdbx_poly_seq_scheme.ndb_seq_num 
_pdbx_poly_seq_scheme.pdb_seq_num 
_pdbx_poly_seq_scheme.auth_seq_num 
_pdbx_poly_seq_scheme.pdb_mon_id 
_pdbx_poly_seq_scheme.auth_mon_id 
_pdbx_poly_seq_scheme.pdb_strand_id 
_pdbx_poly_seq_scheme.pdb_ins_code 
_pdbx_poly_seq_scheme.hetero 
A 1 1   ALA 1   -5  -5  ALA ALA A . n 
A 1 2   GLU 2   -4  -4  GLU GLU A . n 
A 1 3   PHE 3   -3  -3  PHE PHE A . n 
A 1 4   LYS 4   -2  -2  LYS LYS A . n 
A 1 5   ALA 5   -1  -1  ALA ALA A . n 
A 1 6   GLY 6   1   1   GLY GLY A . n 
A 1 7   SER 7   2   2   SER SER A . n 
A 1 8   ALA 8   3   3   ALA ALA A . n 
A 1 9   LYS 9   4   4   LYS LYS A . n 
A 1 10  LYS 10  5   5   LYS LYS A . n 
A 1 11  GLY 11  6   6   GLY GLY A . n 
A 1 12  ALA 12  7   7   ALA ALA A . n 
A 1 13  THR 13  8   8   THR THR A . n 
A 1 14  LEU 14  9   9   LEU LEU A . n 
A 1 15  PHE 15  10  10  PHE PHE A . n 
A 1 16  LYS 16  11  11  LYS LYS A . n 
A 1 17  THR 17  12  12  THR THR A . n 
A 1 18  ARG 18  13  13  ARG ARG A . n 
A 1 19  CYS 19  14  14  CYS CYS A . n 
A 1 20  LEU 20  15  15  LEU LEU A . n 
A 1 21  GLN 21  16  16  GLN GLN A . n 
A 1 22  CYS 22  17  17  CYS CYS A . n 
A 1 23  HIS 23  18  18  HIS HIS A . n 
A 1 24  THR 24  19  19  THR THR A . n 
A 1 25  VAL 25  20  20  VAL VAL A . n 
A 1 26  GLU 26  21  21  GLU GLU A . n 
A 1 27  LYS 27  22  22  LYS LYS A . n 
A 1 28  GLY 28  23  23  GLY GLY A . n 
A 1 29  GLY 29  24  24  GLY GLY A . n 
A 1 30  PRO 30  25  25  PRO PRO A . n 
A 1 31  HIS 31  26  26  HIS HIS A . n 
A 1 32  LYS 32  27  27  LYS LYS A . n 
A 1 33  VAL 33  28  28  VAL VAL A . n 
A 1 34  GLY 34  29  29  GLY GLY A . n 
A 1 35  PRO 35  30  30  PRO PRO A . n 
A 1 36  ASN 36  31  31  ASN ASN A . n 
A 1 37  LEU 37  32  32  LEU LEU A . n 
A 1 38  HIS 38  33  33  HIS HIS A . n 
A 1 39  GLY 39  34  34  GLY GLY A . n 
A 1 40  ILE 40  35  35  ILE ILE A . n 
A 1 41  PHE 41  36  36  PHE PHE A . n 
A 1 42  GLY 42  37  37  GLY GLY A . n 
A 1 43  ARG 43  38  38  ARG ARG A . n 
A 1 44  HIS 44  39  39  HIS HIS A . n 
A 1 45  SER 45  40  40  SER SER A . n 
A 1 46  GLY 46  41  41  GLY GLY A . n 
A 1 47  GLN 47  42  42  GLN GLN A . n 
A 1 48  ALA 48  43  43  ALA ALA A . n 
A 1 49  GLU 49  44  44  GLU GLU A . n 
A 1 50  GLY 50  45  45  GLY GLY A . n 
A 1 51  TYR 51  46  46  TYR TYR A . n 
A 1 52  SER 52  47  47  SER SER A . n 
A 1 53  TYR 53  48  48  TYR TYR A . n 
A 1 54  THR 54  49  49  THR THR A . n 
A 1 55  ASP 55  50  50  ASP ASP A . n 
A 1 56  ALA 56  51  51  ALA ALA A . n 
A 1 57  ASN 57  52  52  ASN ASN A . n 
A 1 58  ILE 58  53  53  ILE ILE A . n 
A 1 59  LYS 59  54  54  LYS LYS A . n 
A 1 60  LYS 60  55  55  LYS LYS A . n 
A 1 61  ASN 61  56  56  ASN ASN A . n 
A 1 62  VAL 62  57  57  VAL VAL A . n 
A 1 63  LEU 63  58  58  LEU LEU A . n 
A 1 64  TRP 64  59  59  TRP TRP A . n 
A 1 65  ASP 65  60  60  ASP ASP A . n 
A 1 66  GLU 66  61  61  GLU GLU A . n 
A 1 67  ASN 67  62  62  ASN ASN A . n 
A 1 68  ASN 68  63  63  ASN ASN A . n 
A 1 69  MET 69  64  64  MET MET A . n 
A 1 70  SER 70  65  65  SER SER A . n 
A 1 71  GLU 71  66  66  GLU GLU A . n 
A 1 72  TYR 72  67  67  TYR TYR A . n 
A 1 73  LEU 73  68  68  LEU LEU A . n 
A 1 74  THR 74  69  69  THR THR A . n 
A 1 75  ASN 75  70  70  ASN ASN A . n 
A 1 76  PRO 76  71  71  PRO PRO A . n 
A 1 77  LYS 77  72  72  LYS LYS A . n 
A 1 78  LYS 78  73  73  LYS LYS A . n 
A 1 79  TYR 79  74  74  TYR TYR A . n 
A 1 80  ILE 80  75  75  ILE ILE A . n 
A 1 81  PRO 81  76  76  PRO PRO A . n 
A 1 82  GLY 82  77  77  GLY GLY A . n 
A 1 83  THR 83  78  78  THR THR A . n 
A 1 84  LYS 84  79  79  LYS LYS A . n 
A 1 85  MET 85  80  80  MET MET A . n 
A 1 86  ALA 86  81  81  ALA ALA A . n 
A 1 87  PHE 87  82  82  PHE PHE A . n 
A 1 88  GLY 88  83  83  GLY GLY A . n 
A 1 89  GLY 89  84  84  GLY GLY A . n 
A 1 90  LEU 90  85  85  LEU LEU A . n 
A 1 91  LYS 91  86  86  LYS LYS A . n 
A 1 92  LYS 92  87  87  LYS LYS A . n 
A 1 93  GLU 93  88  88  GLU GLU A . n 
A 1 94  LYS 94  89  89  LYS LYS A . n 
A 1 95  ASP 95  90  90  ASP ASP A . n 
A 1 96  ARG 96  91  91  ARG ARG A . n 
A 1 97  ASN 97  92  92  ASN ASN A . n 
A 1 98  ASP 98  93  93  ASP ASP A . n 
A 1 99  LEU 99  94  94  LEU LEU A . n 
A 1 100 ILE 100 95  95  ILE ILE A . n 
A 1 101 THR 101 96  96  THR THR A . n 
A 1 102 TYR 102 97  97  TYR TYR A . n 
A 1 103 LEU 103 98  98  LEU LEU A . n 
A 1 104 LYS 104 99  99  LYS LYS A . n 
A 1 105 LYS 105 100 100 LYS LYS A . n 
A 1 106 ALA 106 101 101 ALA ALA A . n 
A 1 107 THR 107 102 102 THR THR A . n 
A 1 108 GLU 108 103 103 GLU GLU A . n 
# 
_pdbx_entity_instance_feature.ordinal        1 
_pdbx_entity_instance_feature.comp_id        EVB 
_pdbx_entity_instance_feature.asym_id        ? 
_pdbx_entity_instance_feature.seq_num        ? 
_pdbx_entity_instance_feature.auth_comp_id   EVB 
_pdbx_entity_instance_feature.auth_asym_id   ? 
_pdbx_entity_instance_feature.auth_seq_num   ? 
_pdbx_entity_instance_feature.feature_type   'SUBJECT OF INVESTIGATION' 
_pdbx_entity_instance_feature.details        ? 
# 
loop_
_pdbx_nonpoly_scheme.asym_id 
_pdbx_nonpoly_scheme.entity_id 
_pdbx_nonpoly_scheme.mon_id 
_pdbx_nonpoly_scheme.ndb_seq_num 
_pdbx_nonpoly_scheme.pdb_seq_num 
_pdbx_nonpoly_scheme.auth_seq_num 
_pdbx_nonpoly_scheme.pdb_mon_id 
_pdbx_nonpoly_scheme.auth_mon_id 
_pdbx_nonpoly_scheme.pdb_strand_id 
_pdbx_nonpoly_scheme.pdb_ins_code 
B 2 HEC 1  201 118 HEC HEM A . 
C 3 EVB 1  202 1   EVB SC8 A . 
D 3 EVB 1  203 2   EVB SC8 A . 
E 3 EVB 1  204 3   EVB SC8 A . 
F 4 EPE 1  205 1   EPE EPE A . 
G 4 EPE 1  206 2   EPE EPE A . 
H 4 EPE 1  207 3   EPE EPE A . 
I 4 EPE 1  208 4   EPE EPE A . 
J 5 SO4 1  209 1   SO4 SO4 A . 
K 5 SO4 1  210 3   SO4 SO4 A . 
L 5 SO4 1  211 4   SO4 SO4 A . 
M 6 HOH 1  301 37  HOH HOH A . 
M 6 HOH 2  302 16  HOH HOH A . 
M 6 HOH 3  303 7   HOH HOH A . 
M 6 HOH 4  304 21  HOH HOH A . 
M 6 HOH 5  305 12  HOH HOH A . 
M 6 HOH 6  306 30  HOH HOH A . 
M 6 HOH 7  307 17  HOH HOH A . 
M 6 HOH 8  308 2   HOH HOH A . 
M 6 HOH 9  309 27  HOH HOH A . 
M 6 HOH 10 310 18  HOH HOH A . 
M 6 HOH 11 311 34  HOH HOH A . 
M 6 HOH 12 312 14  HOH HOH A . 
M 6 HOH 13 313 29  HOH HOH A . 
M 6 HOH 14 314 9   HOH HOH A . 
M 6 HOH 15 315 11  HOH HOH A . 
M 6 HOH 16 316 3   HOH HOH A . 
M 6 HOH 17 317 15  HOH HOH A . 
M 6 HOH 18 318 36  HOH HOH A . 
M 6 HOH 19 319 28  HOH HOH A . 
M 6 HOH 20 320 6   HOH HOH A . 
M 6 HOH 21 321 1   HOH HOH A . 
M 6 HOH 22 322 8   HOH HOH A . 
M 6 HOH 23 323 10  HOH HOH A . 
M 6 HOH 24 324 13  HOH HOH A . 
M 6 HOH 25 325 5   HOH HOH A . 
M 6 HOH 26 326 4   HOH HOH A . 
M 6 HOH 27 327 35  HOH HOH A . 
M 6 HOH 28 328 25  HOH HOH A . 
M 6 HOH 29 329 33  HOH HOH A . 
M 6 HOH 30 330 19  HOH HOH A . 
M 6 HOH 31 331 22  HOH HOH A . 
M 6 HOH 32 332 20  HOH HOH A . 
M 6 HOH 33 333 23  HOH HOH A . 
M 6 HOH 34 334 24  HOH HOH A . 
M 6 HOH 35 335 32  HOH HOH A . 
# 
loop_
_software.citation_id 
_software.classification 
_software.compiler_name 
_software.compiler_version 
_software.contact_author 
_software.contact_author_email 
_software.date 
_software.description 
_software.dependencies 
_software.hardware 
_software.language 
_software.location 
_software.mods 
_software.name 
_software.os 
_software.os_version 
_software.type 
_software.version 
_software.pdbx_ordinal 
? refinement        ? ? ?                    ?                           ?              ? ? ? ?   ? ? REFMAC      ? ? ?       .    
1 
? 'data reduction'  ? ? 'Andrew G.W. Leslie' andrew@mrc-lmb.cam.ac.uk    ?              ? ? ? ?   
http://www.mrc-lmb.cam.ac.uk/harry/mosflm/          ? MOSFLM      ? ? package .    2 
? 'data scaling'    ? ? 'Phil Evans'         ?                           ?              ? ? ? ?   
http://www.mrc-lmb.cam.ac.uk/harry/pre/aimless.html ? Aimless     ? ? program .    3 
? phasing           ? ? 'Randy J. Read'      cimr-phaser@lists.cam.ac.uk ?              ? ? ? ?   
http://www-structmed.cimr.cam.ac.uk/phaser/         ? PHASER      ? ? program .    4 
? 'data extraction' ? ? PDB                  deposit@deposit.rcsb.org    'Sep. 1, 2017' ? ? ? C++ 
http://sw-tools.pdb.org/apps/PDB_EXTRACT/           ? PDB_EXTRACT ? ? package 3.24 5 
# 
_cell.angle_alpha                  90.000 
_cell.angle_alpha_esd              ? 
_cell.angle_beta                   90.000 
_cell.angle_beta_esd               ? 
_cell.angle_gamma                  90.000 
_cell.angle_gamma_esd              ? 
_cell.entry_id                     6GD9 
_cell.details                      ? 
_cell.formula_units_Z              ? 
_cell.length_a                     101.590 
_cell.length_a_esd                 ? 
_cell.length_b                     101.590 
_cell.length_b_esd                 ? 
_cell.length_c                     86.520 
_cell.length_c_esd                 ? 
_cell.volume                       ? 
_cell.volume_esd                   ? 
_cell.Z_PDB                        8 
_cell.reciprocal_angle_alpha       ? 
_cell.reciprocal_angle_beta        ? 
_cell.reciprocal_angle_gamma       ? 
_cell.reciprocal_angle_alpha_esd   ? 
_cell.reciprocal_angle_beta_esd    ? 
_cell.reciprocal_angle_gamma_esd   ? 
_cell.reciprocal_length_a          ? 
_cell.reciprocal_length_b          ? 
_cell.reciprocal_length_c          ? 
_cell.reciprocal_length_a_esd      ? 
_cell.reciprocal_length_b_esd      ? 
_cell.reciprocal_length_c_esd      ? 
_cell.pdbx_unique_axis             ? 
# 
_symmetry.entry_id                         6GD9 
_symmetry.cell_setting                     ? 
_symmetry.Int_Tables_number                96 
_symmetry.space_group_name_Hall            ? 
_symmetry.space_group_name_H-M             'P 43 21 2' 
_symmetry.pdbx_full_space_group_name_H-M   ? 
# 
_exptl.absorpt_coefficient_mu     ? 
_exptl.absorpt_correction_T_max   ? 
_exptl.absorpt_correction_T_min   ? 
_exptl.absorpt_correction_type    ? 
_exptl.absorpt_process_details    ? 
_exptl.entry_id                   6GD9 
_exptl.crystals_number            1 
_exptl.details                    ? 
_exptl.method                     'X-RAY DIFFRACTION' 
_exptl.method_details             ? 
# 
_exptl_crystal.colour                      ? 
_exptl_crystal.density_diffrn              ? 
_exptl_crystal.density_Matthews            ? 
_exptl_crystal.density_method              ? 
_exptl_crystal.density_percent_sol         ? 
_exptl_crystal.description                 'Small pink/red crystals' 
_exptl_crystal.F_000                       ? 
_exptl_crystal.id                          1 
_exptl_crystal.preparation                 ? 
_exptl_crystal.size_max                    ? 
_exptl_crystal.size_mid                    ? 
_exptl_crystal.size_min                    ? 
_exptl_crystal.size_rad                    ? 
_exptl_crystal.colour_lustre               ? 
_exptl_crystal.colour_modifier             ? 
_exptl_crystal.colour_primary              ? 
_exptl_crystal.density_meas                ? 
_exptl_crystal.density_meas_esd            ? 
_exptl_crystal.density_meas_gt             ? 
_exptl_crystal.density_meas_lt             ? 
_exptl_crystal.density_meas_temp           ? 
_exptl_crystal.density_meas_temp_esd       ? 
_exptl_crystal.density_meas_temp_gt        ? 
_exptl_crystal.density_meas_temp_lt        ? 
_exptl_crystal.pdbx_crystal_image_url      ? 
_exptl_crystal.pdbx_crystal_image_format   ? 
_exptl_crystal.pdbx_mosaicity              ? 
_exptl_crystal.pdbx_mosaicity_esd          ? 
# 
_exptl_crystal_grow.apparatus       ? 
_exptl_crystal_grow.atmosphere      ? 
_exptl_crystal_grow.crystal_id      1 
_exptl_crystal_grow.details         ? 
_exptl_crystal_grow.method          'VAPOR DIFFUSION, HANGING DROP' 
_exptl_crystal_grow.method_ref      ? 
_exptl_crystal_grow.pH              6.5 
_exptl_crystal_grow.pressure        ? 
_exptl_crystal_grow.pressure_esd    ? 
_exptl_crystal_grow.seeding         ? 
_exptl_crystal_grow.seeding_ref     ? 
_exptl_crystal_grow.temp            293 
_exptl_crystal_grow.temp_details    ? 
_exptl_crystal_grow.temp_esd        ? 
_exptl_crystal_grow.time            ? 
_exptl_crystal_grow.pdbx_details    
;1.85 M ammonium sulfate
0.1 M HEPES pH 7.0
0.2 M NaCl
(2x protein solution : 1x crystallisation condition)
;
_exptl_crystal_grow.pdbx_pH_range   ? 
# 
_diffrn.ambient_environment    ? 
_diffrn.ambient_temp           100 
_diffrn.ambient_temp_details   ? 
_diffrn.ambient_temp_esd       ? 
_diffrn.crystal_id             1 
_diffrn.crystal_support        ? 
_diffrn.crystal_treatment      ? 
_diffrn.details                ? 
_diffrn.id                     1 
_diffrn.ambient_pressure       ? 
_diffrn.ambient_pressure_esd   ? 
_diffrn.ambient_pressure_gt    ? 
_diffrn.ambient_pressure_lt    ? 
_diffrn.ambient_temp_gt        ? 
_diffrn.ambient_temp_lt        ? 
# 
_diffrn_detector.details                      ? 
_diffrn_detector.detector                     PIXEL 
_diffrn_detector.diffrn_id                    1 
_diffrn_detector.type                         'DECTRIS EIGER X 9M' 
_diffrn_detector.area_resol_mean              ? 
_diffrn_detector.dtime                        ? 
_diffrn_detector.pdbx_frames_total            ? 
_diffrn_detector.pdbx_collection_time_total   ? 
_diffrn_detector.pdbx_collection_date         2017-02-16 
# 
_diffrn_radiation.collimation                      ? 
_diffrn_radiation.diffrn_id                        1 
_diffrn_radiation.filter_edge                      ? 
_diffrn_radiation.inhomogeneity                    ? 
_diffrn_radiation.monochromator                    ? 
_diffrn_radiation.polarisn_norm                    ? 
_diffrn_radiation.polarisn_ratio                   ? 
_diffrn_radiation.probe                            ? 
_diffrn_radiation.type                             ? 
_diffrn_radiation.xray_symbol                      ? 
_diffrn_radiation.wavelength_id                    1 
_diffrn_radiation.pdbx_monochromatic_or_laue_m_l   M 
_diffrn_radiation.pdbx_wavelength_list             0.98 
_diffrn_radiation.pdbx_wavelength                  ? 
_diffrn_radiation.pdbx_diffrn_protocol             'SINGLE WAVELENGTH' 
_diffrn_radiation.pdbx_analyzer                    ? 
_diffrn_radiation.pdbx_scattering_type             x-ray 
# 
_diffrn_radiation_wavelength.id           1 
_diffrn_radiation_wavelength.wavelength   0.98 
_diffrn_radiation_wavelength.wt           1.0 
# 
_diffrn_source.current                     ? 
_diffrn_source.details                     ? 
_diffrn_source.diffrn_id                   1 
_diffrn_source.power                       ? 
_diffrn_source.size                        ? 
_diffrn_source.source                      SYNCHROTRON 
_diffrn_source.target                      ? 
_diffrn_source.type                        ? 
_diffrn_source.voltage                     ? 
_diffrn_source.take-off_angle              ? 
_diffrn_source.pdbx_wavelength_list        0.98 
_diffrn_source.pdbx_wavelength             ? 
_diffrn_source.pdbx_synchrotron_beamline   'PROXIMA 2' 
_diffrn_source.pdbx_synchrotron_site       SOLEIL 
# 
_reflns.B_iso_Wilson_estimate            ? 
_reflns.entry_id                         6GD9 
_reflns.data_reduction_details           ? 
_reflns.data_reduction_method            ? 
_reflns.d_resolution_high                2.650 
_reflns.d_resolution_low                 71.830 
_reflns.details                          ? 
_reflns.limit_h_max                      ? 
_reflns.limit_h_min                      ? 
_reflns.limit_k_max                      ? 
_reflns.limit_k_min                      ? 
_reflns.limit_l_max                      ? 
_reflns.limit_l_min                      ? 
_reflns.number_all                       ? 
_reflns.number_obs                       13680 
_reflns.observed_criterion               ? 
_reflns.observed_criterion_F_max         ? 
_reflns.observed_criterion_F_min         ? 
_reflns.observed_criterion_I_max         ? 
_reflns.observed_criterion_I_min         ? 
_reflns.observed_criterion_sigma_F       ? 
_reflns.observed_criterion_sigma_I       ? 
_reflns.percent_possible_obs             99.900 
_reflns.R_free_details                   ? 
_reflns.Rmerge_F_all                     ? 
_reflns.Rmerge_F_obs                     ? 
_reflns.Friedel_coverage                 ? 
_reflns.number_gt                        ? 
_reflns.threshold_expression             ? 
_reflns.pdbx_redundancy                  10.000 
_reflns.pdbx_Rmerge_I_obs                0.166 
_reflns.pdbx_Rmerge_I_all                ? 
_reflns.pdbx_Rsym_value                  ? 
_reflns.pdbx_netI_over_av_sigmaI         ? 
_reflns.pdbx_netI_over_sigmaI            9.800 
_reflns.pdbx_res_netI_over_av_sigmaI_2   ? 
_reflns.pdbx_res_netI_over_sigmaI_2      ? 
_reflns.pdbx_chi_squared                 ? 
_reflns.pdbx_scaling_rejects             ? 
_reflns.pdbx_d_res_high_opt              ? 
_reflns.pdbx_d_res_low_opt               ? 
_reflns.pdbx_d_res_opt_method            ? 
_reflns.phase_calculation_details        ? 
_reflns.pdbx_Rrim_I_all                  0.175 
_reflns.pdbx_Rpim_I_all                  0.054 
_reflns.pdbx_d_opt                       ? 
_reflns.pdbx_number_measured_all         ? 
_reflns.pdbx_diffrn_id                   1 
_reflns.pdbx_ordinal                     1 
_reflns.pdbx_CC_half                     0.988 
_reflns.pdbx_R_split                     ? 
# 
loop_
_reflns_shell.d_res_high 
_reflns_shell.d_res_low 
_reflns_shell.meanI_over_sigI_all 
_reflns_shell.meanI_over_sigI_obs 
_reflns_shell.number_measured_all 
_reflns_shell.number_measured_obs 
_reflns_shell.number_possible 
_reflns_shell.number_unique_all 
_reflns_shell.number_unique_obs 
_reflns_shell.percent_possible_all 
_reflns_shell.percent_possible_obs 
_reflns_shell.Rmerge_F_all 
_reflns_shell.Rmerge_F_obs 
_reflns_shell.Rmerge_I_all 
_reflns_shell.Rmerge_I_obs 
_reflns_shell.meanI_over_sigI_gt 
_reflns_shell.meanI_over_uI_all 
_reflns_shell.meanI_over_uI_gt 
_reflns_shell.number_measured_gt 
_reflns_shell.number_unique_gt 
_reflns_shell.percent_possible_gt 
_reflns_shell.Rmerge_F_gt 
_reflns_shell.Rmerge_I_gt 
_reflns_shell.pdbx_redundancy 
_reflns_shell.pdbx_Rsym_value 
_reflns_shell.pdbx_chi_squared 
_reflns_shell.pdbx_netI_over_sigmaI_all 
_reflns_shell.pdbx_netI_over_sigmaI_obs 
_reflns_shell.pdbx_Rrim_I_all 
_reflns_shell.pdbx_Rpim_I_all 
_reflns_shell.pdbx_rejects 
_reflns_shell.pdbx_ordinal 
_reflns_shell.pdbx_diffrn_id 
_reflns_shell.pdbx_CC_half 
_reflns_shell.pdbx_R_split 
2.650 2.780  ? ? ? ? ? ? 1786 100.000 ? ? ? ? 0.507 ? ? ? ? ? ? ? ? 10.100 ? ? ? ? 0.535 0.166 ? 1 1 0.507 ? 
8.790 71.830 ? ? ? ? ? ? 445  99.900  ? ? ? ? 0.079 ? ? ? ? ? ? ? ? 9.300  ? ? ? ? 0.084 0.028 ? 2 1 0.993 ? 
# 
_refine.aniso_B[1][1]                            -1.4700 
_refine.aniso_B[1][2]                            0.0000 
_refine.aniso_B[1][3]                            0.0000 
_refine.aniso_B[2][2]                            -1.4700 
_refine.aniso_B[2][3]                            0.0000 
_refine.aniso_B[3][3]                            2.9400 
_refine.B_iso_max                                135.920 
_refine.B_iso_mean                               47.7690 
_refine.B_iso_min                                23.300 
_refine.correlation_coeff_Fo_to_Fc               0.8940 
_refine.correlation_coeff_Fo_to_Fc_free          0.8150 
_refine.details                                  
'HYDROGENS HAVE BEEN ADDED IN THE RIDING POSITIONS U VALUES      : REFINED INDIVIDUALLY' 
_refine.diff_density_max                         ? 
_refine.diff_density_max_esd                     ? 
_refine.diff_density_min                         ? 
_refine.diff_density_min_esd                     ? 
_refine.diff_density_rms                         ? 
_refine.diff_density_rms_esd                     ? 
_refine.entry_id                                 6GD9 
_refine.pdbx_refine_id                           'X-RAY DIFFRACTION' 
_refine.ls_abs_structure_details                 ? 
_refine.ls_abs_structure_Flack                   ? 
_refine.ls_abs_structure_Flack_esd               ? 
_refine.ls_abs_structure_Rogers                  ? 
_refine.ls_abs_structure_Rogers_esd              ? 
_refine.ls_d_res_high                            2.6500 
_refine.ls_d_res_low                             71.830 
_refine.ls_extinction_coef                       ? 
_refine.ls_extinction_coef_esd                   ? 
_refine.ls_extinction_expression                 ? 
_refine.ls_extinction_method                     ? 
_refine.ls_goodness_of_fit_all                   ? 
_refine.ls_goodness_of_fit_all_esd               ? 
_refine.ls_goodness_of_fit_obs                   ? 
_refine.ls_goodness_of_fit_obs_esd               ? 
_refine.ls_hydrogen_treatment                    ? 
_refine.ls_matrix_type                           ? 
_refine.ls_number_constraints                    ? 
_refine.ls_number_parameters                     ? 
_refine.ls_number_reflns_all                     ? 
_refine.ls_number_reflns_obs                     12959 
_refine.ls_number_reflns_R_free                  688 
_refine.ls_number_reflns_R_work                  ? 
_refine.ls_number_restraints                     ? 
_refine.ls_percent_reflns_obs                    99.7800 
_refine.ls_percent_reflns_R_free                 5.0000 
_refine.ls_R_factor_all                          ? 
_refine.ls_R_factor_obs                          0.2447 
_refine.ls_R_factor_R_free                       0.2864 
_refine.ls_R_factor_R_free_error                 ? 
_refine.ls_R_factor_R_free_error_details         ? 
_refine.ls_R_factor_R_work                       0.2426 
_refine.ls_R_Fsqd_factor_obs                     ? 
_refine.ls_R_I_factor_obs                        ? 
_refine.ls_redundancy_reflns_all                 ? 
_refine.ls_redundancy_reflns_obs                 ? 
_refine.ls_restrained_S_all                      ? 
_refine.ls_restrained_S_obs                      ? 
_refine.ls_shift_over_esd_max                    ? 
_refine.ls_shift_over_esd_mean                   ? 
_refine.ls_structure_factor_coef                 ? 
_refine.ls_weighting_details                     ? 
_refine.ls_weighting_scheme                      ? 
_refine.ls_wR_factor_all                         ? 
_refine.ls_wR_factor_obs                         ? 
_refine.ls_wR_factor_R_free                      ? 
_refine.ls_wR_factor_R_work                      ? 
_refine.occupancy_max                            ? 
_refine.occupancy_min                            ? 
_refine.solvent_model_details                    ? 
_refine.solvent_model_param_bsol                 ? 
_refine.solvent_model_param_ksol                 ? 
_refine.ls_R_factor_gt                           ? 
_refine.ls_goodness_of_fit_gt                    ? 
_refine.ls_goodness_of_fit_ref                   ? 
_refine.ls_shift_over_su_max                     ? 
_refine.ls_shift_over_su_max_lt                  ? 
_refine.ls_shift_over_su_mean                    ? 
_refine.ls_shift_over_su_mean_lt                 ? 
_refine.pdbx_ls_sigma_I                          ? 
_refine.pdbx_ls_sigma_F                          0.000 
_refine.pdbx_ls_sigma_Fsqd                       ? 
_refine.pdbx_data_cutoff_high_absF               ? 
_refine.pdbx_data_cutoff_high_rms_absF           ? 
_refine.pdbx_data_cutoff_low_absF                ? 
_refine.pdbx_isotropic_thermal_model             ? 
_refine.pdbx_ls_cross_valid_method               THROUGHOUT 
_refine.pdbx_method_to_determine_struct          'MOLECULAR REPLACEMENT' 
_refine.pdbx_starting_model                      1YCC 
_refine.pdbx_stereochemistry_target_values       ? 
_refine.pdbx_R_Free_selection_details            RANDOM 
_refine.pdbx_stereochem_target_val_spec_case     ? 
_refine.pdbx_overall_ESU_R                       0.2710 
_refine.pdbx_overall_ESU_R_Free                  0.2460 
_refine.pdbx_solvent_vdw_probe_radii             1.2000 
_refine.pdbx_solvent_ion_probe_radii             0.8000 
_refine.pdbx_solvent_shrinkage_radii             0.8000 
_refine.pdbx_real_space_R                        ? 
_refine.pdbx_density_correlation                 ? 
_refine.pdbx_pd_number_of_powder_patterns        ? 
_refine.pdbx_pd_number_of_points                 ? 
_refine.pdbx_pd_meas_number_of_points            ? 
_refine.pdbx_pd_proc_ls_prof_R_factor            ? 
_refine.pdbx_pd_proc_ls_prof_wR_factor           ? 
_refine.pdbx_pd_Marquardt_correlation_coeff      ? 
_refine.pdbx_pd_Fsqrd_R_factor                   ? 
_refine.pdbx_pd_ls_matrix_band_width             ? 
_refine.pdbx_overall_phase_error                 ? 
_refine.pdbx_overall_SU_R_free_Cruickshank_DPI   ? 
_refine.pdbx_overall_SU_R_free_Blow_DPI          ? 
_refine.pdbx_overall_SU_R_Blow_DPI               ? 
_refine.pdbx_TLS_residual_ADP_flag               ? 
_refine.pdbx_diffrn_id                           1 
_refine.overall_SU_B                             9.7120 
_refine.overall_SU_ML                            0.1940 
_refine.overall_SU_R_Cruickshank_DPI             0.2708 
_refine.overall_SU_R_free                        ? 
_refine.overall_FOM_free_R_set                   ? 
_refine.overall_FOM_work_R_set                   ? 
_refine.pdbx_average_fsc_overall                 ? 
_refine.pdbx_average_fsc_work                    ? 
_refine.pdbx_average_fsc_free                    ? 
# 
_refine_hist.cycle_id                         final 
_refine_hist.pdbx_refine_id                   'X-RAY DIFFRACTION' 
_refine_hist.d_res_high                       2.6500 
_refine_hist.d_res_low                        71.830 
_refine_hist.pdbx_number_atoms_ligand         436 
_refine_hist.number_atoms_solvent             35 
_refine_hist.number_atoms_total               1317 
_refine_hist.pdbx_number_residues_total       108 
_refine_hist.pdbx_B_iso_mean_ligand           67.83 
_refine_hist.pdbx_B_iso_mean_solvent          34.56 
_refine_hist.pdbx_number_atoms_protein        846 
_refine_hist.pdbx_number_atoms_nucleic_acid   0 
# 
loop_
_refine_ls_restr.pdbx_refine_id 
_refine_ls_restr.criterion 
_refine_ls_restr.dev_ideal 
_refine_ls_restr.dev_ideal_target 
_refine_ls_restr.number 
_refine_ls_restr.rejects 
_refine_ls_restr.type 
_refine_ls_restr.weight 
_refine_ls_restr.pdbx_restraint_function 
'X-RAY DIFFRACTION' ? 0.005  0.020  1330 ? r_bond_refined_d       ? ? 
'X-RAY DIFFRACTION' ? 0.001  0.020  1034 ? r_bond_other_d         ? ? 
'X-RAY DIFFRACTION' ? 1.182  2.361  1881 ? r_angle_refined_deg    ? ? 
'X-RAY DIFFRACTION' ? 0.708  3.002  2415 ? r_angle_other_deg      ? ? 
'X-RAY DIFFRACTION' ? 5.324  5.000  107  ? r_dihedral_angle_1_deg ? ? 
'X-RAY DIFFRACTION' ? 32.487 24.595 37   ? r_dihedral_angle_2_deg ? ? 
'X-RAY DIFFRACTION' ? 13.002 15.000 163  ? r_dihedral_angle_3_deg ? ? 
'X-RAY DIFFRACTION' ? 14.984 15.000 3    ? r_dihedral_angle_4_deg ? ? 
'X-RAY DIFFRACTION' ? 0.069  0.200  166  ? r_chiral_restr         ? ? 
'X-RAY DIFFRACTION' ? 0.005  0.020  1258 ? r_gen_planes_refined   ? ? 
'X-RAY DIFFRACTION' ? 0.003  0.020  237  ? r_gen_planes_other     ? ? 
# 
_refine_ls_shell.pdbx_refine_id                   'X-RAY DIFFRACTION' 
_refine_ls_shell.d_res_high                       2.6500 
_refine_ls_shell.d_res_low                        2.7190 
_refine_ls_shell.number_reflns_all                986 
_refine_ls_shell.number_reflns_obs                ? 
_refine_ls_shell.number_reflns_R_free             53 
_refine_ls_shell.number_reflns_R_work             933 
_refine_ls_shell.percent_reflns_obs               100.0000 
_refine_ls_shell.percent_reflns_R_free            ? 
_refine_ls_shell.R_factor_all                     ? 
_refine_ls_shell.R_factor_obs                     ? 
_refine_ls_shell.R_factor_R_free                  0.3380 
_refine_ls_shell.R_factor_R_free_error            0.0000 
_refine_ls_shell.R_factor_R_work                  0.3710 
_refine_ls_shell.redundancy_reflns_all            ? 
_refine_ls_shell.redundancy_reflns_obs            ? 
_refine_ls_shell.wR_factor_all                    ? 
_refine_ls_shell.wR_factor_obs                    ? 
_refine_ls_shell.wR_factor_R_free                 ? 
_refine_ls_shell.wR_factor_R_work                 ? 
_refine_ls_shell.pdbx_total_number_of_bins_used   20 
_refine_ls_shell.pdbx_phase_error                 ? 
_refine_ls_shell.pdbx_fsc_work                    ? 
_refine_ls_shell.pdbx_fsc_free                    ? 
# 
_struct.entry_id                     6GD9 
_struct.title                        'Cytochrome c in complex with Sulfonato-calix[8]arene, P43212 form' 
_struct.pdbx_model_details           ? 
_struct.pdbx_formula_weight          ? 
_struct.pdbx_formula_weight_method   ? 
_struct.pdbx_model_type_details      ? 
_struct.pdbx_CASP_flag               N 
# 
_struct_keywords.entry_id        6GD9 
_struct_keywords.text            'calixarene, scaffold, supramolecular, assembly, OXIDOREDUCTASE' 
_struct_keywords.pdbx_keywords   OXIDOREDUCTASE 
# 
loop_
_struct_asym.id 
_struct_asym.pdbx_blank_PDB_chainid_flag 
_struct_asym.pdbx_modified 
_struct_asym.entity_id 
_struct_asym.details 
A N N 1 ? 
B N N 2 ? 
C N N 3 ? 
D N N 3 ? 
E N N 3 ? 
F N N 4 ? 
G N N 4 ? 
H N N 4 ? 
I N N 4 ? 
J N N 5 ? 
K N N 5 ? 
L N N 5 ? 
M N N 6 ? 
# 
_struct_ref.id                         1 
_struct_ref.db_name                    UNP 
_struct_ref.db_code                    CYC1_YEAST 
_struct_ref.pdbx_db_accession          P00044 
_struct_ref.pdbx_db_isoform            ? 
_struct_ref.entity_id                  1 
_struct_ref.pdbx_seq_one_letter_code   
;EFKAGSAKKGATLFKTRCLQCHTVEKGGPHKVGPNLHGIFGRHSGQAEGYSYTDANIKKNVLWDENNMSEYLTNPKKYIP
GTKMAFGGLKKEKDRNDLITYLKKACE
;
_struct_ref.pdbx_align_begin           3 
# 
_struct_ref_seq.align_id                      1 
_struct_ref_seq.ref_id                        1 
_struct_ref_seq.pdbx_PDB_id_code              6GD9 
_struct_ref_seq.pdbx_strand_id                A 
_struct_ref_seq.seq_align_beg                 2 
_struct_ref_seq.pdbx_seq_align_beg_ins_code   ? 
_struct_ref_seq.seq_align_end                 108 
_struct_ref_seq.pdbx_seq_align_end_ins_code   ? 
_struct_ref_seq.pdbx_db_accession             P00044 
_struct_ref_seq.db_align_beg                  3 
_struct_ref_seq.pdbx_db_align_beg_ins_code    ? 
_struct_ref_seq.db_align_end                  109 
_struct_ref_seq.pdbx_db_align_end_ins_code    ? 
_struct_ref_seq.pdbx_auth_seq_align_beg       -4 
_struct_ref_seq.pdbx_auth_seq_align_end       103 
# 
loop_
_struct_ref_seq_dif.align_id 
_struct_ref_seq_dif.pdbx_pdb_id_code 
_struct_ref_seq_dif.mon_id 
_struct_ref_seq_dif.pdbx_pdb_strand_id 
_struct_ref_seq_dif.seq_num 
_struct_ref_seq_dif.pdbx_pdb_ins_code 
_struct_ref_seq_dif.pdbx_seq_db_name 
_struct_ref_seq_dif.pdbx_seq_db_accession_code 
_struct_ref_seq_dif.db_mon_id 
_struct_ref_seq_dif.pdbx_seq_db_seq_num 
_struct_ref_seq_dif.details 
_struct_ref_seq_dif.pdbx_auth_seq_num 
_struct_ref_seq_dif.pdbx_ordinal 
1 6GD9 ALA A 1   ? UNP P00044 ?   ?   'expression tag'      -5  1 
1 6GD9 THR A 107 ? UNP P00044 CYS 108 'engineered mutation' 102 2 
# 
_pdbx_struct_assembly.id                   1 
_pdbx_struct_assembly.details              author_and_software_defined_assembly 
_pdbx_struct_assembly.method_details       PISA 
_pdbx_struct_assembly.oligomeric_details   monomeric 
_pdbx_struct_assembly.oligomeric_count     1 
# 
loop_
_pdbx_struct_assembly_prop.biol_id 
_pdbx_struct_assembly_prop.type 
_pdbx_struct_assembly_prop.value 
_pdbx_struct_assembly_prop.details 
1 'ABSA (A^2)' 3120 ? 
1 MORE         -27  ? 
1 'SSA (A^2)'  8120 ? 
# 
_pdbx_struct_assembly_gen.assembly_id       1 
_pdbx_struct_assembly_gen.oper_expression   1 
_pdbx_struct_assembly_gen.asym_id_list      A,B,C,D,E,F,G,H,I,J,K,L,M 
# 
_pdbx_struct_assembly_auth_evidence.id                     1 
_pdbx_struct_assembly_auth_evidence.assembly_id            1 
_pdbx_struct_assembly_auth_evidence.experimental_support   none 
_pdbx_struct_assembly_auth_evidence.details                ? 
# 
_pdbx_struct_oper_list.id                   1 
_pdbx_struct_oper_list.type                 'identity operation' 
_pdbx_struct_oper_list.name                 1_555 
_pdbx_struct_oper_list.symmetry_operation   x,y,z 
_pdbx_struct_oper_list.matrix[1][1]         1.0000000000 
_pdbx_struct_oper_list.matrix[1][2]         0.0000000000 
_pdbx_struct_oper_list.matrix[1][3]         0.0000000000 
_pdbx_struct_oper_list.vector[1]            0.0000000000 
_pdbx_struct_oper_list.matrix[2][1]         0.0000000000 
_pdbx_struct_oper_list.matrix[2][2]         1.0000000000 
_pdbx_struct_oper_list.matrix[2][3]         0.0000000000 
_pdbx_struct_oper_list.vector[2]            0.0000000000 
_pdbx_struct_oper_list.matrix[3][1]         0.0000000000 
_pdbx_struct_oper_list.matrix[3][2]         0.0000000000 
_pdbx_struct_oper_list.matrix[3][3]         1.0000000000 
_pdbx_struct_oper_list.vector[3]            0.0000000000 
# 
loop_
_struct_conf.conf_type_id 
_struct_conf.id 
_struct_conf.pdbx_PDB_helix_id 
_struct_conf.beg_label_comp_id 
_struct_conf.beg_label_asym_id 
_struct_conf.beg_label_seq_id 
_struct_conf.pdbx_beg_PDB_ins_code 
_struct_conf.end_label_comp_id 
_struct_conf.end_label_asym_id 
_struct_conf.end_label_seq_id 
_struct_conf.pdbx_end_PDB_ins_code 
_struct_conf.beg_auth_comp_id 
_struct_conf.beg_auth_asym_id 
_struct_conf.beg_auth_seq_id 
_struct_conf.end_auth_comp_id 
_struct_conf.end_auth_asym_id 
_struct_conf.end_auth_seq_id 
_struct_conf.pdbx_PDB_helix_class 
_struct_conf.details 
_struct_conf.pdbx_PDB_helix_length 
HELX_P HELX_P1 AA1 SER A 7  ? CYS A 19  ? SER A 2  CYS A 14  1 ? 13 
HELX_P HELX_P2 AA2 THR A 54 ? ASN A 61  ? THR A 49 ASN A 56  1 ? 8  
HELX_P HELX_P3 AA3 ASP A 65 ? ASN A 75  ? ASP A 60 ASN A 70  1 ? 11 
HELX_P HELX_P4 AA4 ASN A 75 ? ILE A 80  ? ASN A 70 ILE A 75  1 ? 6  
HELX_P HELX_P5 AA5 LYS A 92 ? THR A 107 ? LYS A 87 THR A 102 1 ? 16 
# 
_struct_conf_type.id          HELX_P 
_struct_conf_type.criteria    ? 
_struct_conf_type.reference   ? 
# 
loop_
_struct_conn.id 
_struct_conn.conn_type_id 
_struct_conn.pdbx_leaving_atom_flag 
_struct_conn.pdbx_PDB_id 
_struct_conn.ptnr1_label_asym_id 
_struct_conn.ptnr1_label_comp_id 
_struct_conn.ptnr1_label_seq_id 
_struct_conn.ptnr1_label_atom_id 
_struct_conn.pdbx_ptnr1_label_alt_id 
_struct_conn.pdbx_ptnr1_PDB_ins_code 
_struct_conn.pdbx_ptnr1_standard_comp_id 
_struct_conn.ptnr1_symmetry 
_struct_conn.ptnr2_label_asym_id 
_struct_conn.ptnr2_label_comp_id 
_struct_conn.ptnr2_label_seq_id 
_struct_conn.ptnr2_label_atom_id 
_struct_conn.pdbx_ptnr2_label_alt_id 
_struct_conn.pdbx_ptnr2_PDB_ins_code 
_struct_conn.ptnr1_auth_asym_id 
_struct_conn.ptnr1_auth_comp_id 
_struct_conn.ptnr1_auth_seq_id 
_struct_conn.ptnr2_auth_asym_id 
_struct_conn.ptnr2_auth_comp_id 
_struct_conn.ptnr2_auth_seq_id 
_struct_conn.ptnr2_symmetry 
_struct_conn.pdbx_ptnr3_label_atom_id 
_struct_conn.pdbx_ptnr3_label_seq_id 
_struct_conn.pdbx_ptnr3_label_comp_id 
_struct_conn.pdbx_ptnr3_label_asym_id 
_struct_conn.pdbx_ptnr3_label_alt_id 
_struct_conn.pdbx_ptnr3_PDB_ins_code 
_struct_conn.details 
_struct_conn.pdbx_dist_value 
_struct_conn.pdbx_value_order 
_struct_conn.pdbx_role 
covale1 covale none ? A CYS 19 SG  ? ? ? 1_555 B HEC . CAB ? ? A CYS 14 A HEC 201 1_555 ? ? ? ? ? ? ? 1.627 ? ? 
covale2 covale none ? A CYS 22 SG  ? ? ? 1_555 B HEC . CAC ? ? A CYS 17 A HEC 201 1_555 ? ? ? ? ? ? ? 1.655 ? ? 
metalc1 metalc ?    ? A HIS 23 NE2 ? ? ? 1_555 B HEC . FE  ? ? A HIS 18 A HEC 201 1_555 ? ? ? ? ? ? ? 2.154 ? ? 
metalc2 metalc ?    ? A MET 85 SD  ? ? ? 1_555 B HEC . FE  ? ? A MET 80 A HEC 201 1_555 ? ? ? ? ? ? ? 2.301 ? ? 
# 
loop_
_struct_conn_type.id 
_struct_conn_type.criteria 
_struct_conn_type.reference 
covale ? ? 
metalc ? ? 
# 
loop_
_pdbx_struct_conn_angle.id 
_pdbx_struct_conn_angle.ptnr1_label_atom_id 
_pdbx_struct_conn_angle.ptnr1_label_alt_id 
_pdbx_struct_conn_angle.ptnr1_label_asym_id 
_pdbx_struct_conn_angle.ptnr1_label_comp_id 
_pdbx_struct_conn_angle.ptnr1_label_seq_id 
_pdbx_struct_conn_angle.ptnr1_auth_atom_id 
_pdbx_struct_conn_angle.ptnr1_auth_asym_id 
_pdbx_struct_conn_angle.ptnr1_auth_comp_id 
_pdbx_struct_conn_angle.ptnr1_auth_seq_id 
_pdbx_struct_conn_angle.ptnr1_PDB_ins_code 
_pdbx_struct_conn_angle.ptnr1_symmetry 
_pdbx_struct_conn_angle.ptnr2_label_atom_id 
_pdbx_struct_conn_angle.ptnr2_label_alt_id 
_pdbx_struct_conn_angle.ptnr2_label_asym_id 
_pdbx_struct_conn_angle.ptnr2_label_comp_id 
_pdbx_struct_conn_angle.ptnr2_label_seq_id 
_pdbx_struct_conn_angle.ptnr2_auth_atom_id 
_pdbx_struct_conn_angle.ptnr2_auth_asym_id 
_pdbx_struct_conn_angle.ptnr2_auth_comp_id 
_pdbx_struct_conn_angle.ptnr2_auth_seq_id 
_pdbx_struct_conn_angle.ptnr2_PDB_ins_code 
_pdbx_struct_conn_angle.ptnr2_symmetry 
_pdbx_struct_conn_angle.ptnr3_label_atom_id 
_pdbx_struct_conn_angle.ptnr3_label_alt_id 
_pdbx_struct_conn_angle.ptnr3_label_asym_id 
_pdbx_struct_conn_angle.ptnr3_label_comp_id 
_pdbx_struct_conn_angle.ptnr3_label_seq_id 
_pdbx_struct_conn_angle.ptnr3_auth_atom_id 
_pdbx_struct_conn_angle.ptnr3_auth_asym_id 
_pdbx_struct_conn_angle.ptnr3_auth_comp_id 
_pdbx_struct_conn_angle.ptnr3_auth_seq_id 
_pdbx_struct_conn_angle.ptnr3_PDB_ins_code 
_pdbx_struct_conn_angle.ptnr3_symmetry 
_pdbx_struct_conn_angle.value 
_pdbx_struct_conn_angle.value_esd 
1  NE2 ? A HIS 23 ? A HIS 18  ? 1_555 FE ? B HEC . ? A HEC 201 ? 1_555 NA ? B HEC .  ? A HEC 201 ? 1_555 90.5  ? 
2  NE2 ? A HIS 23 ? A HIS 18  ? 1_555 FE ? B HEC . ? A HEC 201 ? 1_555 NB ? B HEC .  ? A HEC 201 ? 1_555 92.8  ? 
3  NA  ? B HEC .  ? A HEC 201 ? 1_555 FE ? B HEC . ? A HEC 201 ? 1_555 NB ? B HEC .  ? A HEC 201 ? 1_555 88.1  ? 
4  NE2 ? A HIS 23 ? A HIS 18  ? 1_555 FE ? B HEC . ? A HEC 201 ? 1_555 NC ? B HEC .  ? A HEC 201 ? 1_555 87.7  ? 
5  NA  ? B HEC .  ? A HEC 201 ? 1_555 FE ? B HEC . ? A HEC 201 ? 1_555 NC ? B HEC .  ? A HEC 201 ? 1_555 174.2 ? 
6  NB  ? B HEC .  ? A HEC 201 ? 1_555 FE ? B HEC . ? A HEC 201 ? 1_555 NC ? B HEC .  ? A HEC 201 ? 1_555 86.5  ? 
7  NE2 ? A HIS 23 ? A HIS 18  ? 1_555 FE ? B HEC . ? A HEC 201 ? 1_555 ND ? B HEC .  ? A HEC 201 ? 1_555 86.3  ? 
8  NA  ? B HEC .  ? A HEC 201 ? 1_555 FE ? B HEC . ? A HEC 201 ? 1_555 ND ? B HEC .  ? A HEC 201 ? 1_555 93.5  ? 
9  NB  ? B HEC .  ? A HEC 201 ? 1_555 FE ? B HEC . ? A HEC 201 ? 1_555 ND ? B HEC .  ? A HEC 201 ? 1_555 178.1 ? 
10 NC  ? B HEC .  ? A HEC 201 ? 1_555 FE ? B HEC . ? A HEC 201 ? 1_555 ND ? B HEC .  ? A HEC 201 ? 1_555 91.9  ? 
11 NE2 ? A HIS 23 ? A HIS 18  ? 1_555 FE ? B HEC . ? A HEC 201 ? 1_555 SD ? A MET 85 ? A MET 80  ? 1_555 168.6 ? 
12 NA  ? B HEC .  ? A HEC 201 ? 1_555 FE ? B HEC . ? A HEC 201 ? 1_555 SD ? A MET 85 ? A MET 80  ? 1_555 89.7  ? 
13 NB  ? B HEC .  ? A HEC 201 ? 1_555 FE ? B HEC . ? A HEC 201 ? 1_555 SD ? A MET 85 ? A MET 80  ? 1_555 98.6  ? 
14 NC  ? B HEC .  ? A HEC 201 ? 1_555 FE ? B HEC . ? A HEC 201 ? 1_555 SD ? A MET 85 ? A MET 80  ? 1_555 93.1  ? 
15 ND  ? B HEC .  ? A HEC 201 ? 1_555 FE ? B HEC . ? A HEC 201 ? 1_555 SD ? A MET 85 ? A MET 80  ? 1_555 82.3  ? 
# 
loop_
_pdbx_modification_feature.ordinal 
_pdbx_modification_feature.label_comp_id 
_pdbx_modification_feature.label_asym_id 
_pdbx_modification_feature.label_seq_id 
_pdbx_modification_feature.label_alt_id 
_pdbx_modification_feature.modified_residue_label_comp_id 
_pdbx_modification_feature.modified_residue_label_asym_id 
_pdbx_modification_feature.modified_residue_label_seq_id 
_pdbx_modification_feature.modified_residue_label_alt_id 
_pdbx_modification_feature.auth_comp_id 
_pdbx_modification_feature.auth_asym_id 
_pdbx_modification_feature.auth_seq_id 
_pdbx_modification_feature.PDB_ins_code 
_pdbx_modification_feature.symmetry 
_pdbx_modification_feature.modified_residue_auth_comp_id 
_pdbx_modification_feature.modified_residue_auth_asym_id 
_pdbx_modification_feature.modified_residue_auth_seq_id 
_pdbx_modification_feature.modified_residue_PDB_ins_code 
_pdbx_modification_feature.modified_residue_symmetry 
_pdbx_modification_feature.comp_id_linking_atom 
_pdbx_modification_feature.modified_residue_id_linking_atom 
_pdbx_modification_feature.modified_residue_id 
_pdbx_modification_feature.ref_pcm_id 
_pdbx_modification_feature.ref_comp_id 
_pdbx_modification_feature.type 
_pdbx_modification_feature.category 
1 HEC B . ? CYS A 19 ? HEC A 201 ? 1_555 CYS A 14 ? 1_555 CAB SG CYS 2 HEC None Heme/heme-like 
2 HEC B . ? CYS A 22 ? HEC A 201 ? 1_555 CYS A 17 ? 1_555 CAC SG CYS 3 HEC None Heme/heme-like 
# 
loop_
_struct_site.id 
_struct_site.pdbx_evidence_code 
_struct_site.pdbx_auth_asym_id 
_struct_site.pdbx_auth_comp_id 
_struct_site.pdbx_auth_seq_id 
_struct_site.pdbx_auth_ins_code 
_struct_site.pdbx_num_residues 
_struct_site.details 
AC1 Software A HEC 201 ? 22 'binding site for residue HEC A 201' 
AC2 Software A EVB 202 ? 23 'binding site for residue EVB A 202' 
AC3 Software A EVB 203 ? 17 'binding site for residue EVB A 203' 
AC4 Software A EVB 204 ? 9  'binding site for residue EVB A 204' 
AC5 Software A EPE 205 ? 8  'binding site for residue EPE A 205' 
AC6 Software A EPE 206 ? 6  'binding site for residue EPE A 206' 
AC7 Software A EPE 207 ? 1  'binding site for residue EPE A 207' 
AC8 Software A EPE 208 ? 1  'binding site for residue EPE A 208' 
AC9 Software A SO4 209 ? 4  'binding site for residue SO4 A 209' 
AD1 Software A SO4 210 ? 4  'binding site for residue SO4 A 210' 
AD2 Software A SO4 211 ? 1  'binding site for residue SO4 A 211' 
# 
loop_
_struct_site_gen.id 
_struct_site_gen.site_id 
_struct_site_gen.pdbx_num_res 
_struct_site_gen.label_comp_id 
_struct_site_gen.label_asym_id 
_struct_site_gen.label_seq_id 
_struct_site_gen.pdbx_auth_ins_code 
_struct_site_gen.auth_comp_id 
_struct_site_gen.auth_asym_id 
_struct_site_gen.auth_seq_id 
_struct_site_gen.label_atom_id 
_struct_site_gen.label_alt_id 
_struct_site_gen.symmetry 
_struct_site_gen.details 
1  AC1 22 ARG A 18  ? ARG A 13  . ? 1_555 ? 
2  AC1 22 CYS A 19  ? CYS A 14  . ? 1_555 ? 
3  AC1 22 CYS A 22  ? CYS A 17  . ? 1_555 ? 
4  AC1 22 HIS A 23  ? HIS A 18  . ? 1_555 ? 
5  AC1 22 VAL A 33  ? VAL A 28  . ? 1_555 ? 
6  AC1 22 GLY A 34  ? GLY A 29  . ? 1_555 ? 
7  AC1 22 PRO A 35  ? PRO A 30  . ? 1_555 ? 
8  AC1 22 ILE A 40  ? ILE A 35  . ? 1_555 ? 
9  AC1 22 SER A 45  ? SER A 40  . ? 1_555 ? 
10 AC1 22 GLY A 46  ? GLY A 41  . ? 1_555 ? 
11 AC1 22 TYR A 51  ? TYR A 46  . ? 1_555 ? 
12 AC1 22 TYR A 53  ? TYR A 48  . ? 1_555 ? 
13 AC1 22 THR A 54  ? THR A 49  . ? 1_555 ? 
14 AC1 22 ASN A 57  ? ASN A 52  . ? 1_555 ? 
15 AC1 22 TRP A 64  ? TRP A 59  . ? 1_555 ? 
16 AC1 22 MET A 69  ? MET A 64  . ? 1_555 ? 
17 AC1 22 TYR A 72  ? TYR A 67  . ? 1_555 ? 
18 AC1 22 LEU A 73  ? LEU A 68  . ? 1_555 ? 
19 AC1 22 THR A 83  ? THR A 78  . ? 1_555 ? 
20 AC1 22 LYS A 84  ? LYS A 79  . ? 1_555 ? 
21 AC1 22 MET A 85  ? MET A 80  . ? 1_555 ? 
22 AC1 22 HOH M .   ? HOH A 303 . ? 1_555 ? 
23 AC2 23 LYS A 16  ? LYS A 11  . ? 1_555 ? 
24 AC2 23 THR A 17  ? THR A 12  . ? 1_555 ? 
25 AC2 23 LEU A 20  ? LEU A 15  . ? 1_555 ? 
26 AC2 23 GLN A 21  ? GLN A 16  . ? 1_555 ? 
27 AC2 23 THR A 24  ? THR A 19  . ? 1_555 ? 
28 AC2 23 GLY A 29  ? GLY A 24  . ? 1_555 ? 
29 AC2 23 PRO A 30  ? PRO A 25  . ? 1_555 ? 
30 AC2 23 LYS A 32  ? LYS A 27  . ? 1_555 ? 
31 AC2 23 GLY A 46  ? GLY A 41  . ? 4_445 ? 
32 AC2 23 GLN A 47  ? GLN A 42  . ? 4_445 ? 
33 AC2 23 TYR A 51  ? TYR A 46  . ? 4_445 ? 
34 AC2 23 TYR A 53  ? TYR A 48  . ? 4_445 ? 
35 AC2 23 ASP A 55  ? ASP A 50  . ? 4_445 ? 
36 AC2 23 ILE A 58  ? ILE A 53  . ? 4_445 ? 
37 AC2 23 LYS A 59  ? LYS A 54  . ? 4_445 ? 
38 AC2 23 ASN A 61  ? ASN A 56  . ? 4_445 ? 
39 AC2 23 EPE F .   ? EPE A 205 . ? 1_555 ? 
40 AC2 23 EPE G .   ? EPE A 206 . ? 1_555 ? 
41 AC2 23 HOH M .   ? HOH A 304 . ? 1_555 ? 
42 AC2 23 HOH M .   ? HOH A 305 . ? 1_555 ? 
43 AC2 23 HOH M .   ? HOH A 309 . ? 1_555 ? 
44 AC2 23 HOH M .   ? HOH A 321 . ? 1_555 ? 
45 AC2 23 HOH M .   ? HOH A 324 . ? 1_555 ? 
46 AC3 17 ALA A 5   ? ALA A -1  . ? 1_555 ? 
47 AC3 17 GLY A 6   ? GLY A 1   . ? 1_555 ? 
48 AC3 17 ALA A 8   ? ALA A 3   . ? 1_555 ? 
49 AC3 17 LYS A 9   ? LYS A 4   . ? 1_555 ? 
50 AC3 17 LYS A 9   ? LYS A 4   . ? 7_555 ? 
51 AC3 17 LYS A 10  ? LYS A 5   . ? 7_555 ? 
52 AC3 17 THR A 13  ? THR A 8   . ? 7_555 ? 
53 AC3 17 THR A 101 ? THR A 96  . ? 1_555 ? 
54 AC3 17 TYR A 102 ? TYR A 97  . ? 1_555 ? 
55 AC3 17 LYS A 105 ? LYS A 100 . ? 1_555 ? 
56 AC3 17 EPE F .   ? EPE A 205 . ? 1_555 ? 
57 AC3 17 EPE H .   ? EPE A 207 . ? 1_555 ? 
58 AC3 17 EPE I .   ? EPE A 208 . ? 1_555 ? 
59 AC3 17 HOH M .   ? HOH A 301 . ? 1_555 ? 
60 AC3 17 HOH M .   ? HOH A 301 . ? 7_555 ? 
61 AC3 17 HOH M .   ? HOH A 318 . ? 1_555 ? 
62 AC3 17 HOH M .   ? HOH A 327 . ? 1_555 ? 
63 AC4 9  ARG A 18  ? ARG A 13  . ? 1_555 ? 
64 AC4 9  ASN A 75  ? ASN A 70  . ? 1_555 ? 
65 AC4 9  LYS A 77  ? LYS A 72  . ? 1_555 ? 
66 AC4 9  LYS A 78  ? LYS A 73  . ? 1_555 ? 
67 AC4 9  PHE A 87  ? PHE A 82  . ? 1_555 ? 
68 AC4 9  GLY A 88  ? GLY A 83  . ? 1_555 ? 
69 AC4 9  GLY A 89  ? GLY A 84  . ? 1_555 ? 
70 AC4 9  LYS A 91  ? LYS A 86  . ? 1_555 ? 
71 AC4 9  LYS A 92  ? LYS A 87  . ? 1_555 ? 
72 AC5 8  LYS A 16  ? LYS A 11  . ? 1_555 ? 
73 AC5 8  THR A 24  ? THR A 19  . ? 1_555 ? 
74 AC5 8  VAL A 25  ? VAL A 20  . ? 1_555 ? 
75 AC5 8  GLU A 26  ? GLU A 21  . ? 1_555 ? 
76 AC5 8  TYR A 102 ? TYR A 97  . ? 1_555 ? 
77 AC5 8  EVB C .   ? EVB A 202 . ? 1_555 ? 
78 AC5 8  EVB D .   ? EVB A 203 . ? 1_555 ? 
79 AC5 8  HOH M .   ? HOH A 309 . ? 1_555 ? 
80 AC6 6  LYS A 32  ? LYS A 27  . ? 1_555 ? 
81 AC6 6  VAL A 33  ? VAL A 28  . ? 1_555 ? 
82 AC6 6  GLU A 49  ? GLU A 44  . ? 4_445 ? 
83 AC6 6  GLY A 50  ? GLY A 45  . ? 4_445 ? 
84 AC6 6  TYR A 51  ? TYR A 46  . ? 4_445 ? 
85 AC6 6  EVB C .   ? EVB A 202 . ? 1_555 ? 
86 AC7 1  EVB D .   ? EVB A 203 . ? 1_555 ? 
87 AC8 1  EVB D .   ? EVB A 203 . ? 1_555 ? 
88 AC9 4  THR A 54  ? THR A 49  . ? 1_555 ? 
89 AC9 4  ASP A 55  ? ASP A 50  . ? 1_555 ? 
90 AC9 4  HOH M .   ? HOH A 310 . ? 1_555 ? 
91 AC9 4  HOH M .   ? HOH A 322 . ? 1_555 ? 
92 AD1 4  LYS A 91  ? LYS A 86  . ? 1_555 ? 
93 AD1 4  LYS A 92  ? LYS A 87  . ? 1_555 ? 
94 AD1 4  GLU A 93  ? GLU A 88  . ? 1_555 ? 
95 AD1 4  HOH M .   ? HOH A 314 . ? 1_555 ? 
96 AD2 1  LYS A 60  ? LYS A 55  . ? 1_555 ? 
# 
_pdbx_entry_details.entry_id                   6GD9 
_pdbx_entry_details.compound_details           ? 
_pdbx_entry_details.source_details             ? 
_pdbx_entry_details.nonpolymer_details         ? 
_pdbx_entry_details.sequence_details           ? 
_pdbx_entry_details.has_ligand_of_interest     ? 
_pdbx_entry_details.has_protein_modification   Y 
# 
loop_
_pdbx_validate_close_contact.id 
_pdbx_validate_close_contact.PDB_model_num 
_pdbx_validate_close_contact.auth_atom_id_1 
_pdbx_validate_close_contact.auth_asym_id_1 
_pdbx_validate_close_contact.auth_comp_id_1 
_pdbx_validate_close_contact.auth_seq_id_1 
_pdbx_validate_close_contact.PDB_ins_code_1 
_pdbx_validate_close_contact.label_alt_id_1 
_pdbx_validate_close_contact.auth_atom_id_2 
_pdbx_validate_close_contact.auth_asym_id_2 
_pdbx_validate_close_contact.auth_comp_id_2 
_pdbx_validate_close_contact.auth_seq_id_2 
_pdbx_validate_close_contact.PDB_ins_code_2 
_pdbx_validate_close_contact.label_alt_id_2 
_pdbx_validate_close_contact.dist 
1 1 SG A CYS 14 ? ? CBB A HEC 201 ? ? 1.88 
2 1 SG A CYS 17 ? ? CBC A HEC 201 ? ? 2.06 
# 
_pdbx_validate_torsion.id              1 
_pdbx_validate_torsion.PDB_model_num   1 
_pdbx_validate_torsion.auth_comp_id    LYS 
_pdbx_validate_torsion.auth_asym_id    A 
_pdbx_validate_torsion.auth_seq_id     27 
_pdbx_validate_torsion.PDB_ins_code    ? 
_pdbx_validate_torsion.label_alt_id    ? 
_pdbx_validate_torsion.phi             -120.91 
_pdbx_validate_torsion.psi             -136.81 
# 
_phasing.method   MR 
# 
loop_
_chem_comp_atom.comp_id 
_chem_comp_atom.atom_id 
_chem_comp_atom.type_symbol 
_chem_comp_atom.pdbx_aromatic_flag 
_chem_comp_atom.pdbx_stereo_config 
_chem_comp_atom.pdbx_ordinal 
ALA N    N  N N 1   
ALA CA   C  N S 2   
ALA C    C  N N 3   
ALA O    O  N N 4   
ALA CB   C  N N 5   
ALA OXT  O  N N 6   
ALA H    H  N N 7   
ALA H2   H  N N 8   
ALA HA   H  N N 9   
ALA HB1  H  N N 10  
ALA HB2  H  N N 11  
ALA HB3  H  N N 12  
ALA HXT  H  N N 13  
ARG N    N  N N 14  
ARG CA   C  N S 15  
ARG C    C  N N 16  
ARG O    O  N N 17  
ARG CB   C  N N 18  
ARG CG   C  N N 19  
ARG CD   C  N N 20  
ARG NE   N  N N 21  
ARG CZ   C  N N 22  
ARG NH1  N  N N 23  
ARG NH2  N  N N 24  
ARG OXT  O  N N 25  
ARG H    H  N N 26  
ARG H2   H  N N 27  
ARG HA   H  N N 28  
ARG HB2  H  N N 29  
ARG HB3  H  N N 30  
ARG HG2  H  N N 31  
ARG HG3  H  N N 32  
ARG HD2  H  N N 33  
ARG HD3  H  N N 34  
ARG HE   H  N N 35  
ARG HH11 H  N N 36  
ARG HH12 H  N N 37  
ARG HH21 H  N N 38  
ARG HH22 H  N N 39  
ARG HXT  H  N N 40  
ASN N    N  N N 41  
ASN CA   C  N S 42  
ASN C    C  N N 43  
ASN O    O  N N 44  
ASN CB   C  N N 45  
ASN CG   C  N N 46  
ASN OD1  O  N N 47  
ASN ND2  N  N N 48  
ASN OXT  O  N N 49  
ASN H    H  N N 50  
ASN H2   H  N N 51  
ASN HA   H  N N 52  
ASN HB2  H  N N 53  
ASN HB3  H  N N 54  
ASN HD21 H  N N 55  
ASN HD22 H  N N 56  
ASN HXT  H  N N 57  
ASP N    N  N N 58  
ASP CA   C  N S 59  
ASP C    C  N N 60  
ASP O    O  N N 61  
ASP CB   C  N N 62  
ASP CG   C  N N 63  
ASP OD1  O  N N 64  
ASP OD2  O  N N 65  
ASP OXT  O  N N 66  
ASP H    H  N N 67  
ASP H2   H  N N 68  
ASP HA   H  N N 69  
ASP HB2  H  N N 70  
ASP HB3  H  N N 71  
ASP HD2  H  N N 72  
ASP HXT  H  N N 73  
CYS N    N  N N 74  
CYS CA   C  N R 75  
CYS C    C  N N 76  
CYS O    O  N N 77  
CYS CB   C  N N 78  
CYS SG   S  N N 79  
CYS OXT  O  N N 80  
CYS H    H  N N 81  
CYS H2   H  N N 82  
CYS HA   H  N N 83  
CYS HB2  H  N N 84  
CYS HB3  H  N N 85  
CYS HG   H  N N 86  
CYS HXT  H  N N 87  
EPE N1   N  N N 88  
EPE C2   C  N N 89  
EPE C3   C  N N 90  
EPE N4   N  N N 91  
EPE C5   C  N N 92  
EPE C6   C  N N 93  
EPE C7   C  N N 94  
EPE C8   C  N N 95  
EPE O8   O  N N 96  
EPE C9   C  N N 97  
EPE C10  C  N N 98  
EPE S    S  N N 99  
EPE O1S  O  N N 100 
EPE O2S  O  N N 101 
EPE O3S  O  N N 102 
EPE H21  H  N N 103 
EPE H22  H  N N 104 
EPE H31  H  N N 105 
EPE H32  H  N N 106 
EPE H51  H  N N 107 
EPE H52  H  N N 108 
EPE H61  H  N N 109 
EPE H62  H  N N 110 
EPE H71  H  N N 111 
EPE H72  H  N N 112 
EPE H81  H  N N 113 
EPE H82  H  N N 114 
EPE HO8  H  N N 115 
EPE H91  H  N N 116 
EPE H92  H  N N 117 
EPE H101 H  N N 118 
EPE H102 H  N N 119 
EPE HOS3 H  N N 120 
EVB C11  C  Y N 121 
EVB C12  C  Y N 122 
EVB C13  C  Y N 123 
EVB C14  C  N N 124 
EVB C15  C  N N 125 
EVB C17  C  Y N 126 
EVB C18  C  Y N 127 
EVB C19  C  Y N 128 
EVB C20  C  Y N 129 
EVB C21  C  Y N 130 
EVB C22  C  Y N 131 
EVB C23  C  Y N 132 
EVB C1   C  Y N 133 
EVB C2   C  Y N 134 
EVB C3   C  Y N 135 
EVB C4   C  Y N 136 
EVB C5   C  Y N 137 
EVB C6   C  Y N 138 
EVB C7   C  N N 139 
EVB C8   C  Y N 140 
EVB C9   C  Y N 141 
EVB C10  C  Y N 142 
EVB C16  C  Y N 143 
EVB C24  C  Y N 144 
EVB C25  C  Y N 145 
EVB C26  C  Y N 146 
EVB C27  C  Y N 147 
EVB C28  C  N N 148 
EVB C29  C  N N 149 
EVB C30  C  Y N 150 
EVB C31  C  Y N 151 
EVB C32  C  Y N 152 
EVB C33  C  Y N 153 
EVB C34  C  Y N 154 
EVB C35  C  Y N 155 
EVB C36  C  Y N 156 
EVB C37  C  Y N 157 
EVB C38  C  Y N 158 
EVB C39  C  Y N 159 
EVB C40  C  Y N 160 
EVB C41  C  Y N 161 
EVB C42  C  N N 162 
EVB C43  C  N N 163 
EVB C44  C  Y N 164 
EVB C45  C  Y N 165 
EVB C46  C  Y N 166 
EVB C47  C  Y N 167 
EVB C48  C  Y N 168 
EVB C49  C  Y N 169 
EVB C50  C  Y N 170 
EVB C51  C  Y N 171 
EVB C52  C  Y N 172 
EVB C53  C  Y N 173 
EVB C54  C  Y N 174 
EVB C55  C  Y N 175 
EVB O1   O  N N 176 
EVB O2   O  N N 177 
EVB O3   O  N N 178 
EVB O4   O  N N 179 
EVB O5   O  N N 180 
EVB O6   O  N N 181 
EVB O7   O  N N 182 
EVB O8   O  N N 183 
EVB S64  S  N N 184 
EVB S65  S  N N 185 
EVB S66  S  N N 186 
EVB S67  S  N N 187 
EVB S68  S  N N 188 
EVB S69  S  N N 189 
EVB S70  S  N N 190 
EVB S71  S  N N 191 
EVB C72  C  N N 192 
EVB O9   O  N N 193 
EVB O10  O  N N 194 
EVB O11  O  N N 195 
EVB O12  O  N N 196 
EVB O13  O  N N 197 
EVB O14  O  N N 198 
EVB O15  O  N N 199 
EVB O16  O  N N 200 
EVB O17  O  N N 201 
EVB O18  O  N N 202 
EVB O19  O  N N 203 
EVB O20  O  N N 204 
EVB O21  O  N N 205 
EVB O22  O  N N 206 
EVB O23  O  N N 207 
EVB O24  O  N N 208 
EVB O25  O  N N 209 
EVB O26  O  N N 210 
EVB O27  O  N N 211 
EVB O28  O  N N 212 
EVB O29  O  N N 213 
EVB O30  O  N N 214 
EVB O31  O  N N 215 
EVB O32  O  N N 216 
EVB H1   H  N N 217 
EVB H2   H  N N 218 
EVB H3   H  N N 219 
EVB H4   H  N N 220 
EVB H5   H  N N 221 
EVB H6   H  N N 222 
EVB H7   H  N N 223 
EVB H8   H  N N 224 
EVB H9   H  N N 225 
EVB H10  H  N N 226 
EVB H11  H  N N 227 
EVB H12  H  N N 228 
EVB H13  H  N N 229 
EVB H14  H  N N 230 
EVB H15  H  N N 231 
EVB H16  H  N N 232 
EVB H17  H  N N 233 
EVB H18  H  N N 234 
EVB H19  H  N N 235 
EVB H20  H  N N 236 
EVB H21  H  N N 237 
EVB H22  H  N N 238 
EVB H23  H  N N 239 
EVB H24  H  N N 240 
EVB H25  H  N N 241 
EVB H26  H  N N 242 
EVB H27  H  N N 243 
EVB H28  H  N N 244 
EVB H29  H  N N 245 
EVB H30  H  N N 246 
EVB H31  H  N N 247 
EVB H32  H  N N 248 
EVB H33  H  N N 249 
EVB H34  H  N N 250 
EVB H35  H  N N 251 
EVB H36  H  N N 252 
EVB H37  H  N N 253 
EVB H38  H  N N 254 
EVB H39  H  N N 255 
EVB H40  H  N N 256 
EVB H41  H  N N 257 
EVB H42  H  N N 258 
EVB H43  H  N N 259 
EVB H44  H  N N 260 
EVB H45  H  N N 261 
EVB H46  H  N N 262 
EVB H47  H  N N 263 
EVB H48  H  N N 264 
GLN N    N  N N 265 
GLN CA   C  N S 266 
GLN C    C  N N 267 
GLN O    O  N N 268 
GLN CB   C  N N 269 
GLN CG   C  N N 270 
GLN CD   C  N N 271 
GLN OE1  O  N N 272 
GLN NE2  N  N N 273 
GLN OXT  O  N N 274 
GLN H    H  N N 275 
GLN H2   H  N N 276 
GLN HA   H  N N 277 
GLN HB2  H  N N 278 
GLN HB3  H  N N 279 
GLN HG2  H  N N 280 
GLN HG3  H  N N 281 
GLN HE21 H  N N 282 
GLN HE22 H  N N 283 
GLN HXT  H  N N 284 
GLU N    N  N N 285 
GLU CA   C  N S 286 
GLU C    C  N N 287 
GLU O    O  N N 288 
GLU CB   C  N N 289 
GLU CG   C  N N 290 
GLU CD   C  N N 291 
GLU OE1  O  N N 292 
GLU OE2  O  N N 293 
GLU OXT  O  N N 294 
GLU H    H  N N 295 
GLU H2   H  N N 296 
GLU HA   H  N N 297 
GLU HB2  H  N N 298 
GLU HB3  H  N N 299 
GLU HG2  H  N N 300 
GLU HG3  H  N N 301 
GLU HE2  H  N N 302 
GLU HXT  H  N N 303 
GLY N    N  N N 304 
GLY CA   C  N N 305 
GLY C    C  N N 306 
GLY O    O  N N 307 
GLY OXT  O  N N 308 
GLY H    H  N N 309 
GLY H2   H  N N 310 
GLY HA2  H  N N 311 
GLY HA3  H  N N 312 
GLY HXT  H  N N 313 
HEC FE   FE N N 314 
HEC CHA  C  N N 315 
HEC CHB  C  N N 316 
HEC CHC  C  N N 317 
HEC CHD  C  N N 318 
HEC NA   N  Y N 319 
HEC C1A  C  Y N 320 
HEC C2A  C  Y N 321 
HEC C3A  C  Y N 322 
HEC C4A  C  Y N 323 
HEC CMA  C  N N 324 
HEC CAA  C  N N 325 
HEC CBA  C  N N 326 
HEC CGA  C  N N 327 
HEC O1A  O  N N 328 
HEC O2A  O  N N 329 
HEC NB   N  Y N 330 
HEC C1B  C  Y N 331 
HEC C2B  C  Y N 332 
HEC C3B  C  Y N 333 
HEC C4B  C  Y N 334 
HEC CMB  C  N N 335 
HEC CAB  C  N N 336 
HEC CBB  C  N N 337 
HEC NC   N  Y N 338 
HEC C1C  C  Y N 339 
HEC C2C  C  Y N 340 
HEC C3C  C  Y N 341 
HEC C4C  C  Y N 342 
HEC CMC  C  N N 343 
HEC CAC  C  N N 344 
HEC CBC  C  N N 345 
HEC ND   N  Y N 346 
HEC C1D  C  Y N 347 
HEC C2D  C  Y N 348 
HEC C3D  C  Y N 349 
HEC C4D  C  Y N 350 
HEC CMD  C  N N 351 
HEC CAD  C  N N 352 
HEC CBD  C  N N 353 
HEC CGD  C  N N 354 
HEC O1D  O  N N 355 
HEC O2D  O  N N 356 
HEC HHA  H  N N 357 
HEC HHB  H  N N 358 
HEC HHC  H  N N 359 
HEC HHD  H  N N 360 
HEC HMA1 H  N N 361 
HEC HMA2 H  N N 362 
HEC HMA3 H  N N 363 
HEC HAA1 H  N N 364 
HEC HAA2 H  N N 365 
HEC HBA1 H  N N 366 
HEC HBA2 H  N N 367 
HEC H2A  H  N N 368 
HEC HMB1 H  N N 369 
HEC HMB2 H  N N 370 
HEC HMB3 H  N N 371 
HEC HAB  H  N N 372 
HEC HBB1 H  N N 373 
HEC HBB2 H  N N 374 
HEC HBB3 H  N N 375 
HEC HMC1 H  N N 376 
HEC HMC2 H  N N 377 
HEC HMC3 H  N N 378 
HEC HAC  H  N N 379 
HEC HBC1 H  N N 380 
HEC HBC2 H  N N 381 
HEC HBC3 H  N N 382 
HEC HMD1 H  N N 383 
HEC HMD2 H  N N 384 
HEC HMD3 H  N N 385 
HEC HAD1 H  N N 386 
HEC HAD2 H  N N 387 
HEC HBD1 H  N N 388 
HEC HBD2 H  N N 389 
HEC H2D  H  N N 390 
HIS N    N  N N 391 
HIS CA   C  N S 392 
HIS C    C  N N 393 
HIS O    O  N N 394 
HIS CB   C  N N 395 
HIS CG   C  Y N 396 
HIS ND1  N  Y N 397 
HIS CD2  C  Y N 398 
HIS CE1  C  Y N 399 
HIS NE2  N  Y N 400 
HIS OXT  O  N N 401 
HIS H    H  N N 402 
HIS H2   H  N N 403 
HIS HA   H  N N 404 
HIS HB2  H  N N 405 
HIS HB3  H  N N 406 
HIS HD1  H  N N 407 
HIS HD2  H  N N 408 
HIS HE1  H  N N 409 
HIS HE2  H  N N 410 
HIS HXT  H  N N 411 
HOH O    O  N N 412 
HOH H1   H  N N 413 
HOH H2   H  N N 414 
ILE N    N  N N 415 
ILE CA   C  N S 416 
ILE C    C  N N 417 
ILE O    O  N N 418 
ILE CB   C  N S 419 
ILE CG1  C  N N 420 
ILE CG2  C  N N 421 
ILE CD1  C  N N 422 
ILE OXT  O  N N 423 
ILE H    H  N N 424 
ILE H2   H  N N 425 
ILE HA   H  N N 426 
ILE HB   H  N N 427 
ILE HG12 H  N N 428 
ILE HG13 H  N N 429 
ILE HG21 H  N N 430 
ILE HG22 H  N N 431 
ILE HG23 H  N N 432 
ILE HD11 H  N N 433 
ILE HD12 H  N N 434 
ILE HD13 H  N N 435 
ILE HXT  H  N N 436 
LEU N    N  N N 437 
LEU CA   C  N S 438 
LEU C    C  N N 439 
LEU O    O  N N 440 
LEU CB   C  N N 441 
LEU CG   C  N N 442 
LEU CD1  C  N N 443 
LEU CD2  C  N N 444 
LEU OXT  O  N N 445 
LEU H    H  N N 446 
LEU H2   H  N N 447 
LEU HA   H  N N 448 
LEU HB2  H  N N 449 
LEU HB3  H  N N 450 
LEU HG   H  N N 451 
LEU HD11 H  N N 452 
LEU HD12 H  N N 453 
LEU HD13 H  N N 454 
LEU HD21 H  N N 455 
LEU HD22 H  N N 456 
LEU HD23 H  N N 457 
LEU HXT  H  N N 458 
LYS N    N  N N 459 
LYS CA   C  N S 460 
LYS C    C  N N 461 
LYS O    O  N N 462 
LYS CB   C  N N 463 
LYS CG   C  N N 464 
LYS CD   C  N N 465 
LYS CE   C  N N 466 
LYS NZ   N  N N 467 
LYS OXT  O  N N 468 
LYS H    H  N N 469 
LYS H2   H  N N 470 
LYS HA   H  N N 471 
LYS HB2  H  N N 472 
LYS HB3  H  N N 473 
LYS HG2  H  N N 474 
LYS HG3  H  N N 475 
LYS HD2  H  N N 476 
LYS HD3  H  N N 477 
LYS HE2  H  N N 478 
LYS HE3  H  N N 479 
LYS HZ1  H  N N 480 
LYS HZ2  H  N N 481 
LYS HZ3  H  N N 482 
LYS HXT  H  N N 483 
MET N    N  N N 484 
MET CA   C  N S 485 
MET C    C  N N 486 
MET O    O  N N 487 
MET CB   C  N N 488 
MET CG   C  N N 489 
MET SD   S  N N 490 
MET CE   C  N N 491 
MET OXT  O  N N 492 
MET H    H  N N 493 
MET H2   H  N N 494 
MET HA   H  N N 495 
MET HB2  H  N N 496 
MET HB3  H  N N 497 
MET HG2  H  N N 498 
MET HG3  H  N N 499 
MET HE1  H  N N 500 
MET HE2  H  N N 501 
MET HE3  H  N N 502 
MET HXT  H  N N 503 
PHE N    N  N N 504 
PHE CA   C  N S 505 
PHE C    C  N N 506 
PHE O    O  N N 507 
PHE CB   C  N N 508 
PHE CG   C  Y N 509 
PHE CD1  C  Y N 510 
PHE CD2  C  Y N 511 
PHE CE1  C  Y N 512 
PHE CE2  C  Y N 513 
PHE CZ   C  Y N 514 
PHE OXT  O  N N 515 
PHE H    H  N N 516 
PHE H2   H  N N 517 
PHE HA   H  N N 518 
PHE HB2  H  N N 519 
PHE HB3  H  N N 520 
PHE HD1  H  N N 521 
PHE HD2  H  N N 522 
PHE HE1  H  N N 523 
PHE HE2  H  N N 524 
PHE HZ   H  N N 525 
PHE HXT  H  N N 526 
PRO N    N  N N 527 
PRO CA   C  N S 528 
PRO C    C  N N 529 
PRO O    O  N N 530 
PRO CB   C  N N 531 
PRO CG   C  N N 532 
PRO CD   C  N N 533 
PRO OXT  O  N N 534 
PRO H    H  N N 535 
PRO HA   H  N N 536 
PRO HB2  H  N N 537 
PRO HB3  H  N N 538 
PRO HG2  H  N N 539 
PRO HG3  H  N N 540 
PRO HD2  H  N N 541 
PRO HD3  H  N N 542 
PRO HXT  H  N N 543 
SER N    N  N N 544 
SER CA   C  N S 545 
SER C    C  N N 546 
SER O    O  N N 547 
SER CB   C  N N 548 
SER OG   O  N N 549 
SER OXT  O  N N 550 
SER H    H  N N 551 
SER H2   H  N N 552 
SER HA   H  N N 553 
SER HB2  H  N N 554 
SER HB3  H  N N 555 
SER HG   H  N N 556 
SER HXT  H  N N 557 
SO4 S    S  N N 558 
SO4 O1   O  N N 559 
SO4 O2   O  N N 560 
SO4 O3   O  N N 561 
SO4 O4   O  N N 562 
THR N    N  N N 563 
THR CA   C  N S 564 
THR C    C  N N 565 
THR O    O  N N 566 
THR CB   C  N R 567 
THR OG1  O  N N 568 
THR CG2  C  N N 569 
THR OXT  O  N N 570 
THR H    H  N N 571 
THR H2   H  N N 572 
THR HA   H  N N 573 
THR HB   H  N N 574 
THR HG1  H  N N 575 
THR HG21 H  N N 576 
THR HG22 H  N N 577 
THR HG23 H  N N 578 
THR HXT  H  N N 579 
TRP N    N  N N 580 
TRP CA   C  N S 581 
TRP C    C  N N 582 
TRP O    O  N N 583 
TRP CB   C  N N 584 
TRP CG   C  Y N 585 
TRP CD1  C  Y N 586 
TRP CD2  C  Y N 587 
TRP NE1  N  Y N 588 
TRP CE2  C  Y N 589 
TRP CE3  C  Y N 590 
TRP CZ2  C  Y N 591 
TRP CZ3  C  Y N 592 
TRP CH2  C  Y N 593 
TRP OXT  O  N N 594 
TRP H    H  N N 595 
TRP H2   H  N N 596 
TRP HA   H  N N 597 
TRP HB2  H  N N 598 
TRP HB3  H  N N 599 
TRP HD1  H  N N 600 
TRP HE1  H  N N 601 
TRP HE3  H  N N 602 
TRP HZ2  H  N N 603 
TRP HZ3  H  N N 604 
TRP HH2  H  N N 605 
TRP HXT  H  N N 606 
TYR N    N  N N 607 
TYR CA   C  N S 608 
TYR C    C  N N 609 
TYR O    O  N N 610 
TYR CB   C  N N 611 
TYR CG   C  Y N 612 
TYR CD1  C  Y N 613 
TYR CD2  C  Y N 614 
TYR CE1  C  Y N 615 
TYR CE2  C  Y N 616 
TYR CZ   C  Y N 617 
TYR OH   O  N N 618 
TYR OXT  O  N N 619 
TYR H    H  N N 620 
TYR H2   H  N N 621 
TYR HA   H  N N 622 
TYR HB2  H  N N 623 
TYR HB3  H  N N 624 
TYR HD1  H  N N 625 
TYR HD2  H  N N 626 
TYR HE1  H  N N 627 
TYR HE2  H  N N 628 
TYR HH   H  N N 629 
TYR HXT  H  N N 630 
VAL N    N  N N 631 
VAL CA   C  N S 632 
VAL C    C  N N 633 
VAL O    O  N N 634 
VAL CB   C  N N 635 
VAL CG1  C  N N 636 
VAL CG2  C  N N 637 
VAL OXT  O  N N 638 
VAL H    H  N N 639 
VAL H2   H  N N 640 
VAL HA   H  N N 641 
VAL HB   H  N N 642 
VAL HG11 H  N N 643 
VAL HG12 H  N N 644 
VAL HG13 H  N N 645 
VAL HG21 H  N N 646 
VAL HG22 H  N N 647 
VAL HG23 H  N N 648 
VAL HXT  H  N N 649 
# 
loop_
_chem_comp_bond.comp_id 
_chem_comp_bond.atom_id_1 
_chem_comp_bond.atom_id_2 
_chem_comp_bond.value_order 
_chem_comp_bond.pdbx_aromatic_flag 
_chem_comp_bond.pdbx_stereo_config 
_chem_comp_bond.pdbx_ordinal 
ALA N   CA   sing N N 1   
ALA N   H    sing N N 2   
ALA N   H2   sing N N 3   
ALA CA  C    sing N N 4   
ALA CA  CB   sing N N 5   
ALA CA  HA   sing N N 6   
ALA C   O    doub N N 7   
ALA C   OXT  sing N N 8   
ALA CB  HB1  sing N N 9   
ALA CB  HB2  sing N N 10  
ALA CB  HB3  sing N N 11  
ALA OXT HXT  sing N N 12  
ARG N   CA   sing N N 13  
ARG N   H    sing N N 14  
ARG N   H2   sing N N 15  
ARG CA  C    sing N N 16  
ARG CA  CB   sing N N 17  
ARG CA  HA   sing N N 18  
ARG C   O    doub N N 19  
ARG C   OXT  sing N N 20  
ARG CB  CG   sing N N 21  
ARG CB  HB2  sing N N 22  
ARG CB  HB3  sing N N 23  
ARG CG  CD   sing N N 24  
ARG CG  HG2  sing N N 25  
ARG CG  HG3  sing N N 26  
ARG CD  NE   sing N N 27  
ARG CD  HD2  sing N N 28  
ARG CD  HD3  sing N N 29  
ARG NE  CZ   sing N N 30  
ARG NE  HE   sing N N 31  
ARG CZ  NH1  sing N N 32  
ARG CZ  NH2  doub N N 33  
ARG NH1 HH11 sing N N 34  
ARG NH1 HH12 sing N N 35  
ARG NH2 HH21 sing N N 36  
ARG NH2 HH22 sing N N 37  
ARG OXT HXT  sing N N 38  
ASN N   CA   sing N N 39  
ASN N   H    sing N N 40  
ASN N   H2   sing N N 41  
ASN CA  C    sing N N 42  
ASN CA  CB   sing N N 43  
ASN CA  HA   sing N N 44  
ASN C   O    doub N N 45  
ASN C   OXT  sing N N 46  
ASN CB  CG   sing N N 47  
ASN CB  HB2  sing N N 48  
ASN CB  HB3  sing N N 49  
ASN CG  OD1  doub N N 50  
ASN CG  ND2  sing N N 51  
ASN ND2 HD21 sing N N 52  
ASN ND2 HD22 sing N N 53  
ASN OXT HXT  sing N N 54  
ASP N   CA   sing N N 55  
ASP N   H    sing N N 56  
ASP N   H2   sing N N 57  
ASP CA  C    sing N N 58  
ASP CA  CB   sing N N 59  
ASP CA  HA   sing N N 60  
ASP C   O    doub N N 61  
ASP C   OXT  sing N N 62  
ASP CB  CG   sing N N 63  
ASP CB  HB2  sing N N 64  
ASP CB  HB3  sing N N 65  
ASP CG  OD1  doub N N 66  
ASP CG  OD2  sing N N 67  
ASP OD2 HD2  sing N N 68  
ASP OXT HXT  sing N N 69  
CYS N   CA   sing N N 70  
CYS N   H    sing N N 71  
CYS N   H2   sing N N 72  
CYS CA  C    sing N N 73  
CYS CA  CB   sing N N 74  
CYS CA  HA   sing N N 75  
CYS C   O    doub N N 76  
CYS C   OXT  sing N N 77  
CYS CB  SG   sing N N 78  
CYS CB  HB2  sing N N 79  
CYS CB  HB3  sing N N 80  
CYS SG  HG   sing N N 81  
CYS OXT HXT  sing N N 82  
EPE N1  C2   sing N N 83  
EPE N1  C6   sing N N 84  
EPE N1  C9   sing N N 85  
EPE C2  C3   sing N N 86  
EPE C2  H21  sing N N 87  
EPE C2  H22  sing N N 88  
EPE C3  N4   sing N N 89  
EPE C3  H31  sing N N 90  
EPE C3  H32  sing N N 91  
EPE N4  C5   sing N N 92  
EPE N4  C7   sing N N 93  
EPE C5  C6   sing N N 94  
EPE C5  H51  sing N N 95  
EPE C5  H52  sing N N 96  
EPE C6  H61  sing N N 97  
EPE C6  H62  sing N N 98  
EPE C7  C8   sing N N 99  
EPE C7  H71  sing N N 100 
EPE C7  H72  sing N N 101 
EPE C8  O8   sing N N 102 
EPE C8  H81  sing N N 103 
EPE C8  H82  sing N N 104 
EPE O8  HO8  sing N N 105 
EPE C9  C10  sing N N 106 
EPE C9  H91  sing N N 107 
EPE C9  H92  sing N N 108 
EPE C10 S    sing N N 109 
EPE C10 H101 sing N N 110 
EPE C10 H102 sing N N 111 
EPE S   O1S  doub N N 112 
EPE S   O2S  doub N N 113 
EPE S   O3S  sing N N 114 
EPE O3S HOS3 sing N N 115 
EVB O11 S64  doub N N 116 
EVB O9  S64  doub N N 117 
EVB S64 O10  sing N N 118 
EVB S64 C48  sing N N 119 
EVB O12 S65  doub N N 120 
EVB O13 S65  doub N N 121 
EVB C49 C48  doub Y N 122 
EVB C49 C44  sing Y N 123 
EVB C48 C47  sing Y N 124 
EVB C42 C44  sing N N 125 
EVB C42 C32  sing N N 126 
EVB S65 C34  sing N N 127 
EVB S65 O14  sing N N 128 
EVB C33 C34  doub Y N 129 
EVB C33 C32  sing Y N 130 
EVB C44 C45  doub Y N 131 
EVB C34 C35  sing Y N 132 
EVB C32 C31  doub Y N 133 
EVB O15 S66  doub N N 134 
EVB C47 C46  doub Y N 135 
EVB O17 S66  doub N N 136 
EVB C45 C46  sing Y N 137 
EVB C45 O1   sing N N 138 
EVB C35 C30  doub Y N 139 
EVB C31 O2   sing N N 140 
EVB C31 C30  sing Y N 141 
EVB S66 C26  sing N N 142 
EVB S66 O16  sing N N 143 
EVB C46 C72  sing N N 144 
EVB O32 S71  doub N N 145 
EVB C27 C26  doub Y N 146 
EVB C27 C22  sing Y N 147 
EVB C14 C22  sing N N 148 
EVB C14 C12  sing N N 149 
EVB C26 C25  sing Y N 150 
EVB C22 C23  doub Y N 151 
EVB C30 C28  sing N N 152 
EVB O30 S71  doub N N 153 
EVB C25 C24  doub Y N 154 
EVB C23 C24  sing Y N 155 
EVB C23 O3   sing N N 156 
EVB C24 C28  sing N N 157 
EVB S71 C52  sing N N 158 
EVB S71 O31  sing N N 159 
EVB C53 C52  doub Y N 160 
EVB C53 C54  sing Y N 161 
EVB C12 C11  doub Y N 162 
EVB C12 C13  sing Y N 163 
EVB C52 C51  sing Y N 164 
EVB C72 C54  sing N N 165 
EVB O19 S67  doub N N 166 
EVB C54 C55  doub Y N 167 
EVB C11 C10  sing Y N 168 
EVB C51 C50  doub Y N 169 
EVB C55 C50  sing Y N 170 
EVB C55 O8   sing N N 171 
EVB C50 C43  sing N N 172 
EVB O4  C13  sing N N 173 
EVB O23 S68  doub N N 174 
EVB C43 C40  sing N N 175 
EVB C13 C8   doub Y N 176 
EVB C15 C4   sing N N 177 
EVB C15 C16  sing N N 178 
EVB C10 S67  sing N N 179 
EVB C10 C9   doub Y N 180 
EVB S67 O18  doub N N 181 
EVB S67 O20  sing N N 182 
EVB C4  C5   doub Y N 183 
EVB C4  C3   sing Y N 184 
EVB C5  C6   sing Y N 185 
EVB O5  C3   sing N N 186 
EVB O7  C41  sing N N 187 
EVB C3  C2   doub Y N 188 
EVB C8  C9   sing Y N 189 
EVB C8  C7   sing N N 190 
EVB C16 C17  doub Y N 191 
EVB C16 C21  sing Y N 192 
EVB C6  S68  sing N N 193 
EVB C6  C1   doub Y N 194 
EVB S68 O22  doub N N 195 
EVB S68 O21  sing N N 196 
EVB O6  C21  sing N N 197 
EVB C40 C41  doub Y N 198 
EVB C40 C39  sing Y N 199 
EVB C2  C1   sing Y N 200 
EVB C2  C7   sing N N 201 
EVB C17 C18  sing Y N 202 
EVB C21 C20  doub Y N 203 
EVB C41 C36  sing Y N 204 
EVB O26 S69  doub N N 205 
EVB C39 C38  doub Y N 206 
EVB C18 S69  sing N N 207 
EVB C18 C19  doub Y N 208 
EVB C20 C19  sing Y N 209 
EVB C20 C29  sing N N 210 
EVB S69 O24  doub N N 211 
EVB S69 O25  sing N N 212 
EVB C36 C29  sing N N 213 
EVB C36 C37  doub Y N 214 
EVB C38 C37  sing Y N 215 
EVB C38 S70  sing N N 216 
EVB O29 S70  doub N N 217 
EVB S70 O27  doub N N 218 
EVB S70 O28  sing N N 219 
EVB C11 H1   sing N N 220 
EVB C14 H2   sing N N 221 
EVB C14 H3   sing N N 222 
EVB C15 H4   sing N N 223 
EVB C15 H5   sing N N 224 
EVB C17 H6   sing N N 225 
EVB C19 H7   sing N N 226 
EVB C1  H8   sing N N 227 
EVB C5  H9   sing N N 228 
EVB C7  H10  sing N N 229 
EVB C7  H11  sing N N 230 
EVB C9  H12  sing N N 231 
EVB C25 H13  sing N N 232 
EVB C27 H14  sing N N 233 
EVB C28 H15  sing N N 234 
EVB C28 H16  sing N N 235 
EVB C29 H17  sing N N 236 
EVB C29 H18  sing N N 237 
EVB C33 H19  sing N N 238 
EVB C35 H20  sing N N 239 
EVB C37 H21  sing N N 240 
EVB C39 H22  sing N N 241 
EVB C42 H23  sing N N 242 
EVB C42 H24  sing N N 243 
EVB C43 H25  sing N N 244 
EVB C43 H26  sing N N 245 
EVB C47 H27  sing N N 246 
EVB C49 H28  sing N N 247 
EVB C51 H29  sing N N 248 
EVB C53 H30  sing N N 249 
EVB O1  H31  sing N N 250 
EVB O2  H32  sing N N 251 
EVB O3  H33  sing N N 252 
EVB O4  H34  sing N N 253 
EVB O5  H35  sing N N 254 
EVB O6  H36  sing N N 255 
EVB O7  H37  sing N N 256 
EVB O8  H38  sing N N 257 
EVB C72 H39  sing N N 258 
EVB C72 H40  sing N N 259 
EVB O14 H41  sing N N 260 
EVB O16 H42  sing N N 261 
EVB O20 H43  sing N N 262 
EVB O21 H44  sing N N 263 
EVB O10 H45  sing N N 264 
EVB O31 H46  sing N N 265 
EVB O28 H47  sing N N 266 
EVB O25 H48  sing N N 267 
GLN N   CA   sing N N 268 
GLN N   H    sing N N 269 
GLN N   H2   sing N N 270 
GLN CA  C    sing N N 271 
GLN CA  CB   sing N N 272 
GLN CA  HA   sing N N 273 
GLN C   O    doub N N 274 
GLN C   OXT  sing N N 275 
GLN CB  CG   sing N N 276 
GLN CB  HB2  sing N N 277 
GLN CB  HB3  sing N N 278 
GLN CG  CD   sing N N 279 
GLN CG  HG2  sing N N 280 
GLN CG  HG3  sing N N 281 
GLN CD  OE1  doub N N 282 
GLN CD  NE2  sing N N 283 
GLN NE2 HE21 sing N N 284 
GLN NE2 HE22 sing N N 285 
GLN OXT HXT  sing N N 286 
GLU N   CA   sing N N 287 
GLU N   H    sing N N 288 
GLU N   H2   sing N N 289 
GLU CA  C    sing N N 290 
GLU CA  CB   sing N N 291 
GLU CA  HA   sing N N 292 
GLU C   O    doub N N 293 
GLU C   OXT  sing N N 294 
GLU CB  CG   sing N N 295 
GLU CB  HB2  sing N N 296 
GLU CB  HB3  sing N N 297 
GLU CG  CD   sing N N 298 
GLU CG  HG2  sing N N 299 
GLU CG  HG3  sing N N 300 
GLU CD  OE1  doub N N 301 
GLU CD  OE2  sing N N 302 
GLU OE2 HE2  sing N N 303 
GLU OXT HXT  sing N N 304 
GLY N   CA   sing N N 305 
GLY N   H    sing N N 306 
GLY N   H2   sing N N 307 
GLY CA  C    sing N N 308 
GLY CA  HA2  sing N N 309 
GLY CA  HA3  sing N N 310 
GLY C   O    doub N N 311 
GLY C   OXT  sing N N 312 
GLY OXT HXT  sing N N 313 
HEC FE  NA   sing N N 314 
HEC FE  NB   sing N N 315 
HEC FE  NC   sing N N 316 
HEC FE  ND   sing N N 317 
HEC CHA C1A  doub N N 318 
HEC CHA C4D  sing N N 319 
HEC CHA HHA  sing N N 320 
HEC CHB C4A  doub N N 321 
HEC CHB C1B  sing N N 322 
HEC CHB HHB  sing N N 323 
HEC CHC C4B  doub N N 324 
HEC CHC C1C  sing N N 325 
HEC CHC HHC  sing N N 326 
HEC CHD C4C  doub N N 327 
HEC CHD C1D  sing N N 328 
HEC CHD HHD  sing N N 329 
HEC NA  C1A  sing Y N 330 
HEC NA  C4A  sing Y N 331 
HEC C1A C2A  sing Y N 332 
HEC C2A C3A  doub Y N 333 
HEC C2A CAA  sing N N 334 
HEC C3A C4A  sing Y N 335 
HEC C3A CMA  sing N N 336 
HEC CMA HMA1 sing N N 337 
HEC CMA HMA2 sing N N 338 
HEC CMA HMA3 sing N N 339 
HEC CAA CBA  sing N N 340 
HEC CAA HAA1 sing N N 341 
HEC CAA HAA2 sing N N 342 
HEC CBA CGA  sing N N 343 
HEC CBA HBA1 sing N N 344 
HEC CBA HBA2 sing N N 345 
HEC CGA O1A  doub N N 346 
HEC CGA O2A  sing N N 347 
HEC O2A H2A  sing N N 348 
HEC NB  C1B  sing Y N 349 
HEC NB  C4B  sing Y N 350 
HEC C1B C2B  doub Y N 351 
HEC C2B C3B  sing Y N 352 
HEC C2B CMB  sing N N 353 
HEC C3B C4B  sing Y N 354 
HEC C3B CAB  doub N E 355 
HEC CMB HMB1 sing N N 356 
HEC CMB HMB2 sing N N 357 
HEC CMB HMB3 sing N N 358 
HEC CAB CBB  sing N N 359 
HEC CAB HAB  sing N N 360 
HEC CBB HBB1 sing N N 361 
HEC CBB HBB2 sing N N 362 
HEC CBB HBB3 sing N N 363 
HEC NC  C1C  sing Y N 364 
HEC NC  C4C  sing Y N 365 
HEC C1C C2C  doub Y N 366 
HEC C2C C3C  sing Y N 367 
HEC C2C CMC  sing N N 368 
HEC C3C C4C  sing Y N 369 
HEC C3C CAC  doub N E 370 
HEC CMC HMC1 sing N N 371 
HEC CMC HMC2 sing N N 372 
HEC CMC HMC3 sing N N 373 
HEC CAC CBC  sing N N 374 
HEC CAC HAC  sing N N 375 
HEC CBC HBC1 sing N N 376 
HEC CBC HBC2 sing N N 377 
HEC CBC HBC3 sing N N 378 
HEC ND  C1D  sing Y N 379 
HEC ND  C4D  sing Y N 380 
HEC C1D C2D  doub Y N 381 
HEC C2D C3D  sing Y N 382 
HEC C2D CMD  sing N N 383 
HEC C3D C4D  doub Y N 384 
HEC C3D CAD  sing N N 385 
HEC CMD HMD1 sing N N 386 
HEC CMD HMD2 sing N N 387 
HEC CMD HMD3 sing N N 388 
HEC CAD CBD  sing N N 389 
HEC CAD HAD1 sing N N 390 
HEC CAD HAD2 sing N N 391 
HEC CBD CGD  sing N N 392 
HEC CBD HBD1 sing N N 393 
HEC CBD HBD2 sing N N 394 
HEC CGD O1D  doub N N 395 
HEC CGD O2D  sing N N 396 
HEC O2D H2D  sing N N 397 
HIS N   CA   sing N N 398 
HIS N   H    sing N N 399 
HIS N   H2   sing N N 400 
HIS CA  C    sing N N 401 
HIS CA  CB   sing N N 402 
HIS CA  HA   sing N N 403 
HIS C   O    doub N N 404 
HIS C   OXT  sing N N 405 
HIS CB  CG   sing N N 406 
HIS CB  HB2  sing N N 407 
HIS CB  HB3  sing N N 408 
HIS CG  ND1  sing Y N 409 
HIS CG  CD2  doub Y N 410 
HIS ND1 CE1  doub Y N 411 
HIS ND1 HD1  sing N N 412 
HIS CD2 NE2  sing Y N 413 
HIS CD2 HD2  sing N N 414 
HIS CE1 NE2  sing Y N 415 
HIS CE1 HE1  sing N N 416 
HIS NE2 HE2  sing N N 417 
HIS OXT HXT  sing N N 418 
HOH O   H1   sing N N 419 
HOH O   H2   sing N N 420 
ILE N   CA   sing N N 421 
ILE N   H    sing N N 422 
ILE N   H2   sing N N 423 
ILE CA  C    sing N N 424 
ILE CA  CB   sing N N 425 
ILE CA  HA   sing N N 426 
ILE C   O    doub N N 427 
ILE C   OXT  sing N N 428 
ILE CB  CG1  sing N N 429 
ILE CB  CG2  sing N N 430 
ILE CB  HB   sing N N 431 
ILE CG1 CD1  sing N N 432 
ILE CG1 HG12 sing N N 433 
ILE CG1 HG13 sing N N 434 
ILE CG2 HG21 sing N N 435 
ILE CG2 HG22 sing N N 436 
ILE CG2 HG23 sing N N 437 
ILE CD1 HD11 sing N N 438 
ILE CD1 HD12 sing N N 439 
ILE CD1 HD13 sing N N 440 
ILE OXT HXT  sing N N 441 
LEU N   CA   sing N N 442 
LEU N   H    sing N N 443 
LEU N   H2   sing N N 444 
LEU CA  C    sing N N 445 
LEU CA  CB   sing N N 446 
LEU CA  HA   sing N N 447 
LEU C   O    doub N N 448 
LEU C   OXT  sing N N 449 
LEU CB  CG   sing N N 450 
LEU CB  HB2  sing N N 451 
LEU CB  HB3  sing N N 452 
LEU CG  CD1  sing N N 453 
LEU CG  CD2  sing N N 454 
LEU CG  HG   sing N N 455 
LEU CD1 HD11 sing N N 456 
LEU CD1 HD12 sing N N 457 
LEU CD1 HD13 sing N N 458 
LEU CD2 HD21 sing N N 459 
LEU CD2 HD22 sing N N 460 
LEU CD2 HD23 sing N N 461 
LEU OXT HXT  sing N N 462 
LYS N   CA   sing N N 463 
LYS N   H    sing N N 464 
LYS N   H2   sing N N 465 
LYS CA  C    sing N N 466 
LYS CA  CB   sing N N 467 
LYS CA  HA   sing N N 468 
LYS C   O    doub N N 469 
LYS C   OXT  sing N N 470 
LYS CB  CG   sing N N 471 
LYS CB  HB2  sing N N 472 
LYS CB  HB3  sing N N 473 
LYS CG  CD   sing N N 474 
LYS CG  HG2  sing N N 475 
LYS CG  HG3  sing N N 476 
LYS CD  CE   sing N N 477 
LYS CD  HD2  sing N N 478 
LYS CD  HD3  sing N N 479 
LYS CE  NZ   sing N N 480 
LYS CE  HE2  sing N N 481 
LYS CE  HE3  sing N N 482 
LYS NZ  HZ1  sing N N 483 
LYS NZ  HZ2  sing N N 484 
LYS NZ  HZ3  sing N N 485 
LYS OXT HXT  sing N N 486 
MET N   CA   sing N N 487 
MET N   H    sing N N 488 
MET N   H2   sing N N 489 
MET CA  C    sing N N 490 
MET CA  CB   sing N N 491 
MET CA  HA   sing N N 492 
MET C   O    doub N N 493 
MET C   OXT  sing N N 494 
MET CB  CG   sing N N 495 
MET CB  HB2  sing N N 496 
MET CB  HB3  sing N N 497 
MET CG  SD   sing N N 498 
MET CG  HG2  sing N N 499 
MET CG  HG3  sing N N 500 
MET SD  CE   sing N N 501 
MET CE  HE1  sing N N 502 
MET CE  HE2  sing N N 503 
MET CE  HE3  sing N N 504 
MET OXT HXT  sing N N 505 
PHE N   CA   sing N N 506 
PHE N   H    sing N N 507 
PHE N   H2   sing N N 508 
PHE CA  C    sing N N 509 
PHE CA  CB   sing N N 510 
PHE CA  HA   sing N N 511 
PHE C   O    doub N N 512 
PHE C   OXT  sing N N 513 
PHE CB  CG   sing N N 514 
PHE CB  HB2  sing N N 515 
PHE CB  HB3  sing N N 516 
PHE CG  CD1  doub Y N 517 
PHE CG  CD2  sing Y N 518 
PHE CD1 CE1  sing Y N 519 
PHE CD1 HD1  sing N N 520 
PHE CD2 CE2  doub Y N 521 
PHE CD2 HD2  sing N N 522 
PHE CE1 CZ   doub Y N 523 
PHE CE1 HE1  sing N N 524 
PHE CE2 CZ   sing Y N 525 
PHE CE2 HE2  sing N N 526 
PHE CZ  HZ   sing N N 527 
PHE OXT HXT  sing N N 528 
PRO N   CA   sing N N 529 
PRO N   CD   sing N N 530 
PRO N   H    sing N N 531 
PRO CA  C    sing N N 532 
PRO CA  CB   sing N N 533 
PRO CA  HA   sing N N 534 
PRO C   O    doub N N 535 
PRO C   OXT  sing N N 536 
PRO CB  CG   sing N N 537 
PRO CB  HB2  sing N N 538 
PRO CB  HB3  sing N N 539 
PRO CG  CD   sing N N 540 
PRO CG  HG2  sing N N 541 
PRO CG  HG3  sing N N 542 
PRO CD  HD2  sing N N 543 
PRO CD  HD3  sing N N 544 
PRO OXT HXT  sing N N 545 
SER N   CA   sing N N 546 
SER N   H    sing N N 547 
SER N   H2   sing N N 548 
SER CA  C    sing N N 549 
SER CA  CB   sing N N 550 
SER CA  HA   sing N N 551 
SER C   O    doub N N 552 
SER C   OXT  sing N N 553 
SER CB  OG   sing N N 554 
SER CB  HB2  sing N N 555 
SER CB  HB3  sing N N 556 
SER OG  HG   sing N N 557 
SER OXT HXT  sing N N 558 
SO4 S   O1   doub N N 559 
SO4 S   O2   doub N N 560 
SO4 S   O3   sing N N 561 
SO4 S   O4   sing N N 562 
THR N   CA   sing N N 563 
THR N   H    sing N N 564 
THR N   H2   sing N N 565 
THR CA  C    sing N N 566 
THR CA  CB   sing N N 567 
THR CA  HA   sing N N 568 
THR C   O    doub N N 569 
THR C   OXT  sing N N 570 
THR CB  OG1  sing N N 571 
THR CB  CG2  sing N N 572 
THR CB  HB   sing N N 573 
THR OG1 HG1  sing N N 574 
THR CG2 HG21 sing N N 575 
THR CG2 HG22 sing N N 576 
THR CG2 HG23 sing N N 577 
THR OXT HXT  sing N N 578 
TRP N   CA   sing N N 579 
TRP N   H    sing N N 580 
TRP N   H2   sing N N 581 
TRP CA  C    sing N N 582 
TRP CA  CB   sing N N 583 
TRP CA  HA   sing N N 584 
TRP C   O    doub N N 585 
TRP C   OXT  sing N N 586 
TRP CB  CG   sing N N 587 
TRP CB  HB2  sing N N 588 
TRP CB  HB3  sing N N 589 
TRP CG  CD1  doub Y N 590 
TRP CG  CD2  sing Y N 591 
TRP CD1 NE1  sing Y N 592 
TRP CD1 HD1  sing N N 593 
TRP CD2 CE2  doub Y N 594 
TRP CD2 CE3  sing Y N 595 
TRP NE1 CE2  sing Y N 596 
TRP NE1 HE1  sing N N 597 
TRP CE2 CZ2  sing Y N 598 
TRP CE3 CZ3  doub Y N 599 
TRP CE3 HE3  sing N N 600 
TRP CZ2 CH2  doub Y N 601 
TRP CZ2 HZ2  sing N N 602 
TRP CZ3 CH2  sing Y N 603 
TRP CZ3 HZ3  sing N N 604 
TRP CH2 HH2  sing N N 605 
TRP OXT HXT  sing N N 606 
TYR N   CA   sing N N 607 
TYR N   H    sing N N 608 
TYR N   H2   sing N N 609 
TYR CA  C    sing N N 610 
TYR CA  CB   sing N N 611 
TYR CA  HA   sing N N 612 
TYR C   O    doub N N 613 
TYR C   OXT  sing N N 614 
TYR CB  CG   sing N N 615 
TYR CB  HB2  sing N N 616 
TYR CB  HB3  sing N N 617 
TYR CG  CD1  doub Y N 618 
TYR CG  CD2  sing Y N 619 
TYR CD1 CE1  sing Y N 620 
TYR CD1 HD1  sing N N 621 
TYR CD2 CE2  doub Y N 622 
TYR CD2 HD2  sing N N 623 
TYR CE1 CZ   doub Y N 624 
TYR CE1 HE1  sing N N 625 
TYR CE2 CZ   sing Y N 626 
TYR CE2 HE2  sing N N 627 
TYR CZ  OH   sing N N 628 
TYR OH  HH   sing N N 629 
TYR OXT HXT  sing N N 630 
VAL N   CA   sing N N 631 
VAL N   H    sing N N 632 
VAL N   H2   sing N N 633 
VAL CA  C    sing N N 634 
VAL CA  CB   sing N N 635 
VAL CA  HA   sing N N 636 
VAL C   O    doub N N 637 
VAL C   OXT  sing N N 638 
VAL CB  CG1  sing N N 639 
VAL CB  CG2  sing N N 640 
VAL CB  HB   sing N N 641 
VAL CG1 HG11 sing N N 642 
VAL CG1 HG12 sing N N 643 
VAL CG1 HG13 sing N N 644 
VAL CG2 HG21 sing N N 645 
VAL CG2 HG22 sing N N 646 
VAL CG2 HG23 sing N N 647 
VAL OXT HXT  sing N N 648 
# 
_pdbx_audit_support.funding_organization   'Science Foundation Ireland' 
_pdbx_audit_support.country                Ireland 
_pdbx_audit_support.grant_number           '13/ERC/B2912 and 13/CDA/2168' 
_pdbx_audit_support.ordinal                1 
# 
_pdbx_initial_refinement_model.id               1 
_pdbx_initial_refinement_model.entity_id_list   ? 
_pdbx_initial_refinement_model.type             'experimental model' 
_pdbx_initial_refinement_model.source_name      PDB 
_pdbx_initial_refinement_model.accession_code   1YCC 
_pdbx_initial_refinement_model.details          ? 
# 
_atom_sites.entry_id                    6GD9 
_atom_sites.fract_transf_matrix[1][1]   -0.00749950 
_atom_sites.fract_transf_matrix[1][2]   -0.00526900 
_atom_sites.fract_transf_matrix[1][3]   -0.00358884 
_atom_sites.fract_transf_matrix[2][1]   0.00461806 
_atom_sites.fract_transf_matrix[2][2]   -0.00067000 
_atom_sites.fract_transf_matrix[2][3]   -0.00866656 
_atom_sites.fract_transf_matrix[3][1]   0.00516071 
_atom_sites.fract_transf_matrix[3][2]   -0.00973082 
_atom_sites.fract_transf_matrix[3][3]   0.00350221 
_atom_sites.fract_transf_vector[1]      -0.312827 
_atom_sites.fract_transf_vector[2]      -0.050648 
_atom_sites.fract_transf_vector[3]      -0.020412 
# 
loop_
_atom_type.symbol 
C  
FE 
N  
O  
S  
# 
loop_
_atom_site.group_PDB 
_atom_site.id 
_atom_site.type_symbol 
_atom_site.label_atom_id 
_atom_site.label_alt_id 
_atom_site.label_comp_id 
_atom_site.label_asym_id 
_atom_site.label_entity_id 
_atom_site.label_seq_id 
_atom_site.pdbx_PDB_ins_code 
_atom_site.Cartn_x 
_atom_site.Cartn_y 
_atom_site.Cartn_z 
_atom_site.occupancy 
_atom_site.B_iso_or_equiv 
_atom_site.pdbx_formal_charge 
_atom_site.auth_seq_id 
_atom_site.auth_comp_id 
_atom_site.auth_asym_id 
_atom_site.auth_atom_id 
_atom_site.pdbx_PDB_model_num 
ATOM   1    N  N   . ALA A 1 1   ? -15.761 -7.185  -7.257  1.00 76.82  ? -5  ALA A N   1 
ATOM   2    C  CA  . ALA A 1 1   ? -14.774 -6.632  -8.234  1.00 78.09  ? -5  ALA A CA  1 
ATOM   3    C  C   . ALA A 1 1   ? -14.201 -5.302  -7.745  1.00 77.24  ? -5  ALA A C   1 
ATOM   4    O  O   . ALA A 1 1   ? -12.981 -5.128  -7.696  1.00 79.23  ? -5  ALA A O   1 
ATOM   5    C  CB  . ALA A 1 1   ? -15.417 -6.465  -9.605  1.00 78.74  ? -5  ALA A CB  1 
ATOM   6    N  N   . GLU A 1 2   ? -15.085 -4.371  -7.390  1.00 73.65  ? -4  GLU A N   1 
ATOM   7    C  CA  . GLU A 1 2   ? -14.674 -3.081  -6.832  1.00 70.96  ? -4  GLU A CA  1 
ATOM   8    C  C   . GLU A 1 2   ? -14.490 -3.163  -5.320  1.00 66.98  ? -4  GLU A C   1 
ATOM   9    O  O   . GLU A 1 2   ? -14.962 -4.102  -4.676  1.00 67.66  ? -4  GLU A O   1 
ATOM   10   C  CB  . GLU A 1 2   ? -15.690 -1.986  -7.169  1.00 72.38  ? -4  GLU A CB  1 
ATOM   11   C  CG  . GLU A 1 2   ? -15.632 -1.506  -8.611  1.00 74.07  ? -4  GLU A CG  1 
ATOM   12   C  CD  . GLU A 1 2   ? -16.041 -0.052  -8.768  1.00 75.70  ? -4  GLU A CD  1 
ATOM   13   O  OE1 . GLU A 1 2   ? -16.859 0.440   -7.959  1.00 77.29  ? -4  GLU A OE1 1 
ATOM   14   O  OE2 . GLU A 1 2   ? -15.542 0.605   -9.706  1.00 76.77  ? -4  GLU A OE2 1 
ATOM   15   N  N   . PHE A 1 3   ? -13.801 -2.169  -4.765  1.00 61.75  ? -3  PHE A N   1 
ATOM   16   C  CA  . PHE A 1 3   ? -13.557 -2.102  -3.327  1.00 57.88  ? -3  PHE A CA  1 
ATOM   17   C  C   . PHE A 1 3   ? -14.856 -1.875  -2.556  1.00 57.72  ? -3  PHE A C   1 
ATOM   18   O  O   . PHE A 1 3   ? -15.664 -1.023  -2.926  1.00 57.21  ? -3  PHE A O   1 
ATOM   19   C  CB  . PHE A 1 3   ? -12.560 -0.984  -2.997  1.00 55.01  ? -3  PHE A CB  1 
ATOM   20   C  CG  . PHE A 1 3   ? -12.451 -0.679  -1.526  1.00 52.10  ? -3  PHE A CG  1 
ATOM   21   C  CD1 . PHE A 1 3   ? -11.660 -1.463  -0.698  1.00 50.94  ? -3  PHE A CD1 1 
ATOM   22   C  CD2 . PHE A 1 3   ? -13.142 0.391   -0.970  1.00 50.30  ? -3  PHE A CD2 1 
ATOM   23   C  CE1 . PHE A 1 3   ? -11.561 -1.186  0.655   1.00 49.96  ? -3  PHE A CE1 1 
ATOM   24   C  CE2 . PHE A 1 3   ? -13.047 0.674   0.382   1.00 49.76  ? -3  PHE A CE2 1 
ATOM   25   C  CZ  . PHE A 1 3   ? -12.255 -0.116  1.197   1.00 49.67  ? -3  PHE A CZ  1 
ATOM   26   N  N   . LYS A 1 4   ? -15.040 -2.655  -1.492  1.00 57.72  ? -2  LYS A N   1 
ATOM   27   C  CA  . LYS A 1 4   ? -16.146 -2.481  -0.560  1.00 57.96  ? -2  LYS A CA  1 
ATOM   28   C  C   . LYS A 1 4   ? -15.578 -2.467  0.851   1.00 54.82  ? -2  LYS A C   1 
ATOM   29   O  O   . LYS A 1 4   ? -14.810 -3.357  1.218   1.00 54.28  ? -2  LYS A O   1 
ATOM   30   C  CB  . LYS A 1 4   ? -17.147 -3.629  -0.687  1.00 62.38  ? -2  LYS A CB  1 
ATOM   31   C  CG  . LYS A 1 4   ? -17.758 -3.785  -2.072  1.00 66.34  ? -2  LYS A CG  1 
ATOM   32   C  CD  . LYS A 1 4   ? -18.793 -4.901  -2.089  1.00 68.68  ? -2  LYS A CD  1 
ATOM   33   C  CE  . LYS A 1 4   ? -19.501 -4.991  -3.431  1.00 70.65  ? -2  LYS A CE  1 
ATOM   34   N  NZ  . LYS A 1 4   ? -20.712 -5.857  -3.360  1.00 71.54  ? -2  LYS A NZ  1 
ATOM   35   N  N   . ALA A 1 5   ? -15.958 -1.464  1.640   1.00 51.09  ? -1  ALA A N   1 
ATOM   36   C  CA  . ALA A 1 5   ? -15.447 -1.317  3.002   1.00 49.34  ? -1  ALA A CA  1 
ATOM   37   C  C   . ALA A 1 5   ? -15.714 -2.573  3.824   1.00 47.80  ? -1  ALA A C   1 
ATOM   38   O  O   . ALA A 1 5   ? -16.747 -3.217  3.658   1.00 48.26  ? -1  ALA A O   1 
ATOM   39   C  CB  . ALA A 1 5   ? -16.073 -0.105  3.675   1.00 49.78  ? -1  ALA A CB  1 
ATOM   40   N  N   . GLY A 1 6   ? -14.775 -2.913  4.703   1.00 46.01  ? 1   GLY A N   1 
ATOM   41   C  CA  . GLY A 1 6   ? -14.846 -4.142  5.487   1.00 44.54  ? 1   GLY A CA  1 
ATOM   42   C  C   . GLY A 1 6   ? -14.381 -3.951  6.915   1.00 43.74  ? 1   GLY A C   1 
ATOM   43   O  O   . GLY A 1 6   ? -14.726 -2.956  7.554   1.00 44.15  ? 1   GLY A O   1 
ATOM   44   N  N   . SER A 1 7   ? -13.597 -4.905  7.413   1.00 42.34  ? 2   SER A N   1 
ATOM   45   C  CA  . SER A 1 7   ? -13.179 -4.926  8.814   1.00 41.55  ? 2   SER A CA  1 
ATOM   46   C  C   . SER A 1 7   ? -11.795 -4.314  8.995   1.00 40.85  ? 2   SER A C   1 
ATOM   47   O  O   . SER A 1 7   ? -10.787 -4.923  8.633   1.00 41.62  ? 2   SER A O   1 
ATOM   48   C  CB  . SER A 1 7   ? -13.184 -6.362  9.348   1.00 41.61  ? 2   SER A CB  1 
ATOM   49   O  OG  . SER A 1 7   ? -12.736 -6.413  10.695  1.00 41.69  ? 2   SER A OG  1 
ATOM   50   N  N   . ALA A 1 8   ? -11.757 -3.114  9.570   1.00 39.94  ? 3   ALA A N   1 
ATOM   51   C  CA  . ALA A 1 8   ? -10.501 -2.434  9.882   1.00 39.30  ? 3   ALA A CA  1 
ATOM   52   C  C   . ALA A 1 8   ? -9.724  -3.155  10.989  1.00 39.11  ? 3   ALA A C   1 
ATOM   53   O  O   . ALA A 1 8   ? -8.491  -3.094  11.028  1.00 38.69  ? 3   ALA A O   1 
ATOM   54   C  CB  . ALA A 1 8   ? -10.769 -0.987  10.274  1.00 39.19  ? 3   ALA A CB  1 
ATOM   55   N  N   . LYS A 1 9   ? -10.447 -3.830  11.881  1.00 39.40  ? 4   LYS A N   1 
ATOM   56   C  CA  . LYS A 1 9   ? -9.838  -4.671  12.914  1.00 39.49  ? 4   LYS A CA  1 
ATOM   57   C  C   . LYS A 1 9   ? -9.028  -5.804  12.276  1.00 38.76  ? 4   LYS A C   1 
ATOM   58   O  O   . LYS A 1 9   ? -7.879  -6.047  12.654  1.00 38.93  ? 4   LYS A O   1 
ATOM   59   C  CB  . LYS A 1 9   ? -10.926 -5.248  13.829  1.00 40.06  ? 4   LYS A CB  1 
ATOM   60   C  CG  . LYS A 1 9   ? -10.426 -6.131  14.966  1.00 40.17  ? 4   LYS A CG  1 
ATOM   61   C  CD  . LYS A 1 9   ? -9.803  -5.313  16.081  1.00 40.63  ? 4   LYS A CD  1 
ATOM   62   C  CE  . LYS A 1 9   ? -9.334  -6.209  17.215  1.00 40.89  ? 4   LYS A CE  1 
ATOM   63   N  NZ  . LYS A 1 9   ? -8.918  -5.414  18.402  1.00 41.50  ? 4   LYS A NZ  1 
ATOM   64   N  N   . LYS A 1 10  ? -9.639  -6.496  11.318  1.00 37.59  ? 5   LYS A N   1 
ATOM   65   C  CA  . LYS A 1 10  ? -8.954  -7.548  10.568  1.00 37.11  ? 5   LYS A CA  1 
ATOM   66   C  C   . LYS A 1 10  ? -7.849  -6.941  9.706   1.00 36.29  ? 5   LYS A C   1 
ATOM   67   O  O   . LYS A 1 10  ? -6.768  -7.514  9.589   1.00 35.97  ? 5   LYS A O   1 
ATOM   68   C  CB  . LYS A 1 10  ? -9.953  -8.320  9.695   1.00 37.39  ? 5   LYS A CB  1 
ATOM   69   C  CG  . LYS A 1 10  ? -9.358  -9.425  8.827   1.00 37.52  ? 5   LYS A CG  1 
ATOM   70   C  CD  . LYS A 1 10  ? -8.835  -10.588 9.655   1.00 37.82  ? 5   LYS A CD  1 
ATOM   71   C  CE  . LYS A 1 10  ? -8.199  -11.660 8.784   1.00 37.81  ? 5   LYS A CE  1 
ATOM   72   N  NZ  . LYS A 1 10  ? -9.144  -12.208 7.773   1.00 37.95  ? 5   LYS A NZ  1 
ATOM   73   N  N   . GLY A 1 11  ? -8.132  -5.783  9.110   1.00 35.33  ? 6   GLY A N   1 
ATOM   74   C  CA  . GLY A 1 11  ? -7.157  -5.059  8.292   1.00 34.79  ? 6   GLY A CA  1 
ATOM   75   C  C   . GLY A 1 11  ? -5.872  -4.719  9.024   1.00 34.27  ? 6   GLY A C   1 
ATOM   76   O  O   . GLY A 1 11  ? -4.787  -4.795  8.450   1.00 33.64  ? 6   GLY A O   1 
ATOM   77   N  N   . ALA A 1 12  ? -6.002  -4.338  10.293  1.00 34.16  ? 7   ALA A N   1 
ATOM   78   C  CA  . ALA A 1 12  ? -4.847  -4.048  11.144  1.00 33.96  ? 7   ALA A CA  1 
ATOM   79   C  C   . ALA A 1 12  ? -3.991  -5.296  11.384  1.00 33.80  ? 7   ALA A C   1 
ATOM   80   O  O   . ALA A 1 12  ? -2.760  -5.226  11.356  1.00 33.41  ? 7   ALA A O   1 
ATOM   81   C  CB  . ALA A 1 12  ? -5.304  -3.452  12.467  1.00 33.83  ? 7   ALA A CB  1 
ATOM   82   N  N   . THR A 1 13  ? -4.645  -6.431  11.622  1.00 33.88  ? 8   THR A N   1 
ATOM   83   C  CA  . THR A 1 13  ? -3.948  -7.710  11.775  1.00 33.51  ? 8   THR A CA  1 
ATOM   84   C  C   . THR A 1 13  ? -3.238  -8.089  10.481  1.00 33.58  ? 8   THR A C   1 
ATOM   85   O  O   . THR A 1 13  ? -2.107  -8.570  10.507  1.00 33.52  ? 8   THR A O   1 
ATOM   86   C  CB  . THR A 1 13  ? -4.916  -8.833  12.200  1.00 32.98  ? 8   THR A CB  1 
ATOM   87   O  OG1 . THR A 1 13  ? -5.358  -8.586  13.538  1.00 32.98  ? 8   THR A OG1 1 
ATOM   88   C  CG2 . THR A 1 13  ? -4.247  -10.200 12.151  1.00 33.03  ? 8   THR A CG2 1 
ATOM   89   N  N   . LEU A 1 14  ? -3.904  -7.865  9.353   1.00 34.21  ? 9   LEU A N   1 
ATOM   90   C  CA  . LEU A 1 14  ? -3.303  -8.111  8.047   1.00 34.81  ? 9   LEU A CA  1 
ATOM   91   C  C   . LEU A 1 14  ? -2.066  -7.247  7.842   1.00 35.49  ? 9   LEU A C   1 
ATOM   92   O  O   . LEU A 1 14  ? -1.051  -7.729  7.343   1.00 35.57  ? 9   LEU A O   1 
ATOM   93   C  CB  . LEU A 1 14  ? -4.312  -7.866  6.921   1.00 34.79  ? 9   LEU A CB  1 
ATOM   94   C  CG  . LEU A 1 14  ? -5.383  -8.952  6.766   1.00 35.14  ? 9   LEU A CG  1 
ATOM   95   C  CD1 . LEU A 1 14  ? -6.527  -8.456  5.891   1.00 35.04  ? 9   LEU A CD1 1 
ATOM   96   C  CD2 . LEU A 1 14  ? -4.784  -10.240 6.210   1.00 34.78  ? 9   LEU A CD2 1 
ATOM   97   N  N   . PHE A 1 15  ? -2.146  -5.980  8.238   1.00 36.47  ? 10  PHE A N   1 
ATOM   98   C  CA  . PHE A 1 15  ? -1.011  -5.079  8.094   1.00 37.28  ? 10  PHE A CA  1 
ATOM   99   C  C   . PHE A 1 15  ? 0.193   -5.551  8.908   1.00 38.20  ? 10  PHE A C   1 
ATOM   100  O  O   . PHE A 1 15  ? 1.316   -5.538  8.409   1.00 38.51  ? 10  PHE A O   1 
ATOM   101  C  CB  . PHE A 1 15  ? -1.375  -3.646  8.486   1.00 37.48  ? 10  PHE A CB  1 
ATOM   102  C  CG  . PHE A 1 15  ? -0.339  -2.637  8.075   1.00 38.21  ? 10  PHE A CG  1 
ATOM   103  C  CD1 . PHE A 1 15  ? -0.396  -2.037  6.824   1.00 38.32  ? 10  PHE A CD1 1 
ATOM   104  C  CD2 . PHE A 1 15  ? 0.711   -2.310  8.926   1.00 38.42  ? 10  PHE A CD2 1 
ATOM   105  C  CE1 . PHE A 1 15  ? 0.565   -1.119  6.438   1.00 38.76  ? 10  PHE A CE1 1 
ATOM   106  C  CE2 . PHE A 1 15  ? 1.675   -1.392  8.545   1.00 38.33  ? 10  PHE A CE2 1 
ATOM   107  C  CZ  . PHE A 1 15  ? 1.601   -0.795  7.299   1.00 38.64  ? 10  PHE A CZ  1 
ATOM   108  N  N   . LYS A 1 16  ? -0.040  -5.969  10.150  1.00 39.38  ? 11  LYS A N   1 
ATOM   109  C  CA  . LYS A 1 16  ? 1.040   -6.472  11.007  1.00 39.91  ? 11  LYS A CA  1 
ATOM   110  C  C   . LYS A 1 16  ? 1.746   -7.681  10.398  1.00 39.08  ? 11  LYS A C   1 
ATOM   111  O  O   . LYS A 1 16  ? 2.973   -7.730  10.342  1.00 38.68  ? 11  LYS A O   1 
ATOM   112  C  CB  . LYS A 1 16  ? 0.510   -6.833  12.398  1.00 41.41  ? 11  LYS A CB  1 
ATOM   113  C  CG  . LYS A 1 16  ? 0.231   -5.629  13.283  1.00 42.81  ? 11  LYS A CG  1 
ATOM   114  C  CD  . LYS A 1 16  ? -0.275  -6.033  14.661  1.00 44.36  ? 11  LYS A CD  1 
ATOM   115  C  CE  . LYS A 1 16  ? -1.677  -6.632  14.598  1.00 45.92  ? 11  LYS A CE  1 
ATOM   116  N  NZ  . LYS A 1 16  ? -2.348  -6.728  15.926  1.00 46.41  ? 11  LYS A NZ  1 
ATOM   117  N  N   . THR A 1 17  ? 0.961   -8.648  9.936   1.00 38.79  ? 12  THR A N   1 
ATOM   118  C  CA  . THR A 1 17  ? 1.502   -9.907  9.425   1.00 39.27  ? 12  THR A CA  1 
ATOM   119  C  C   . THR A 1 17  ? 2.083   -9.796  8.010   1.00 39.05  ? 12  THR A C   1 
ATOM   120  O  O   . THR A 1 17  ? 2.994   -10.546 7.656   1.00 38.82  ? 12  THR A O   1 
ATOM   121  C  CB  . THR A 1 17  ? 0.425   -11.012 9.441   1.00 39.22  ? 12  THR A CB  1 
ATOM   122  O  OG1 . THR A 1 17  ? -0.727  -10.575 8.710   1.00 39.11  ? 12  THR A OG1 1 
ATOM   123  C  CG2 . THR A 1 17  ? 0.012   -11.330 10.865  1.00 39.53  ? 12  THR A CG2 1 
ATOM   124  N  N   . ARG A 1 18  ? 1.562   -8.865  7.210   1.00 38.99  ? 13  ARG A N   1 
ATOM   125  C  CA  . ARG A 1 18  ? 1.918   -8.773  5.790   1.00 38.87  ? 13  ARG A CA  1 
ATOM   126  C  C   . ARG A 1 18  ? 2.695   -7.518  5.373   1.00 37.42  ? 13  ARG A C   1 
ATOM   127  O  O   . ARG A 1 18  ? 3.392   -7.552  4.368   1.00 36.70  ? 13  ARG A O   1 
ATOM   128  C  CB  . ARG A 1 18  ? 0.654   -8.864  4.929   1.00 40.11  ? 13  ARG A CB  1 
ATOM   129  C  CG  . ARG A 1 18  ? -0.170  -10.125 5.130   1.00 41.12  ? 13  ARG A CG  1 
ATOM   130  C  CD  . ARG A 1 18  ? 0.609   -11.388 4.782   1.00 42.22  ? 13  ARG A CD  1 
ATOM   131  N  NE  . ARG A 1 18  ? -0.232  -12.354 4.070   1.00 43.50  ? 13  ARG A NE  1 
ATOM   132  C  CZ  . ARG A 1 18  ? -0.223  -12.568 2.751   1.00 44.16  ? 13  ARG A CZ  1 
ATOM   133  N  NH1 . ARG A 1 18  ? -1.050  -13.471 2.230   1.00 44.62  ? 13  ARG A NH1 1 
ATOM   134  N  NH2 . ARG A 1 18  ? 0.599   -11.903 1.942   1.00 44.06  ? 13  ARG A NH2 1 
ATOM   135  N  N   . CYS A 1 19  ? 2.566   -6.423  6.118   1.00 36.43  ? 14  CYS A N   1 
ATOM   136  C  CA  . CYS A 1 19  ? 3.135   -5.131  5.706   1.00 35.37  ? 14  CYS A CA  1 
ATOM   137  C  C   . CYS A 1 19  ? 4.120   -4.515  6.687   1.00 35.02  ? 14  CYS A C   1 
ATOM   138  O  O   . CYS A 1 19  ? 5.123   -3.938  6.276   1.00 35.33  ? 14  CYS A O   1 
ATOM   139  C  CB  . CYS A 1 19  ? 2.012   -4.129  5.483   1.00 34.86  ? 14  CYS A CB  1 
ATOM   140  S  SG  . CYS A 1 19  ? 0.797   -4.677  4.279   1.00 34.53  ? 14  CYS A SG  1 
ATOM   141  N  N   . LEU A 1 20  ? 3.826   -4.619  7.978   1.00 35.20  ? 15  LEU A N   1 
ATOM   142  C  CA  . LEU A 1 20  ? 4.584   -3.906  9.009   1.00 35.23  ? 15  LEU A CA  1 
ATOM   143  C  C   . LEU A 1 20  ? 6.098   -4.142  8.937   1.00 34.91  ? 15  LEU A C   1 
ATOM   144  O  O   . LEU A 1 20  ? 6.874   -3.294  9.373   1.00 34.18  ? 15  LEU A O   1 
ATOM   145  C  CB  . LEU A 1 20  ? 4.045   -4.268  10.398  1.00 35.15  ? 15  LEU A CB  1 
ATOM   146  C  CG  . LEU A 1 20  ? 4.603   -3.517  11.609  1.00 35.20  ? 15  LEU A CG  1 
ATOM   147  C  CD1 . LEU A 1 20  ? 4.521   -2.011  11.420  1.00 35.36  ? 15  LEU A CD1 1 
ATOM   148  C  CD2 . LEU A 1 20  ? 3.862   -3.941  12.866  1.00 35.01  ? 15  LEU A CD2 1 
ATOM   149  N  N   . GLN A 1 21  ? 6.511   -5.281  8.386   1.00 35.02  ? 16  GLN A N   1 
ATOM   150  C  CA  . GLN A 1 21  ? 7.931   -5.574  8.194   1.00 35.82  ? 16  GLN A CA  1 
ATOM   151  C  C   . GLN A 1 21  ? 8.654   -4.505  7.367   1.00 36.22  ? 16  GLN A C   1 
ATOM   152  O  O   . GLN A 1 21  ? 9.801   -4.168  7.660   1.00 36.43  ? 16  GLN A O   1 
ATOM   153  C  CB  . GLN A 1 21  ? 8.105   -6.942  7.526   1.00 36.25  ? 16  GLN A CB  1 
ATOM   154  C  CG  . GLN A 1 21  ? 9.557   -7.352  7.323   1.00 36.68  ? 16  GLN A CG  1 
ATOM   155  C  CD  . GLN A 1 21  ? 9.705   -8.678  6.608   1.00 37.03  ? 16  GLN A CD  1 
ATOM   156  O  OE1 . GLN A 1 21  ? 8.796   -9.509  6.614   1.00 37.89  ? 16  GLN A OE1 1 
ATOM   157  N  NE2 . GLN A 1 21  ? 10.864  -8.889  5.996   1.00 37.15  ? 16  GLN A NE2 1 
ATOM   158  N  N   . CYS A 1 22  ? 7.986   -3.990  6.337   1.00 36.34  ? 17  CYS A N   1 
ATOM   159  C  CA  . CYS A 1 22  ? 8.586   -3.030  5.414   1.00 35.88  ? 17  CYS A CA  1 
ATOM   160  C  C   . CYS A 1 22  ? 7.973   -1.620  5.501   1.00 35.48  ? 17  CYS A C   1 
ATOM   161  O  O   . CYS A 1 22  ? 8.435   -0.716  4.807   1.00 35.59  ? 17  CYS A O   1 
ATOM   162  C  CB  . CYS A 1 22  ? 8.425   -3.533  3.976   1.00 36.04  ? 17  CYS A CB  1 
ATOM   163  S  SG  . CYS A 1 22  ? 9.101   -5.174  3.565   1.00 36.37  ? 17  CYS A SG  1 
ATOM   164  N  N   . HIS A 1 23  ? 6.951   -1.423  6.337   1.00 35.12  ? 18  HIS A N   1 
ATOM   165  C  CA  . HIS A 1 23  ? 6.163   -0.181  6.303   1.00 35.20  ? 18  HIS A CA  1 
ATOM   166  C  C   . HIS A 1 23  ? 5.670   0.333   7.655   1.00 35.62  ? 18  HIS A C   1 
ATOM   167  O  O   . HIS A 1 23  ? 5.355   -0.448  8.550   1.00 36.65  ? 18  HIS A O   1 
ATOM   168  C  CB  . HIS A 1 23  ? 4.932   -0.383  5.427   1.00 34.83  ? 18  HIS A CB  1 
ATOM   169  C  CG  . HIS A 1 23  ? 5.230   -0.444  3.967   1.00 34.15  ? 18  HIS A CG  1 
ATOM   170  N  ND1 . HIS A 1 23  ? 5.432   0.684   3.205   1.00 34.06  ? 18  HIS A ND1 1 
ATOM   171  C  CD2 . HIS A 1 23  ? 5.336   -1.496  3.123   1.00 34.16  ? 18  HIS A CD2 1 
ATOM   172  C  CE1 . HIS A 1 23  ? 5.658   0.330   1.953   1.00 34.06  ? 18  HIS A CE1 1 
ATOM   173  N  NE2 . HIS A 1 23  ? 5.603   -0.986  1.877   1.00 33.92  ? 18  HIS A NE2 1 
ATOM   174  N  N   . THR A 1 24  ? 5.572   1.657   7.763   1.00 35.89  ? 19  THR A N   1 
ATOM   175  C  CA  . THR A 1 24  ? 4.935   2.328   8.895   1.00 36.66  ? 19  THR A CA  1 
ATOM   176  C  C   . THR A 1 24  ? 3.850   3.263   8.355   1.00 37.57  ? 19  THR A C   1 
ATOM   177  O  O   . THR A 1 24  ? 3.861   3.603   7.171   1.00 38.03  ? 19  THR A O   1 
ATOM   178  C  CB  . THR A 1 24  ? 5.958   3.123   9.733   1.00 36.78  ? 19  THR A CB  1 
ATOM   179  O  OG1 . THR A 1 24  ? 6.522   4.183   8.948   1.00 36.58  ? 19  THR A OG1 1 
ATOM   180  C  CG2 . THR A 1 24  ? 7.076   2.208   10.225  1.00 36.58  ? 19  THR A CG2 1 
ATOM   181  N  N   . VAL A 1 25  ? 2.919   3.679   9.214   1.00 38.52  ? 20  VAL A N   1 
ATOM   182  C  CA  . VAL A 1 25  ? 1.729   4.423   8.763   1.00 39.16  ? 20  VAL A CA  1 
ATOM   183  C  C   . VAL A 1 25  ? 1.514   5.815   9.377   1.00 40.32  ? 20  VAL A C   1 
ATOM   184  O  O   . VAL A 1 25  ? 0.773   6.619   8.813   1.00 39.42  ? 20  VAL A O   1 
ATOM   185  C  CB  . VAL A 1 25  ? 0.444   3.589   8.961   1.00 38.95  ? 20  VAL A CB  1 
ATOM   186  C  CG1 . VAL A 1 25  ? 0.537   2.280   8.189   1.00 38.80  ? 20  VAL A CG1 1 
ATOM   187  C  CG2 . VAL A 1 25  ? 0.181   3.315   10.435  1.00 38.87  ? 20  VAL A CG2 1 
ATOM   188  N  N   . GLU A 1 26  ? 2.136   6.100   10.521  1.00 42.42  ? 21  GLU A N   1 
ATOM   189  C  CA  . GLU A 1 26  ? 1.914   7.377   11.207  1.00 44.48  ? 21  GLU A CA  1 
ATOM   190  C  C   . GLU A 1 26  ? 2.645   8.516   10.509  1.00 44.08  ? 21  GLU A C   1 
ATOM   191  O  O   . GLU A 1 26  ? 3.591   8.291   9.751   1.00 43.18  ? 21  GLU A O   1 
ATOM   192  C  CB  . GLU A 1 26  ? 2.375   7.316   12.670  1.00 47.05  ? 21  GLU A CB  1 
ATOM   193  C  CG  . GLU A 1 26  ? 1.707   6.243   13.517  1.00 49.41  ? 21  GLU A CG  1 
ATOM   194  C  CD  . GLU A 1 26  ? 0.218   6.475   13.715  1.00 51.57  ? 21  GLU A CD  1 
ATOM   195  O  OE1 . GLU A 1 26  ? -0.581  5.592   13.326  1.00 52.79  ? 21  GLU A OE1 1 
ATOM   196  O  OE2 . GLU A 1 26  ? -0.154  7.540   14.255  1.00 53.25  ? 21  GLU A OE2 1 
ATOM   197  N  N   . LYS A 1 27  ? 2.199   9.741   10.776  1.00 44.16  ? 22  LYS A N   1 
ATOM   198  C  CA  . LYS A 1 27  ? 2.876   10.931  10.278  1.00 44.00  ? 22  LYS A CA  1 
ATOM   199  C  C   . LYS A 1 27  ? 4.233   11.050  10.966  1.00 42.38  ? 22  LYS A C   1 
ATOM   200  O  O   . LYS A 1 27  ? 4.326   10.950  12.186  1.00 41.74  ? 22  LYS A O   1 
ATOM   201  C  CB  . LYS A 1 27  ? 2.041   12.186  10.538  1.00 45.36  ? 22  LYS A CB  1 
ATOM   202  C  CG  . LYS A 1 27  ? 2.549   13.412  9.798   1.00 47.15  ? 22  LYS A CG  1 
ATOM   203  C  CD  . LYS A 1 27  ? 1.797   14.680  10.171  1.00 48.24  ? 22  LYS A CD  1 
ATOM   204  C  CE  . LYS A 1 27  ? 2.280   15.855  9.329   1.00 49.37  ? 22  LYS A CE  1 
ATOM   205  N  NZ  . LYS A 1 27  ? 1.801   17.171  9.835   1.00 50.05  ? 22  LYS A NZ  1 
ATOM   206  N  N   . GLY A 1 28  ? 5.281   11.250  10.171  1.00 41.75  ? 23  GLY A N   1 
ATOM   207  C  CA  . GLY A 1 28  ? 6.647   11.307  10.683  1.00 40.98  ? 23  GLY A CA  1 
ATOM   208  C  C   . GLY A 1 28  ? 7.237   9.947   11.017  1.00 40.48  ? 23  GLY A C   1 
ATOM   209  O  O   . GLY A 1 28  ? 8.296   9.863   11.638  1.00 40.54  ? 23  GLY A O   1 
ATOM   210  N  N   . GLY A 1 29  ? 6.563   8.878   10.600  1.00 40.03  ? 24  GLY A N   1 
ATOM   211  C  CA  . GLY A 1 29  ? 7.034   7.526   10.866  1.00 39.23  ? 24  GLY A CA  1 
ATOM   212  C  C   . GLY A 1 29  ? 8.271   7.206   10.049  1.00 38.53  ? 24  GLY A C   1 
ATOM   213  O  O   . GLY A 1 29  ? 8.464   7.762   8.964   1.00 38.19  ? 24  GLY A O   1 
ATOM   214  N  N   . PRO A 1 30  ? 9.119   6.299   10.557  1.00 37.46  ? 25  PRO A N   1 
ATOM   215  C  CA  . PRO A 1 30  ? 10.376  5.994   9.887   1.00 36.92  ? 25  PRO A CA  1 
ATOM   216  C  C   . PRO A 1 30  ? 10.177  5.180   8.622   1.00 36.85  ? 25  PRO A C   1 
ATOM   217  O  O   . PRO A 1 30  ? 9.252   4.365   8.550   1.00 37.73  ? 25  PRO A O   1 
ATOM   218  C  CB  . PRO A 1 30  ? 11.124  5.157   10.925  1.00 37.15  ? 25  PRO A CB  1 
ATOM   219  C  CG  . PRO A 1 30  ? 10.043  4.473   11.686  1.00 37.48  ? 25  PRO A CG  1 
ATOM   220  C  CD  . PRO A 1 30  ? 8.912   5.459   11.750  1.00 37.29  ? 25  PRO A CD  1 
ATOM   221  N  N   . HIS A 1 31  ? 11.035  5.411   7.632   1.00 36.06  ? 26  HIS A N   1 
ATOM   222  C  CA  . HIS A 1 31  ? 11.113  4.536   6.471   1.00 35.12  ? 26  HIS A CA  1 
ATOM   223  C  C   . HIS A 1 31  ? 11.792  3.260   6.939   1.00 35.16  ? 26  HIS A C   1 
ATOM   224  O  O   . HIS A 1 31  ? 12.624  3.294   7.846   1.00 36.58  ? 26  HIS A O   1 
ATOM   225  C  CB  . HIS A 1 31  ? 11.926  5.166   5.338   1.00 34.72  ? 26  HIS A CB  1 
ATOM   226  C  CG  . HIS A 1 31  ? 11.410  6.497   4.886   1.00 34.58  ? 26  HIS A CG  1 
ATOM   227  N  ND1 . HIS A 1 31  ? 10.125  6.682   4.427   1.00 34.26  ? 26  HIS A ND1 1 
ATOM   228  C  CD2 . HIS A 1 31  ? 12.011  7.709   4.817   1.00 34.18  ? 26  HIS A CD2 1 
ATOM   229  C  CE1 . HIS A 1 31  ? 9.952   7.949   4.101   1.00 34.02  ? 26  HIS A CE1 1 
ATOM   230  N  NE2 . HIS A 1 31  ? 11.083  8.594   4.325   1.00 34.02  ? 26  HIS A NE2 1 
ATOM   231  N  N   . LYS A 1 32  ? 11.420  2.136   6.344   1.00 34.47  ? 27  LYS A N   1 
ATOM   232  C  CA  . LYS A 1 32  ? 12.087  0.868   6.607   1.00 34.46  ? 27  LYS A CA  1 
ATOM   233  C  C   . LYS A 1 32  ? 12.620  0.395   5.250   1.00 33.83  ? 27  LYS A C   1 
ATOM   234  O  O   . LYS A 1 32  ? 13.167  1.216   4.514   1.00 33.63  ? 27  LYS A O   1 
ATOM   235  C  CB  . LYS A 1 32  ? 11.122  -0.110  7.287   1.00 35.07  ? 27  LYS A CB  1 
ATOM   236  C  CG  . LYS A 1 32  ? 10.277  0.548   8.381   1.00 35.58  ? 27  LYS A CG  1 
ATOM   237  C  CD  . LYS A 1 32  ? 10.212  -0.252  9.674   1.00 35.75  ? 27  LYS A CD  1 
ATOM   238  C  CE  . LYS A 1 32  ? 9.536   -1.591  9.491   1.00 36.09  ? 27  LYS A CE  1 
ATOM   239  N  NZ  . LYS A 1 32  ? 9.176   -2.192  10.803  1.00 36.61  ? 27  LYS A NZ  1 
ATOM   240  N  N   . VAL A 1 33  ? 12.488  -0.886  4.902   1.00 32.95  ? 28  VAL A N   1 
ATOM   241  C  CA  . VAL A 1 33  ? 12.816  -1.313  3.539   1.00 32.67  ? 28  VAL A CA  1 
ATOM   242  C  C   . VAL A 1 33  ? 11.942  -0.529  2.559   1.00 31.99  ? 28  VAL A C   1 
ATOM   243  O  O   . VAL A 1 33  ? 12.432  -0.025  1.548   1.00 31.57  ? 28  VAL A O   1 
ATOM   244  C  CB  . VAL A 1 33  ? 12.626  -2.833  3.328   1.00 33.34  ? 28  VAL A CB  1 
ATOM   245  C  CG1 . VAL A 1 33  ? 12.614  -3.190  1.846   1.00 33.42  ? 28  VAL A CG1 1 
ATOM   246  C  CG2 . VAL A 1 33  ? 13.723  -3.616  4.034   1.00 33.72  ? 28  VAL A CG2 1 
ATOM   247  N  N   . GLY A 1 34  ? 10.652  -0.432  2.877   1.00 31.19  ? 29  GLY A N   1 
ATOM   248  C  CA  . GLY A 1 34  ? 9.702   0.344   2.085   1.00 30.79  ? 29  GLY A CA  1 
ATOM   249  C  C   . GLY A 1 34  ? 9.398   1.691   2.721   1.00 30.37  ? 29  GLY A C   1 
ATOM   250  O  O   . GLY A 1 34  ? 9.760   1.932   3.871   1.00 29.60  ? 29  GLY A O   1 
ATOM   251  N  N   . PRO A 1 35  ? 8.721   2.578   1.972   1.00 30.39  ? 30  PRO A N   1 
ATOM   252  C  CA  . PRO A 1 35  ? 8.412   3.924   2.451   1.00 30.53  ? 30  PRO A CA  1 
ATOM   253  C  C   . PRO A 1 35  ? 7.320   3.975   3.518   1.00 30.77  ? 30  PRO A C   1 
ATOM   254  O  O   . PRO A 1 35  ? 6.472   3.082   3.586   1.00 30.77  ? 30  PRO A O   1 
ATOM   255  C  CB  . PRO A 1 35  ? 7.919   4.635   1.186   1.00 30.48  ? 30  PRO A CB  1 
ATOM   256  C  CG  . PRO A 1 35  ? 7.359   3.548   0.343   1.00 30.48  ? 30  PRO A CG  1 
ATOM   257  C  CD  . PRO A 1 35  ? 8.256   2.371   0.589   1.00 30.55  ? 30  PRO A CD  1 
ATOM   258  N  N   . ASN A 1 36  ? 7.359   5.022   4.340   1.00 30.79  ? 31  ASN A N   1 
ATOM   259  C  CA  . ASN A 1 36  ? 6.263   5.362   5.238   1.00 30.79  ? 31  ASN A CA  1 
ATOM   260  C  C   . ASN A 1 36  ? 5.056   5.698   4.378   1.00 30.83  ? 31  ASN A C   1 
ATOM   261  O  O   . ASN A 1 36  ? 5.188   6.389   3.365   1.00 30.91  ? 31  ASN A O   1 
ATOM   262  C  CB  . ASN A 1 36  ? 6.639   6.562   6.110   1.00 31.06  ? 31  ASN A CB  1 
ATOM   263  C  CG  . ASN A 1 36  ? 5.489   7.049   6.972   1.00 31.27  ? 31  ASN A CG  1 
ATOM   264  O  OD1 . ASN A 1 36  ? 4.803   8.012   6.623   1.00 31.19  ? 31  ASN A OD1 1 
ATOM   265  N  ND2 . ASN A 1 36  ? 5.265   6.379   8.100   1.00 31.07  ? 31  ASN A ND2 1 
ATOM   266  N  N   . LEU A 1 37  ? 3.887   5.207   4.781   1.00 30.95  ? 32  LEU A N   1 
ATOM   267  C  CA  . LEU A 1 37  ? 2.693   5.273   3.944   1.00 31.24  ? 32  LEU A CA  1 
ATOM   268  C  C   . LEU A 1 37  ? 1.724   6.391   4.323   1.00 32.00  ? 32  LEU A C   1 
ATOM   269  O  O   . LEU A 1 37  ? 0.628   6.455   3.777   1.00 32.13  ? 32  LEU A O   1 
ATOM   270  C  CB  . LEU A 1 37  ? 1.964   3.926   3.982   1.00 30.91  ? 32  LEU A CB  1 
ATOM   271  C  CG  . LEU A 1 37  ? 2.755   2.746   3.415   1.00 30.92  ? 32  LEU A CG  1 
ATOM   272  C  CD1 . LEU A 1 37  ? 2.022   1.437   3.662   1.00 30.70  ? 32  LEU A CD1 1 
ATOM   273  C  CD2 . LEU A 1 37  ? 3.030   2.942   1.930   1.00 31.09  ? 32  LEU A CD2 1 
ATOM   274  N  N   . HIS A 1 38  ? 2.109   7.277   5.236   1.00 33.17  ? 33  HIS A N   1 
ATOM   275  C  CA  . HIS A 1 38  ? 1.208   8.348   5.634   1.00 34.59  ? 33  HIS A CA  1 
ATOM   276  C  C   . HIS A 1 38  ? 0.861   9.232   4.440   1.00 34.72  ? 33  HIS A C   1 
ATOM   277  O  O   . HIS A 1 38  ? 1.738   9.606   3.664   1.00 34.77  ? 33  HIS A O   1 
ATOM   278  C  CB  . HIS A 1 38  ? 1.804   9.208   6.744   1.00 35.78  ? 33  HIS A CB  1 
ATOM   279  C  CG  . HIS A 1 38  ? 0.927   10.355  7.139   1.00 37.18  ? 33  HIS A CG  1 
ATOM   280  N  ND1 . HIS A 1 38  ? -0.176  10.203  7.950   1.00 38.21  ? 33  HIS A ND1 1 
ATOM   281  C  CD2 . HIS A 1 38  ? 0.975   11.667  6.808   1.00 38.01  ? 33  HIS A CD2 1 
ATOM   282  C  CE1 . HIS A 1 38  ? -0.763  11.377  8.114   1.00 38.69  ? 33  HIS A CE1 1 
ATOM   283  N  NE2 . HIS A 1 38  ? -0.083  12.282  7.433   1.00 38.50  ? 33  HIS A NE2 1 
ATOM   284  N  N   . GLY A 1 39  ? -0.422  9.554   4.302   1.00 34.42  ? 34  GLY A N   1 
ATOM   285  C  CA  . GLY A 1 39  ? -0.901  10.416  3.227   1.00 34.19  ? 34  GLY A CA  1 
ATOM   286  C  C   . GLY A 1 39  ? -0.856  9.791   1.846   1.00 33.77  ? 34  GLY A C   1 
ATOM   287  O  O   . GLY A 1 39  ? -0.905  10.507  0.844   1.00 34.48  ? 34  GLY A O   1 
ATOM   288  N  N   . ILE A 1 40  ? -0.782  8.463   1.789   1.00 33.07  ? 35  ILE A N   1 
ATOM   289  C  CA  . ILE A 1 40  ? -0.622  7.745   0.522   1.00 33.10  ? 35  ILE A CA  1 
ATOM   290  C  C   . ILE A 1 40  ? -1.836  7.875   -0.404  1.00 33.47  ? 35  ILE A C   1 
ATOM   291  O  O   . ILE A 1 40  ? -1.669  8.007   -1.612  1.00 33.47  ? 35  ILE A O   1 
ATOM   292  C  CB  . ILE A 1 40  ? -0.278  6.245   0.748   1.00 32.97  ? 35  ILE A CB  1 
ATOM   293  C  CG1 . ILE A 1 40  ? 0.122   5.559   -0.562  1.00 32.88  ? 35  ILE A CG1 1 
ATOM   294  C  CG2 . ILE A 1 40  ? -1.437  5.490   1.395   1.00 32.86  ? 35  ILE A CG2 1 
ATOM   295  C  CD1 . ILE A 1 40  ? 1.358   6.137   -1.211  1.00 33.11  ? 35  ILE A CD1 1 
ATOM   296  N  N   . PHE A 1 41  ? -3.044  7.836   0.156   1.00 34.21  ? 36  PHE A N   1 
ATOM   297  C  CA  . PHE A 1 41  ? -4.264  7.926   -0.651  1.00 34.53  ? 36  PHE A CA  1 
ATOM   298  C  C   . PHE A 1 41  ? -4.517  9.361   -1.109  1.00 35.39  ? 36  PHE A C   1 
ATOM   299  O  O   . PHE A 1 41  ? -4.335  10.310  -0.345  1.00 35.56  ? 36  PHE A O   1 
ATOM   300  C  CB  . PHE A 1 41  ? -5.475  7.402   0.123   1.00 34.32  ? 36  PHE A CB  1 
ATOM   301  C  CG  . PHE A 1 41  ? -5.503  5.907   0.264   1.00 34.37  ? 36  PHE A CG  1 
ATOM   302  C  CD1 . PHE A 1 41  ? -5.899  5.105   -0.799  1.00 34.58  ? 36  PHE A CD1 1 
ATOM   303  C  CD2 . PHE A 1 41  ? -5.144  5.301   1.457   1.00 34.40  ? 36  PHE A CD2 1 
ATOM   304  C  CE1 . PHE A 1 41  ? -5.932  3.723   -0.676  1.00 34.69  ? 36  PHE A CE1 1 
ATOM   305  C  CE2 . PHE A 1 41  ? -5.175  3.921   1.587   1.00 34.58  ? 36  PHE A CE2 1 
ATOM   306  C  CZ  . PHE A 1 41  ? -5.569  3.131   0.522   1.00 34.66  ? 36  PHE A CZ  1 
ATOM   307  N  N   . GLY A 1 42  ? -4.940  9.505   -2.362  1.00 36.15  ? 37  GLY A N   1 
ATOM   308  C  CA  . GLY A 1 42  ? -5.116  10.816  -2.980  1.00 36.45  ? 37  GLY A CA  1 
ATOM   309  C  C   . GLY A 1 42  ? -3.792  11.489  -3.296  1.00 36.88  ? 37  GLY A C   1 
ATOM   310  O  O   . GLY A 1 42  ? -3.730  12.713  -3.423  1.00 37.77  ? 37  GLY A O   1 
ATOM   311  N  N   . ARG A 1 43  ? -2.735  10.687  -3.420  1.00 36.72  ? 38  ARG A N   1 
ATOM   312  C  CA  . ARG A 1 43  ? -1.392  11.188  -3.710  1.00 36.06  ? 38  ARG A CA  1 
ATOM   313  C  C   . ARG A 1 43  ? -0.755  10.311  -4.782  1.00 35.91  ? 38  ARG A C   1 
ATOM   314  O  O   . ARG A 1 43  ? -0.935  9.092   -4.786  1.00 35.97  ? 38  ARG A O   1 
ATOM   315  C  CB  . ARG A 1 43  ? -0.535  11.217  -2.433  1.00 35.91  ? 38  ARG A CB  1 
ATOM   316  C  CG  . ARG A 1 43  ? 0.970   11.273  -2.671  1.00 35.86  ? 38  ARG A CG  1 
ATOM   317  C  CD  . ARG A 1 43  ? 1.729   12.052  -1.603  1.00 36.04  ? 38  ARG A CD  1 
ATOM   318  N  NE  . ARG A 1 43  ? 1.786   11.404  -0.291  1.00 36.23  ? 38  ARG A NE  1 
ATOM   319  C  CZ  . ARG A 1 43  ? 2.517   10.329  0.009   1.00 36.45  ? 38  ARG A CZ  1 
ATOM   320  N  NH1 . ARG A 1 43  ? 3.255   9.716   -0.909  1.00 37.14  ? 38  ARG A NH1 1 
ATOM   321  N  NH2 . ARG A 1 43  ? 2.497   9.848   1.243   1.00 36.64  ? 38  ARG A NH2 1 
ATOM   322  N  N   . HIS A 1 44  ? -0.020  10.941  -5.695  1.00 35.90  ? 39  HIS A N   1 
ATOM   323  C  CA  . HIS A 1 44  ? 0.675   10.218  -6.755  1.00 35.40  ? 39  HIS A CA  1 
ATOM   324  C  C   . HIS A 1 44  ? 1.849   9.421   -6.202  1.00 34.81  ? 39  HIS A C   1 
ATOM   325  O  O   . HIS A 1 44  ? 2.461   9.801   -5.203  1.00 34.25  ? 39  HIS A O   1 
ATOM   326  C  CB  . HIS A 1 44  ? 1.154   11.179  -7.840  1.00 35.53  ? 39  HIS A CB  1 
ATOM   327  C  CG  . HIS A 1 44  ? 0.049   11.726  -8.685  1.00 35.78  ? 39  HIS A CG  1 
ATOM   328  N  ND1 . HIS A 1 44  ? -0.557  12.935  -8.424  1.00 35.53  ? 39  HIS A ND1 1 
ATOM   329  C  CD2 . HIS A 1 44  ? -0.562  11.226  -9.786  1.00 35.63  ? 39  HIS A CD2 1 
ATOM   330  C  CE1 . HIS A 1 44  ? -1.491  13.160  -9.332  1.00 35.99  ? 39  HIS A CE1 1 
ATOM   331  N  NE2 . HIS A 1 44  ? -1.515  12.136  -10.168 1.00 35.88  ? 39  HIS A NE2 1 
ATOM   332  N  N   . SER A 1 45  ? 2.154   8.313   -6.868  1.00 34.91  ? 40  SER A N   1 
ATOM   333  C  CA  . SER A 1 45  ? 3.171   7.377   -6.398  1.00 34.83  ? 40  SER A CA  1 
ATOM   334  C  C   . SER A 1 45  ? 4.568   7.984   -6.408  1.00 35.13  ? 40  SER A C   1 
ATOM   335  O  O   . SER A 1 45  ? 4.887   8.837   -7.242  1.00 35.34  ? 40  SER A O   1 
ATOM   336  C  CB  . SER A 1 45  ? 3.157   6.111   -7.255  1.00 34.65  ? 40  SER A CB  1 
ATOM   337  O  OG  . SER A 1 45  ? 3.465   6.398   -8.608  1.00 33.80  ? 40  SER A OG  1 
ATOM   338  N  N   . GLY A 1 46  ? 5.390   7.532   -5.466  1.00 35.62  ? 41  GLY A N   1 
ATOM   339  C  CA  . GLY A 1 46  ? 6.784   7.944   -5.380  1.00 36.27  ? 41  GLY A CA  1 
ATOM   340  C  C   . GLY A 1 46  ? 7.032   9.202   -4.568  1.00 37.33  ? 41  GLY A C   1 
ATOM   341  O  O   . GLY A 1 46  ? 8.131   9.756   -4.616  1.00 37.83  ? 41  GLY A O   1 
ATOM   342  N  N   . GLN A 1 47  ? 6.036   9.644   -3.799  1.00 38.28  ? 42  GLN A N   1 
ATOM   343  C  CA  . GLN A 1 47  ? 6.099   10.959  -3.152  1.00 39.00  ? 42  GLN A CA  1 
ATOM   344  C  C   . GLN A 1 47  ? 6.149   10.929  -1.621  1.00 39.10  ? 42  GLN A C   1 
ATOM   345  O  O   . GLN A 1 47  ? 5.826   11.927  -0.972  1.00 39.53  ? 42  GLN A O   1 
ATOM   346  C  CB  . GLN A 1 47  ? 4.932   11.826  -3.635  1.00 39.28  ? 42  GLN A CB  1 
ATOM   347  C  CG  . GLN A 1 47  ? 5.019   12.145  -5.116  1.00 39.57  ? 42  GLN A CG  1 
ATOM   348  C  CD  . GLN A 1 47  ? 3.942   13.091  -5.599  1.00 40.17  ? 42  GLN A CD  1 
ATOM   349  O  OE1 . GLN A 1 47  ? 3.273   13.765  -4.813  1.00 39.50  ? 42  GLN A OE1 1 
ATOM   350  N  NE2 . GLN A 1 47  ? 3.771   13.147  -6.913  1.00 41.33  ? 42  GLN A NE2 1 
ATOM   351  N  N   . ALA A 1 48  ? 6.561   9.804   -1.041  1.00 38.79  ? 43  ALA A N   1 
ATOM   352  C  CA  . ALA A 1 48  ? 6.852   9.765   0.389   1.00 39.25  ? 43  ALA A CA  1 
ATOM   353  C  C   . ALA A 1 48  ? 8.180   10.477  0.613   1.00 39.82  ? 43  ALA A C   1 
ATOM   354  O  O   . ALA A 1 48  ? 9.219   10.020  0.140   1.00 39.94  ? 43  ALA A O   1 
ATOM   355  C  CB  . ALA A 1 48  ? 6.920   8.334   0.896   1.00 39.18  ? 43  ALA A CB  1 
ATOM   356  N  N   . GLU A 1 49  ? 8.141   11.602  1.321   1.00 41.44  ? 44  GLU A N   1 
ATOM   357  C  CA  . GLU A 1 49  ? 9.334   12.421  1.514   1.00 42.86  ? 44  GLU A CA  1 
ATOM   358  C  C   . GLU A 1 49  ? 10.391  11.657  2.302   1.00 41.48  ? 44  GLU A C   1 
ATOM   359  O  O   . GLU A 1 49  ? 10.081  11.015  3.305   1.00 41.23  ? 44  GLU A O   1 
ATOM   360  C  CB  . GLU A 1 49  ? 8.985   13.726  2.228   1.00 45.87  ? 44  GLU A CB  1 
ATOM   361  C  CG  . GLU A 1 49  ? 10.133  14.723  2.271   1.00 49.24  ? 44  GLU A CG  1 
ATOM   362  C  CD  . GLU A 1 49  ? 9.760   16.022  2.960   1.00 52.52  ? 44  GLU A CD  1 
ATOM   363  O  OE1 . GLU A 1 49  ? 8.704   16.603  2.619   1.00 55.10  ? 44  GLU A OE1 1 
ATOM   364  O  OE2 . GLU A 1 49  ? 10.533  16.465  3.839   1.00 54.67  ? 44  GLU A OE2 1 
ATOM   365  N  N   . GLY A 1 50  ? 11.633  11.723  1.830   1.00 40.25  ? 45  GLY A N   1 
ATOM   366  C  CA  . GLY A 1 50  ? 12.747  11.012  2.450   1.00 39.64  ? 45  GLY A CA  1 
ATOM   367  C  C   . GLY A 1 50  ? 13.104  9.692   1.780   1.00 39.16  ? 45  GLY A C   1 
ATOM   368  O  O   . GLY A 1 50  ? 14.250  9.252   1.858   1.00 40.07  ? 45  GLY A O   1 
ATOM   369  N  N   . TYR A 1 51  ? 12.136  9.053   1.123   1.00 37.79  ? 46  TYR A N   1 
ATOM   370  C  CA  . TYR A 1 51  ? 12.350  7.726   0.544   1.00 36.69  ? 46  TYR A CA  1 
ATOM   371  C  C   . TYR A 1 51  ? 12.824  7.802   -0.905  1.00 36.63  ? 46  TYR A C   1 
ATOM   372  O  O   . TYR A 1 51  ? 12.379  8.655   -1.677  1.00 35.95  ? 46  TYR A O   1 
ATOM   373  C  CB  . TYR A 1 51  ? 11.073  6.881   0.627   1.00 35.78  ? 46  TYR A CB  1 
ATOM   374  C  CG  . TYR A 1 51  ? 11.306  5.420   0.319   1.00 34.67  ? 46  TYR A CG  1 
ATOM   375  C  CD1 . TYR A 1 51  ? 11.801  4.555   1.291   1.00 34.29  ? 46  TYR A CD1 1 
ATOM   376  C  CD2 . TYR A 1 51  ? 11.044  4.905   -0.943  1.00 34.39  ? 46  TYR A CD2 1 
ATOM   377  C  CE1 . TYR A 1 51  ? 12.024  3.218   1.014   1.00 33.81  ? 46  TYR A CE1 1 
ATOM   378  C  CE2 . TYR A 1 51  ? 11.266  3.570   -1.232  1.00 34.27  ? 46  TYR A CE2 1 
ATOM   379  C  CZ  . TYR A 1 51  ? 11.755  2.733   -0.250  1.00 33.88  ? 46  TYR A CZ  1 
ATOM   380  O  OH  . TYR A 1 51  ? 11.971  1.410   -0.538  1.00 34.03  ? 46  TYR A OH  1 
ATOM   381  N  N   . SER A 1 52  ? 13.720  6.883   -1.260  1.00 36.60  ? 47  SER A N   1 
ATOM   382  C  CA  . SER A 1 52  ? 14.289  6.813   -2.598  1.00 36.77  ? 47  SER A CA  1 
ATOM   383  C  C   . SER A 1 52  ? 13.642  5.669   -3.380  1.00 37.12  ? 47  SER A C   1 
ATOM   384  O  O   . SER A 1 52  ? 13.940  4.495   -3.147  1.00 37.60  ? 47  SER A O   1 
ATOM   385  C  CB  . SER A 1 52  ? 15.803  6.616   -2.504  1.00 36.81  ? 47  SER A CB  1 
ATOM   386  O  OG  . SER A 1 52  ? 16.385  6.514   -3.788  1.00 37.55  ? 47  SER A OG  1 
ATOM   387  N  N   . TYR A 1 53  ? 12.756  6.024   -4.309  1.00 37.23  ? 48  TYR A N   1 
ATOM   388  C  CA  . TYR A 1 53  ? 11.992  5.039   -5.078  1.00 36.62  ? 48  TYR A CA  1 
ATOM   389  C  C   . TYR A 1 53  ? 12.735  4.563   -6.319  1.00 36.10  ? 48  TYR A C   1 
ATOM   390  O  O   . TYR A 1 53  ? 13.731  5.157   -6.722  1.00 36.30  ? 48  TYR A O   1 
ATOM   391  C  CB  . TYR A 1 53  ? 10.660  5.642   -5.523  1.00 36.20  ? 48  TYR A CB  1 
ATOM   392  C  CG  . TYR A 1 53  ? 9.658   5.847   -4.416  1.00 35.68  ? 48  TYR A CG  1 
ATOM   393  C  CD1 . TYR A 1 53  ? 9.640   7.024   -3.677  1.00 35.82  ? 48  TYR A CD1 1 
ATOM   394  C  CD2 . TYR A 1 53  ? 8.706   4.876   -4.128  1.00 35.42  ? 48  TYR A CD2 1 
ATOM   395  C  CE1 . TYR A 1 53  ? 8.711   7.223   -2.669  1.00 35.67  ? 48  TYR A CE1 1 
ATOM   396  C  CE2 . TYR A 1 53  ? 7.772   5.066   -3.127  1.00 35.52  ? 48  TYR A CE2 1 
ATOM   397  C  CZ  . TYR A 1 53  ? 7.777   6.242   -2.403  1.00 35.61  ? 48  TYR A CZ  1 
ATOM   398  O  OH  . TYR A 1 53  ? 6.848   6.431   -1.412  1.00 35.90  ? 48  TYR A OH  1 
ATOM   399  N  N   . THR A 1 54  ? 12.227  3.491   -6.922  1.00 35.99  ? 49  THR A N   1 
ATOM   400  C  CA  . THR A 1 54  ? 12.702  3.035   -8.225  1.00 36.07  ? 49  THR A CA  1 
ATOM   401  C  C   . THR A 1 54  ? 12.098  3.906   -9.315  1.00 36.52  ? 49  THR A C   1 
ATOM   402  O  O   . THR A 1 54  ? 11.138  4.642   -9.078  1.00 36.37  ? 49  THR A O   1 
ATOM   403  C  CB  . THR A 1 54  ? 12.300  1.574   -8.523  1.00 36.04  ? 49  THR A CB  1 
ATOM   404  O  OG1 . THR A 1 54  ? 10.870  1.464   -8.586  1.00 36.01  ? 49  THR A OG1 1 
ATOM   405  C  CG2 . THR A 1 54  ? 12.842  0.626   -7.463  1.00 35.96  ? 49  THR A CG2 1 
ATOM   406  N  N   . ASP A 1 55  ? 12.661  3.807   -10.514 1.00 37.13  ? 50  ASP A N   1 
ATOM   407  C  CA  . ASP A 1 55  ? 12.119  4.502   -11.674 1.00 37.92  ? 50  ASP A CA  1 
ATOM   408  C  C   . ASP A 1 55  ? 10.730  3.961   -12.006 1.00 38.74  ? 50  ASP A C   1 
ATOM   409  O  O   . ASP A 1 55  ? 9.823   4.726   -12.336 1.00 39.01  ? 50  ASP A O   1 
ATOM   410  C  CB  . ASP A 1 55  ? 13.048  4.348   -12.884 1.00 37.69  ? 50  ASP A CB  1 
ATOM   411  C  CG  . ASP A 1 55  ? 14.389  5.034   -12.688 1.00 37.53  ? 50  ASP A CG  1 
ATOM   412  O  OD1 . ASP A 1 55  ? 14.599  5.670   -11.632 1.00 37.89  ? 50  ASP A OD1 1 
ATOM   413  O  OD2 . ASP A 1 55  ? 15.238  4.939   -13.597 1.00 37.44  ? 50  ASP A OD2 1 
ATOM   414  N  N   . ALA A 1 56  ? 10.576  2.641   -11.899 1.00 39.11  ? 51  ALA A N   1 
ATOM   415  C  CA  . ALA A 1 56  ? 9.304   1.969   -12.168 1.00 38.86  ? 51  ALA A CA  1 
ATOM   416  C  C   . ALA A 1 56  ? 8.156   2.572   -11.367 1.00 38.70  ? 51  ALA A C   1 
ATOM   417  O  O   . ALA A 1 56  ? 7.105   2.890   -11.923 1.00 39.30  ? 51  ALA A O   1 
ATOM   418  C  CB  . ALA A 1 56  ? 9.425   0.482   -11.861 1.00 38.75  ? 51  ALA A CB  1 
ATOM   419  N  N   . ASN A 1 57  ? 8.367   2.727   -10.064 1.00 38.23  ? 52  ASN A N   1 
ATOM   420  C  CA  . ASN A 1 57  ? 7.345   3.263   -9.170  1.00 38.18  ? 52  ASN A CA  1 
ATOM   421  C  C   . ASN A 1 57  ? 6.993   4.709   -9.521  1.00 38.10  ? 52  ASN A C   1 
ATOM   422  O  O   . ASN A 1 57  ? 5.824   5.091   -9.494  1.00 38.14  ? 52  ASN A O   1 
ATOM   423  C  CB  . ASN A 1 57  ? 7.818   3.169   -7.717  1.00 38.61  ? 52  ASN A CB  1 
ATOM   424  C  CG  . ASN A 1 57  ? 6.710   3.454   -6.717  1.00 39.31  ? 52  ASN A CG  1 
ATOM   425  O  OD1 . ASN A 1 57  ? 6.100   4.522   -6.735  1.00 39.58  ? 52  ASN A OD1 1 
ATOM   426  N  ND2 . ASN A 1 57  ? 6.459   2.501   -5.826  1.00 39.46  ? 52  ASN A ND2 1 
ATOM   427  N  N   . ILE A 1 58  ? 8.005   5.503   -9.858  1.00 38.14  ? 53  ILE A N   1 
ATOM   428  C  CA  . ILE A 1 58  ? 7.801   6.911   -10.189 1.00 38.00  ? 53  ILE A CA  1 
ATOM   429  C  C   . ILE A 1 58  ? 7.138   7.054   -11.559 1.00 38.34  ? 53  ILE A C   1 
ATOM   430  O  O   . ILE A 1 58  ? 6.199   7.838   -11.717 1.00 38.34  ? 53  ILE A O   1 
ATOM   431  C  CB  . ILE A 1 58  ? 9.130   7.696   -10.176 1.00 37.98  ? 53  ILE A CB  1 
ATOM   432  C  CG1 . ILE A 1 58  ? 9.763   7.652   -8.781  1.00 37.88  ? 53  ILE A CG1 1 
ATOM   433  C  CG2 . ILE A 1 58  ? 8.904   9.145   -10.596 1.00 38.01  ? 53  ILE A CG2 1 
ATOM   434  C  CD1 . ILE A 1 58  ? 11.242  7.967   -8.771  1.00 37.85  ? 53  ILE A CD1 1 
ATOM   435  N  N   . LYS A 1 59  ? 7.630   6.291   -12.535 1.00 38.60  ? 54  LYS A N   1 
ATOM   436  C  CA  . LYS A 1 59  ? 7.099   6.322   -13.902 1.00 38.86  ? 54  LYS A CA  1 
ATOM   437  C  C   . LYS A 1 59  ? 5.644   5.869   -13.986 1.00 38.69  ? 54  LYS A C   1 
ATOM   438  O  O   . LYS A 1 59  ? 4.892   6.345   -14.836 1.00 38.56  ? 54  LYS A O   1 
ATOM   439  C  CB  . LYS A 1 59  ? 7.949   5.454   -14.833 1.00 39.69  ? 54  LYS A CB  1 
ATOM   440  C  CG  . LYS A 1 59  ? 9.283   6.069   -15.223 1.00 40.41  ? 54  LYS A CG  1 
ATOM   441  C  CD  . LYS A 1 59  ? 10.075  5.115   -16.100 1.00 40.73  ? 54  LYS A CD  1 
ATOM   442  C  CE  . LYS A 1 59  ? 11.404  5.714   -16.514 1.00 41.39  ? 54  LYS A CE  1 
ATOM   443  N  NZ  . LYS A 1 59  ? 12.237  4.729   -17.252 1.00 42.23  ? 54  LYS A NZ  1 
ATOM   444  N  N   . LYS A 1 60  ? 5.256   4.941   -13.114 1.00 38.67  ? 55  LYS A N   1 
ATOM   445  C  CA  . LYS A 1 60  ? 3.873   4.475   -13.050 1.00 38.48  ? 55  LYS A CA  1 
ATOM   446  C  C   . LYS A 1 60  ? 2.934   5.643   -12.747 1.00 38.53  ? 55  LYS A C   1 
ATOM   447  O  O   . LYS A 1 60  ? 1.820   5.702   -13.266 1.00 37.86  ? 55  LYS A O   1 
ATOM   448  C  CB  . LYS A 1 60  ? 3.727   3.384   -11.985 1.00 38.46  ? 55  LYS A CB  1 
ATOM   449  C  CG  . LYS A 1 60  ? 2.369   2.700   -11.955 1.00 38.91  ? 55  LYS A CG  1 
ATOM   450  C  CD  . LYS A 1 60  ? 2.171   1.790   -13.157 1.00 38.99  ? 55  LYS A CD  1 
ATOM   451  C  CE  . LYS A 1 60  ? 0.763   1.225   -13.203 1.00 38.94  ? 55  LYS A CE  1 
ATOM   452  N  NZ  . LYS A 1 60  ? 0.565   0.352   -14.392 1.00 38.87  ? 55  LYS A NZ  1 
ATOM   453  N  N   . ASN A 1 61  ? 3.401   6.557   -11.898 1.00 39.26  ? 56  ASN A N   1 
ATOM   454  C  CA  . ASN A 1 61  ? 2.684   7.781   -11.543 1.00 39.99  ? 56  ASN A CA  1 
ATOM   455  C  C   . ASN A 1 61  ? 1.190   7.555   -11.318 1.00 40.18  ? 56  ASN A C   1 
ATOM   456  O  O   . ASN A 1 61  ? 0.351   8.268   -11.873 1.00 40.66  ? 56  ASN A O   1 
ATOM   457  C  CB  . ASN A 1 61  ? 2.912   8.865   -12.602 1.00 40.59  ? 56  ASN A CB  1 
ATOM   458  C  CG  . ASN A 1 61  ? 2.570   10.256  -12.095 1.00 40.93  ? 56  ASN A CG  1 
ATOM   459  O  OD1 . ASN A 1 61  ? 2.959   10.637  -10.989 1.00 41.49  ? 56  ASN A OD1 1 
ATOM   460  N  ND2 . ASN A 1 61  ? 1.844   11.021  -12.902 1.00 40.90  ? 56  ASN A ND2 1 
ATOM   461  N  N   . VAL A 1 62  ? 0.872   6.556   -10.500 1.00 40.29  ? 57  VAL A N   1 
ATOM   462  C  CA  . VAL A 1 62  ? -0.517  6.251   -10.156 1.00 39.59  ? 57  VAL A CA  1 
ATOM   463  C  C   . VAL A 1 62  ? -0.996  7.150   -9.016  1.00 38.98  ? 57  VAL A C   1 
ATOM   464  O  O   . VAL A 1 62  ? -0.304  7.312   -8.011  1.00 38.34  ? 57  VAL A O   1 
ATOM   465  C  CB  . VAL A 1 62  ? -0.713  4.755   -9.793  1.00 39.77  ? 57  VAL A CB  1 
ATOM   466  C  CG1 . VAL A 1 62  ? 0.064   4.355   -8.542  1.00 39.36  ? 57  VAL A CG1 1 
ATOM   467  C  CG2 . VAL A 1 62  ? -2.193  4.437   -9.619  1.00 40.27  ? 57  VAL A CG2 1 
ATOM   468  N  N   . LEU A 1 63  ? -2.172  7.747   -9.194  1.00 38.99  ? 58  LEU A N   1 
ATOM   469  C  CA  . LEU A 1 63  ? -2.834  8.501   -8.132  1.00 38.73  ? 58  LEU A CA  1 
ATOM   470  C  C   . LEU A 1 63  ? -3.582  7.501   -7.259  1.00 38.81  ? 58  LEU A C   1 
ATOM   471  O  O   . LEU A 1 63  ? -4.656  7.023   -7.629  1.00 38.62  ? 58  LEU A O   1 
ATOM   472  C  CB  . LEU A 1 63  ? -3.795  9.539   -8.721  1.00 38.55  ? 58  LEU A CB  1 
ATOM   473  C  CG  . LEU A 1 63  ? -4.614  10.379  -7.735  1.00 38.99  ? 58  LEU A CG  1 
ATOM   474  C  CD1 . LEU A 1 63  ? -3.722  11.053  -6.703  1.00 39.34  ? 58  LEU A CD1 1 
ATOM   475  C  CD2 . LEU A 1 63  ? -5.437  11.416  -8.482  1.00 39.01  ? 58  LEU A CD2 1 
ATOM   476  N  N   . TRP A 1 64  ? -3.001  7.177   -6.108  1.00 39.27  ? 59  TRP A N   1 
ATOM   477  C  CA  . TRP A 1 64  ? -3.491  6.075   -5.279  1.00 39.54  ? 59  TRP A CA  1 
ATOM   478  C  C   . TRP A 1 64  ? -4.920  6.287   -4.778  1.00 40.27  ? 59  TRP A C   1 
ATOM   479  O  O   . TRP A 1 64  ? -5.204  7.256   -4.075  1.00 40.56  ? 59  TRP A O   1 
ATOM   480  C  CB  . TRP A 1 64  ? -2.566  5.842   -4.078  1.00 38.88  ? 59  TRP A CB  1 
ATOM   481  C  CG  . TRP A 1 64  ? -1.232  5.228   -4.413  1.00 38.20  ? 59  TRP A CG  1 
ATOM   482  C  CD1 . TRP A 1 64  ? -0.001  5.770   -4.178  1.00 38.02  ? 59  TRP A CD1 1 
ATOM   483  C  CD2 . TRP A 1 64  ? -0.996  3.953   -5.023  1.00 37.59  ? 59  TRP A CD2 1 
ATOM   484  N  NE1 . TRP A 1 64  ? 0.985   4.914   -4.605  1.00 37.46  ? 59  TRP A NE1 1 
ATOM   485  C  CE2 . TRP A 1 64  ? 0.402   3.793   -5.130  1.00 37.24  ? 59  TRP A CE2 1 
ATOM   486  C  CE3 . TRP A 1 64  ? -1.830  2.932   -5.493  1.00 37.40  ? 59  TRP A CE3 1 
ATOM   487  C  CZ2 . TRP A 1 64  ? 0.986   2.653   -5.688  1.00 36.91  ? 59  TRP A CZ2 1 
ATOM   488  C  CZ3 . TRP A 1 64  ? -1.246  1.797   -6.048  1.00 37.13  ? 59  TRP A CZ3 1 
ATOM   489  C  CH2 . TRP A 1 64  ? 0.148   1.670   -6.139  1.00 36.79  ? 59  TRP A CH2 1 
ATOM   490  N  N   . ASP A 1 65  ? -5.808  5.374   -5.168  1.00 41.48  ? 60  ASP A N   1 
ATOM   491  C  CA  . ASP A 1 65  ? -7.144  5.256   -4.588  1.00 42.45  ? 60  ASP A CA  1 
ATOM   492  C  C   . ASP A 1 65  ? -7.366  3.794   -4.197  1.00 43.07  ? 60  ASP A C   1 
ATOM   493  O  O   . ASP A 1 65  ? -6.515  2.943   -4.458  1.00 42.00  ? 60  ASP A O   1 
ATOM   494  C  CB  . ASP A 1 65  ? -8.237  5.767   -5.549  1.00 42.89  ? 60  ASP A CB  1 
ATOM   495  C  CG  . ASP A 1 65  ? -8.270  5.020   -6.883  1.00 43.43  ? 60  ASP A CG  1 
ATOM   496  O  OD1 . ASP A 1 65  ? -8.198  3.772   -6.894  1.00 44.24  ? 60  ASP A OD1 1 
ATOM   497  O  OD2 . ASP A 1 65  ? -8.396  5.690   -7.931  1.00 43.33  ? 60  ASP A OD2 1 
ATOM   498  N  N   . GLU A 1 66  ? -8.502  3.506   -3.573  1.00 44.26  ? 61  GLU A N   1 
ATOM   499  C  CA  . GLU A 1 66  ? -8.768  2.159   -3.056  1.00 45.03  ? 61  GLU A CA  1 
ATOM   500  C  C   . GLU A 1 66  ? -8.804  1.061   -4.123  1.00 44.27  ? 61  GLU A C   1 
ATOM   501  O  O   . GLU A 1 66  ? -8.387  -0.067  -3.857  1.00 44.38  ? 61  GLU A O   1 
ATOM   502  C  CB  . GLU A 1 66  ? -10.052 2.120   -2.211  1.00 46.84  ? 61  GLU A CB  1 
ATOM   503  C  CG  . GLU A 1 66  ? -11.262 2.832   -2.801  1.00 48.78  ? 61  GLU A CG  1 
ATOM   504  C  CD  . GLU A 1 66  ? -11.467 4.215   -2.212  1.00 50.75  ? 61  GLU A CD  1 
ATOM   505  O  OE1 . GLU A 1 66  ? -12.598 4.515   -1.777  1.00 53.37  ? 61  GLU A OE1 1 
ATOM   506  O  OE2 . GLU A 1 66  ? -10.494 5.001   -2.175  1.00 51.94  ? 61  GLU A OE2 1 
ATOM   507  N  N   . ASN A 1 67  ? -9.281  1.386   -5.322  1.00 43.64  ? 62  ASN A N   1 
ATOM   508  C  CA  . ASN A 1 67  ? -9.421  0.387   -6.389  1.00 43.28  ? 62  ASN A CA  1 
ATOM   509  C  C   . ASN A 1 67  ? -8.089  -0.032  -7.008  1.00 41.83  ? 62  ASN A C   1 
ATOM   510  O  O   . ASN A 1 67  ? -7.821  -1.225  -7.150  1.00 41.12  ? 62  ASN A O   1 
ATOM   511  C  CB  . ASN A 1 67  ? -10.367 0.890   -7.481  1.00 44.65  ? 62  ASN A CB  1 
ATOM   512  C  CG  . ASN A 1 67  ? -11.803 0.978   -7.007  1.00 45.80  ? 62  ASN A CG  1 
ATOM   513  O  OD1 . ASN A 1 67  ? -12.383 -0.013  -6.556  1.00 45.84  ? 62  ASN A OD1 1 
ATOM   514  N  ND2 . ASN A 1 67  ? -12.386 2.168   -7.109  1.00 46.69  ? 62  ASN A ND2 1 
ATOM   515  N  N   . ASN A 1 68  ? -7.263  0.942   -7.387  1.00 41.09  ? 63  ASN A N   1 
ATOM   516  C  CA  . ASN A 1 68  ? -5.945  0.628   -7.959  1.00 40.56  ? 63  ASN A CA  1 
ATOM   517  C  C   . ASN A 1 68  ? -4.969  0.120   -6.892  1.00 39.93  ? 63  ASN A C   1 
ATOM   518  O  O   . ASN A 1 68  ? -4.054  -0.643  -7.199  1.00 39.73  ? 63  ASN A O   1 
ATOM   519  C  CB  . ASN A 1 68  ? -5.353  1.808   -8.754  1.00 40.43  ? 63  ASN A CB  1 
ATOM   520  C  CG  . ASN A 1 68  ? -5.212  3.077   -7.934  1.00 40.52  ? 63  ASN A CG  1 
ATOM   521  O  OD1 . ASN A 1 68  ? -5.048  3.034   -6.718  1.00 40.99  ? 63  ASN A OD1 1 
ATOM   522  N  ND2 . ASN A 1 68  ? -5.268  4.223   -8.608  1.00 39.76  ? 63  ASN A ND2 1 
ATOM   523  N  N   . MET A 1 69  ? -5.177  0.536   -5.644  1.00 39.32  ? 64  MET A N   1 
ATOM   524  C  CA  . MET A 1 69  ? -4.449  -0.030  -4.513  1.00 38.98  ? 64  MET A CA  1 
ATOM   525  C  C   . MET A 1 69  ? -4.775  -1.514  -4.376  1.00 39.22  ? 64  MET A C   1 
ATOM   526  O  O   . MET A 1 69  ? -3.886  -2.324  -4.123  1.00 39.42  ? 64  MET A O   1 
ATOM   527  C  CB  . MET A 1 69  ? -4.802  0.708   -3.220  1.00 39.00  ? 64  MET A CB  1 
ATOM   528  C  CG  . MET A 1 69  ? -4.153  0.143   -1.961  1.00 39.30  ? 64  MET A CG  1 
ATOM   529  S  SD  . MET A 1 69  ? -2.363  0.360   -1.897  1.00 38.93  ? 64  MET A SD  1 
ATOM   530  C  CE  . MET A 1 69  ? -2.254  2.126   -1.611  1.00 38.91  ? 64  MET A CE  1 
ATOM   531  N  N   . SER A 1 70  ? -6.048  -1.868  -4.538  1.00 39.48  ? 65  SER A N   1 
ATOM   532  C  CA  . SER A 1 70  ? -6.459  -3.273  -4.486  1.00 39.74  ? 65  SER A CA  1 
ATOM   533  C  C   . SER A 1 70  ? -5.821  -4.075  -5.617  1.00 39.44  ? 65  SER A C   1 
ATOM   534  O  O   . SER A 1 70  ? -5.310  -5.171  -5.392  1.00 38.53  ? 65  SER A O   1 
ATOM   535  C  CB  . SER A 1 70  ? -7.980  -3.404  -4.548  1.00 39.56  ? 65  SER A CB  1 
ATOM   536  O  OG  . SER A 1 70  ? -8.371  -4.743  -4.292  1.00 39.73  ? 65  SER A OG  1 
ATOM   537  N  N   . GLU A 1 71  ? -5.853  -3.519  -6.826  1.00 39.89  ? 66  GLU A N   1 
ATOM   538  C  CA  . GLU A 1 71  ? -5.207  -4.140  -7.979  1.00 40.28  ? 66  GLU A CA  1 
ATOM   539  C  C   . GLU A 1 71  ? -3.704  -4.273  -7.753  1.00 39.77  ? 66  GLU A C   1 
ATOM   540  O  O   . GLU A 1 71  ? -3.113  -5.309  -8.062  1.00 39.31  ? 66  GLU A O   1 
ATOM   541  C  CB  . GLU A 1 71  ? -5.477  -3.328  -9.249  1.00 41.55  ? 66  GLU A CB  1 
ATOM   542  C  CG  . GLU A 1 71  ? -4.803  -3.888  -10.499 1.00 42.58  ? 66  GLU A CG  1 
ATOM   543  C  CD  . GLU A 1 71  ? -5.322  -3.279  -11.793 1.00 43.32  ? 66  GLU A CD  1 
ATOM   544  O  OE1 . GLU A 1 71  ? -4.861  -3.718  -12.869 1.00 43.64  ? 66  GLU A OE1 1 
ATOM   545  O  OE2 . GLU A 1 71  ? -6.184  -2.371  -11.743 1.00 43.71  ? 66  GLU A OE2 1 
ATOM   546  N  N   . TYR A 1 72  ? -3.100  -3.216  -7.218  1.00 39.28  ? 67  TYR A N   1 
ATOM   547  C  CA  . TYR A 1 72  ? -1.670  -3.202  -6.912  1.00 38.84  ? 67  TYR A CA  1 
ATOM   548  C  C   . TYR A 1 72  ? -1.297  -4.316  -5.935  1.00 38.94  ? 67  TYR A C   1 
ATOM   549  O  O   . TYR A 1 72  ? -0.356  -5.065  -6.177  1.00 38.46  ? 67  TYR A O   1 
ATOM   550  C  CB  . TYR A 1 72  ? -1.254  -1.837  -6.344  1.00 37.98  ? 67  TYR A CB  1 
ATOM   551  C  CG  . TYR A 1 72  ? 0.176   -1.779  -5.841  1.00 37.41  ? 67  TYR A CG  1 
ATOM   552  C  CD1 . TYR A 1 72  ? 1.248   -1.999  -6.702  1.00 36.87  ? 67  TYR A CD1 1 
ATOM   553  C  CD2 . TYR A 1 72  ? 0.456   -1.494  -4.507  1.00 36.79  ? 67  TYR A CD2 1 
ATOM   554  C  CE1 . TYR A 1 72  ? 2.556   -1.948  -6.248  1.00 36.68  ? 67  TYR A CE1 1 
ATOM   555  C  CE2 . TYR A 1 72  ? 1.762   -1.440  -4.046  1.00 36.76  ? 67  TYR A CE2 1 
ATOM   556  C  CZ  . TYR A 1 72  ? 2.807   -1.667  -4.919  1.00 36.50  ? 67  TYR A CZ  1 
ATOM   557  O  OH  . TYR A 1 72  ? 4.103   -1.612  -4.465  1.00 36.00  ? 67  TYR A OH  1 
ATOM   558  N  N   . LEU A 1 73  ? -2.049  -4.428  -4.845  1.00 39.33  ? 68  LEU A N   1 
ATOM   559  C  CA  . LEU A 1 73  ? -1.733  -5.393  -3.792  1.00 40.06  ? 68  LEU A CA  1 
ATOM   560  C  C   . LEU A 1 73  ? -2.060  -6.841  -4.166  1.00 40.74  ? 68  LEU A C   1 
ATOM   561  O  O   . LEU A 1 73  ? -1.583  -7.766  -3.512  1.00 40.43  ? 68  LEU A O   1 
ATOM   562  C  CB  . LEU A 1 73  ? -2.447  -5.018  -2.491  1.00 39.69  ? 68  LEU A CB  1 
ATOM   563  C  CG  . LEU A 1 73  ? -2.057  -3.665  -1.891  1.00 39.54  ? 68  LEU A CG  1 
ATOM   564  C  CD1 . LEU A 1 73  ? -2.992  -3.302  -0.747  1.00 39.56  ? 68  LEU A CD1 1 
ATOM   565  C  CD2 . LEU A 1 73  ? -0.608  -3.664  -1.434  1.00 39.36  ? 68  LEU A CD2 1 
ATOM   566  N  N   . THR A 1 74  ? -2.873  -7.038  -5.202  1.00 41.39  ? 69  THR A N   1 
ATOM   567  C  CA  . THR A 1 74  ? -3.144  -8.378  -5.719  1.00 41.83  ? 69  THR A CA  1 
ATOM   568  C  C   . THR A 1 74  ? -1.845  -9.017  -6.210  1.00 43.04  ? 69  THR A C   1 
ATOM   569  O  O   . THR A 1 74  ? -1.559  -10.181 -5.913  1.00 43.08  ? 69  THR A O   1 
ATOM   570  C  CB  . THR A 1 74  ? -4.166  -8.346  -6.873  1.00 41.43  ? 69  THR A CB  1 
ATOM   571  O  OG1 . THR A 1 74  ? -5.341  -7.642  -6.455  1.00 41.48  ? 69  THR A OG1 1 
ATOM   572  C  CG2 . THR A 1 74  ? -4.556  -9.755  -7.293  1.00 41.58  ? 69  THR A CG2 1 
ATOM   573  N  N   . ASN A 1 75  ? -1.066  -8.238  -6.957  1.00 43.79  ? 70  ASN A N   1 
ATOM   574  C  CA  . ASN A 1 75  ? 0.248   -8.662  -7.432  1.00 43.82  ? 70  ASN A CA  1 
ATOM   575  C  C   . ASN A 1 75  ? 1.081   -7.427  -7.785  1.00 43.86  ? 70  ASN A C   1 
ATOM   576  O  O   . ASN A 1 75  ? 1.018   -6.940  -8.913  1.00 43.61  ? 70  ASN A O   1 
ATOM   577  C  CB  . ASN A 1 75  ? 0.105   -9.583  -8.643  1.00 44.17  ? 70  ASN A CB  1 
ATOM   578  C  CG  . ASN A 1 75  ? 1.407   -10.257 -9.018  1.00 44.32  ? 70  ASN A CG  1 
ATOM   579  O  OD1 . ASN A 1 75  ? 2.460   -9.624  -9.046  1.00 44.84  ? 70  ASN A OD1 1 
ATOM   580  N  ND2 . ASN A 1 75  ? 1.342   -11.549 -9.307  1.00 44.65  ? 70  ASN A ND2 1 
ATOM   581  N  N   . PRO A 1 76  ? 1.859   -6.915  -6.814  1.00 44.54  ? 71  PRO A N   1 
ATOM   582  C  CA  . PRO A 1 76  ? 2.623   -5.678  -6.989  1.00 45.02  ? 71  PRO A CA  1 
ATOM   583  C  C   . PRO A 1 76  ? 3.474   -5.627  -8.255  1.00 45.61  ? 71  PRO A C   1 
ATOM   584  O  O   . PRO A 1 76  ? 3.403   -4.645  -8.996  1.00 46.08  ? 71  PRO A O   1 
ATOM   585  C  CB  . PRO A 1 76  ? 3.512   -5.641  -5.742  1.00 45.13  ? 71  PRO A CB  1 
ATOM   586  C  CG  . PRO A 1 76  ? 2.722   -6.356  -4.710  1.00 45.04  ? 71  PRO A CG  1 
ATOM   587  C  CD  . PRO A 1 76  ? 1.980   -7.440  -5.441  1.00 44.92  ? 71  PRO A CD  1 
ATOM   588  N  N   . LYS A 1 77  ? 4.257   -6.674  -8.506  1.00 45.77  ? 72  LYS A N   1 
ATOM   589  C  CA  . LYS A 1 77  ? 5.183   -6.680  -9.640  1.00 46.41  ? 72  LYS A CA  1 
ATOM   590  C  C   . LYS A 1 77  ? 4.478   -6.741  -10.996 1.00 46.33  ? 72  LYS A C   1 
ATOM   591  O  O   . LYS A 1 77  ? 5.039   -6.322  -12.007 1.00 46.42  ? 72  LYS A O   1 
ATOM   592  C  CB  . LYS A 1 77  ? 6.187   -7.825  -9.514  1.00 47.25  ? 72  LYS A CB  1 
ATOM   593  C  CG  . LYS A 1 77  ? 7.080   -7.711  -8.289  1.00 48.51  ? 72  LYS A CG  1 
ATOM   594  C  CD  . LYS A 1 77  ? 8.530   -8.034  -8.607  1.00 49.60  ? 72  LYS A CD  1 
ATOM   595  C  CE  . LYS A 1 77  ? 9.428   -7.761  -7.411  1.00 50.76  ? 72  LYS A CE  1 
ATOM   596  N  NZ  . LYS A 1 77  ? 10.861  -7.639  -7.798  1.00 51.14  ? 72  LYS A NZ  1 
ATOM   597  N  N   . LYS A 1 78  ? 3.255   -7.262  -11.015 1.00 46.50  ? 73  LYS A N   1 
ATOM   598  C  CA  . LYS A 1 78  ? 2.447   -7.271  -12.229 1.00 46.55  ? 73  LYS A CA  1 
ATOM   599  C  C   . LYS A 1 78  ? 1.962   -5.859  -12.547 1.00 45.14  ? 73  LYS A C   1 
ATOM   600  O  O   . LYS A 1 78  ? 1.978   -5.444  -13.703 1.00 45.95  ? 73  LYS A O   1 
ATOM   601  C  CB  . LYS A 1 78  ? 1.260   -8.230  -12.073 1.00 48.34  ? 73  LYS A CB  1 
ATOM   602  C  CG  . LYS A 1 78  ? 0.453   -8.466  -13.345 1.00 49.66  ? 73  LYS A CG  1 
ATOM   603  C  CD  . LYS A 1 78  ? -0.762  -7.547  -13.443 1.00 50.44  ? 73  LYS A CD  1 
ATOM   604  C  CE  . LYS A 1 78  ? -1.564  -7.800  -14.712 1.00 50.57  ? 73  LYS A CE  1 
ATOM   605  N  NZ  . LYS A 1 78  ? -2.123  -9.179  -14.762 1.00 50.80  ? 73  LYS A NZ  1 
ATOM   606  N  N   . TYR A 1 79  ? 1.539   -5.126  -11.517 1.00 43.58  ? 74  TYR A N   1 
ATOM   607  C  CA  . TYR A 1 79  ? 1.010   -3.771  -11.693 1.00 42.47  ? 74  TYR A CA  1 
ATOM   608  C  C   . TYR A 1 79  ? 2.112   -2.755  -11.983 1.00 42.09  ? 74  TYR A C   1 
ATOM   609  O  O   . TYR A 1 79  ? 1.914   -1.837  -12.778 1.00 42.72  ? 74  TYR A O   1 
ATOM   610  C  CB  . TYR A 1 79  ? 0.217   -3.341  -10.455 1.00 41.58  ? 74  TYR A CB  1 
ATOM   611  C  CG  . TYR A 1 79  ? -0.590  -2.072  -10.641 1.00 40.80  ? 74  TYR A CG  1 
ATOM   612  C  CD1 . TYR A 1 79  ? -1.664  -2.033  -11.521 1.00 40.73  ? 74  TYR A CD1 1 
ATOM   613  C  CD2 . TYR A 1 79  ? -0.290  -0.915  -9.927  1.00 40.64  ? 74  TYR A CD2 1 
ATOM   614  C  CE1 . TYR A 1 79  ? -2.409  -0.878  -11.692 1.00 40.53  ? 74  TYR A CE1 1 
ATOM   615  C  CE2 . TYR A 1 79  ? -1.031  0.245   -10.089 1.00 40.06  ? 74  TYR A CE2 1 
ATOM   616  C  CZ  . TYR A 1 79  ? -2.089  0.258   -10.974 1.00 40.09  ? 74  TYR A CZ  1 
ATOM   617  O  OH  . TYR A 1 79  ? -2.830  1.402   -11.146 1.00 39.83  ? 74  TYR A OH  1 
ATOM   618  N  N   . ILE A 1 80  ? 3.266   -2.922  -11.338 1.00 41.37  ? 75  ILE A N   1 
ATOM   619  C  CA  . ILE A 1 80  ? 4.410   -2.025  -11.526 1.00 40.89  ? 75  ILE A CA  1 
ATOM   620  C  C   . ILE A 1 80  ? 5.665   -2.853  -11.810 1.00 40.62  ? 75  ILE A C   1 
ATOM   621  O  O   . ILE A 1 80  ? 6.472   -3.090  -10.909 1.00 40.47  ? 75  ILE A O   1 
ATOM   622  C  CB  . ILE A 1 80  ? 4.639   -1.120  -10.286 1.00 40.59  ? 75  ILE A CB  1 
ATOM   623  C  CG1 . ILE A 1 80  ? 3.324   -0.461  -9.850  1.00 40.20  ? 75  ILE A CG1 1 
ATOM   624  C  CG2 . ILE A 1 80  ? 5.693   -0.053  -10.572 1.00 40.31  ? 75  ILE A CG2 1 
ATOM   625  C  CD1 . ILE A 1 80  ? 3.475   0.540   -8.725  1.00 40.04  ? 75  ILE A CD1 1 
ATOM   626  N  N   . PRO A 1 81  ? 5.831   -3.306  -13.069 1.00 41.02  ? 76  PRO A N   1 
ATOM   627  C  CA  . PRO A 1 81  ? 7.018   -4.075  -13.447 1.00 40.73  ? 76  PRO A CA  1 
ATOM   628  C  C   . PRO A 1 81  ? 8.318   -3.348  -13.117 1.00 40.86  ? 76  PRO A C   1 
ATOM   629  O  O   . PRO A 1 81  ? 8.483   -2.184  -13.488 1.00 41.38  ? 76  PRO A O   1 
ATOM   630  C  CB  . PRO A 1 81  ? 6.861   -4.236  -14.961 1.00 40.40  ? 76  PRO A CB  1 
ATOM   631  C  CG  . PRO A 1 81  ? 5.394   -4.187  -15.189 1.00 40.28  ? 76  PRO A CG  1 
ATOM   632  C  CD  . PRO A 1 81  ? 4.867   -3.210  -14.181 1.00 40.80  ? 76  PRO A CD  1 
ATOM   633  N  N   . GLY A 1 82  ? 9.215   -4.033  -12.411 1.00 41.00  ? 77  GLY A N   1 
ATOM   634  C  CA  . GLY A 1 82  ? 10.510  -3.472  -12.026 1.00 41.07  ? 77  GLY A CA  1 
ATOM   635  C  C   . GLY A 1 82  ? 10.568  -2.901  -10.617 1.00 41.39  ? 77  GLY A C   1 
ATOM   636  O  O   . GLY A 1 82  ? 11.608  -2.381  -10.204 1.00 41.62  ? 77  GLY A O   1 
ATOM   637  N  N   . THR A 1 83  ? 9.463   -2.988  -9.878  1.00 41.71  ? 78  THR A N   1 
ATOM   638  C  CA  . THR A 1 83  ? 9.415   -2.470  -8.507  1.00 42.13  ? 78  THR A CA  1 
ATOM   639  C  C   . THR A 1 83  ? 10.194  -3.371  -7.551  1.00 42.52  ? 78  THR A C   1 
ATOM   640  O  O   . THR A 1 83  ? 10.201  -4.593  -7.708  1.00 42.54  ? 78  THR A O   1 
ATOM   641  C  CB  . THR A 1 83  ? 7.964   -2.303  -7.998  1.00 41.95  ? 78  THR A CB  1 
ATOM   642  O  OG1 . THR A 1 83  ? 7.969   -1.571  -6.765  1.00 40.83  ? 78  THR A OG1 1 
ATOM   643  C  CG2 . THR A 1 83  ? 7.277   -3.654  -7.782  1.00 42.05  ? 78  THR A CG2 1 
ATOM   644  N  N   . LYS A 1 84  ? 10.841  -2.756  -6.561  1.00 43.31  ? 79  LYS A N   1 
ATOM   645  C  CA  . LYS A 1 84  ? 11.660  -3.485  -5.587  1.00 44.07  ? 79  LYS A CA  1 
ATOM   646  C  C   . LYS A 1 84  ? 10.887  -3.915  -4.338  1.00 43.56  ? 79  LYS A C   1 
ATOM   647  O  O   . LYS A 1 84  ? 11.489  -4.392  -3.380  1.00 44.35  ? 79  LYS A O   1 
ATOM   648  C  CB  . LYS A 1 84  ? 12.893  -2.659  -5.185  1.00 45.11  ? 79  LYS A CB  1 
ATOM   649  C  CG  . LYS A 1 84  ? 12.623  -1.496  -4.239  1.00 45.59  ? 79  LYS A CG  1 
ATOM   650  C  CD  . LYS A 1 84  ? 13.810  -0.544  -4.182  1.00 46.24  ? 79  LYS A CD  1 
ATOM   651  C  CE  . LYS A 1 84  ? 13.484  0.726   -3.411  1.00 46.45  ? 79  LYS A CE  1 
ATOM   652  N  NZ  . LYS A 1 84  ? 14.496  1.797   -3.640  1.00 46.46  ? 79  LYS A NZ  1 
ATOM   653  N  N   . MET A 1 85  ? 9.566   -3.738  -4.342  1.00 43.48  ? 80  MET A N   1 
ATOM   654  C  CA  . MET A 1 85  ? 8.711   -4.285  -3.289  1.00 42.97  ? 80  MET A CA  1 
ATOM   655  C  C   . MET A 1 85  ? 8.655   -5.802  -3.439  1.00 42.66  ? 80  MET A C   1 
ATOM   656  O  O   . MET A 1 85  ? 7.904   -6.317  -4.269  1.00 42.43  ? 80  MET A O   1 
ATOM   657  C  CB  . MET A 1 85  ? 7.300   -3.684  -3.363  1.00 42.53  ? 80  MET A CB  1 
ATOM   658  C  CG  . MET A 1 85  ? 6.291   -4.306  -2.405  1.00 42.35  ? 80  MET A CG  1 
ATOM   659  S  SD  . MET A 1 85  ? 4.950   -3.196  -1.911  1.00 41.39  ? 80  MET A SD  1 
ATOM   660  C  CE  . MET A 1 85  ? 3.617   -4.364  -1.674  1.00 42.56  ? 80  MET A CE  1 
ATOM   661  N  N   . ALA A 1 86  ? 9.463   -6.504  -2.643  1.00 42.94  ? 81  ALA A N   1 
ATOM   662  C  CA  . ALA A 1 86  ? 9.529   -7.970  -2.670  1.00 43.07  ? 81  ALA A CA  1 
ATOM   663  C  C   . ALA A 1 86  ? 8.340   -8.586  -1.924  1.00 43.41  ? 81  ALA A C   1 
ATOM   664  O  O   . ALA A 1 86  ? 8.485   -9.166  -0.845  1.00 43.26  ? 81  ALA A O   1 
ATOM   665  C  CB  . ALA A 1 86  ? 10.846  -8.454  -2.077  1.00 42.86  ? 81  ALA A CB  1 
ATOM   666  N  N   . PHE A 1 87  ? 7.165   -8.454  -2.530  1.00 43.68  ? 82  PHE A N   1 
ATOM   667  C  CA  . PHE A 1 87  ? 5.912   -8.906  -1.949  1.00 43.44  ? 82  PHE A CA  1 
ATOM   668  C  C   . PHE A 1 87  ? 5.068   -9.525  -3.057  1.00 44.16  ? 82  PHE A C   1 
ATOM   669  O  O   . PHE A 1 87  ? 4.872   -8.912  -4.113  1.00 44.32  ? 82  PHE A O   1 
ATOM   670  C  CB  . PHE A 1 87  ? 5.174   -7.723  -1.319  1.00 42.85  ? 82  PHE A CB  1 
ATOM   671  C  CG  . PHE A 1 87  ? 3.905   -8.105  -0.608  1.00 42.65  ? 82  PHE A CG  1 
ATOM   672  C  CD1 . PHE A 1 87  ? 3.948   -8.890  0.537   1.00 42.13  ? 82  PHE A CD1 1 
ATOM   673  C  CD2 . PHE A 1 87  ? 2.669   -7.673  -1.075  1.00 41.94  ? 82  PHE A CD2 1 
ATOM   674  C  CE1 . PHE A 1 87  ? 2.785   -9.243  1.198   1.00 41.81  ? 82  PHE A CE1 1 
ATOM   675  C  CE2 . PHE A 1 87  ? 1.502   -8.022  -0.414  1.00 41.70  ? 82  PHE A CE2 1 
ATOM   676  C  CZ  . PHE A 1 87  ? 1.560   -8.808  0.722   1.00 41.61  ? 82  PHE A CZ  1 
ATOM   677  N  N   . GLY A 1 88  ? 4.577   -10.738 -2.817  1.00 44.02  ? 83  GLY A N   1 
ATOM   678  C  CA  . GLY A 1 88  ? 3.807   -11.473 -3.814  1.00 44.70  ? 83  GLY A CA  1 
ATOM   679  C  C   . GLY A 1 88  ? 2.368   -11.013 -3.954  1.00 45.54  ? 83  GLY A C   1 
ATOM   680  O  O   . GLY A 1 88  ? 1.812   -11.055 -5.054  1.00 46.63  ? 83  GLY A O   1 
ATOM   681  N  N   . GLY A 1 89  ? 1.756   -10.596 -2.845  1.00 46.16  ? 84  GLY A N   1 
ATOM   682  C  CA  . GLY A 1 89  ? 0.427   -9.982  -2.877  1.00 46.87  ? 84  GLY A CA  1 
ATOM   683  C  C   . GLY A 1 89  ? -0.582  -10.524 -1.878  1.00 47.56  ? 84  GLY A C   1 
ATOM   684  O  O   . GLY A 1 89  ? -0.277  -11.402 -1.070  1.00 46.99  ? 84  GLY A O   1 
ATOM   685  N  N   . LEU A 1 90  ? -1.788  -9.962  -1.936  1.00 48.75  ? 85  LEU A N   1 
ATOM   686  C  CA  . LEU A 1 90  ? -2.950  -10.472 -1.215  1.00 49.80  ? 85  LEU A CA  1 
ATOM   687  C  C   . LEU A 1 90  ? -3.961  -10.951 -2.251  1.00 51.13  ? 85  LEU A C   1 
ATOM   688  O  O   . LEU A 1 90  ? -4.642  -10.138 -2.877  1.00 51.08  ? 85  LEU A O   1 
ATOM   689  C  CB  . LEU A 1 90  ? -3.578  -9.374  -0.353  1.00 49.47  ? 85  LEU A CB  1 
ATOM   690  C  CG  . LEU A 1 90  ? -2.801  -8.901  0.877   1.00 49.12  ? 85  LEU A CG  1 
ATOM   691  C  CD1 . LEU A 1 90  ? -3.476  -7.681  1.490   1.00 48.88  ? 85  LEU A CD1 1 
ATOM   692  C  CD2 . LEU A 1 90  ? -2.676  -10.018 1.902   1.00 49.02  ? 85  LEU A CD2 1 
ATOM   693  N  N   . LYS A 1 91  ? -4.060  -12.266 -2.429  1.00 53.20  ? 86  LYS A N   1 
ATOM   694  C  CA  . LYS A 1 91  ? -4.888  -12.833 -3.497  1.00 55.52  ? 86  LYS A CA  1 
ATOM   695  C  C   . LYS A 1 91  ? -6.377  -12.758 -3.187  1.00 55.90  ? 86  LYS A C   1 
ATOM   696  O  O   . LYS A 1 91  ? -7.191  -12.554 -4.090  1.00 56.37  ? 86  LYS A O   1 
ATOM   697  C  CB  . LYS A 1 91  ? -4.485  -14.282 -3.788  1.00 56.89  ? 86  LYS A CB  1 
ATOM   698  C  CG  . LYS A 1 91  ? -3.022  -14.459 -4.180  1.00 58.62  ? 86  LYS A CG  1 
ATOM   699  C  CD  . LYS A 1 91  ? -2.653  -13.736 -5.472  1.00 59.47  ? 86  LYS A CD  1 
ATOM   700  C  CE  . LYS A 1 91  ? -1.151  -13.503 -5.560  1.00 60.34  ? 86  LYS A CE  1 
ATOM   701  N  NZ  . LYS A 1 91  ? -0.764  -12.636 -6.707  1.00 61.04  ? 86  LYS A NZ  1 
ATOM   702  N  N   . LYS A 1 92  ? -6.726  -12.912 -1.913  1.00 55.69  ? 87  LYS A N   1 
ATOM   703  C  CA  . LYS A 1 92  ? -8.120  -12.881 -1.486  1.00 55.77  ? 87  LYS A CA  1 
ATOM   704  C  C   . LYS A 1 92  ? -8.660  -11.453 -1.488  1.00 55.08  ? 87  LYS A C   1 
ATOM   705  O  O   . LYS A 1 92  ? -8.035  -10.545 -0.944  1.00 54.49  ? 87  LYS A O   1 
ATOM   706  C  CB  . LYS A 1 92  ? -8.262  -13.505 -0.097  1.00 56.63  ? 87  LYS A CB  1 
ATOM   707  C  CG  . LYS A 1 92  ? -7.834  -14.962 -0.043  1.00 57.74  ? 87  LYS A CG  1 
ATOM   708  C  CD  . LYS A 1 92  ? -7.853  -15.491 1.378   1.00 59.56  ? 87  LYS A CD  1 
ATOM   709  C  CE  . LYS A 1 92  ? -7.169  -16.842 1.477   1.00 60.87  ? 87  LYS A CE  1 
ATOM   710  N  NZ  . LYS A 1 92  ? -6.994  -17.251 2.898   1.00 62.06  ? 87  LYS A NZ  1 
ATOM   711  N  N   . GLU A 1 93  ? -9.823  -11.269 -2.110  1.00 55.60  ? 88  GLU A N   1 
ATOM   712  C  CA  . GLU A 1 93  ? -10.453 -9.955  -2.234  1.00 55.86  ? 88  GLU A CA  1 
ATOM   713  C  C   . GLU A 1 93  ? -10.935 -9.417  -0.884  1.00 55.81  ? 88  GLU A C   1 
ATOM   714  O  O   . GLU A 1 93  ? -10.923 -8.206  -0.655  1.00 55.75  ? 88  GLU A O   1 
ATOM   715  C  CB  . GLU A 1 93  ? -11.626 -10.025 -3.222  1.00 56.36  ? 88  GLU A CB  1 
ATOM   716  C  CG  . GLU A 1 93  ? -12.269 -8.680  -3.540  1.00 56.93  ? 88  GLU A CG  1 
ATOM   717  C  CD  . GLU A 1 93  ? -13.368 -8.778  -4.585  1.00 57.59  ? 88  GLU A CD  1 
ATOM   718  O  OE1 . GLU A 1 93  ? -13.780 -9.908  -4.930  1.00 57.30  ? 88  GLU A OE1 1 
ATOM   719  O  OE2 . GLU A 1 93  ? -13.824 -7.715  -5.059  1.00 57.81  ? 88  GLU A OE2 1 
ATOM   720  N  N   . LYS A 1 94  ? -11.364 -10.315 0.000   1.00 55.31  ? 89  LYS A N   1 
ATOM   721  C  CA  . LYS A 1 94  ? -11.793 -9.925  1.340   1.00 55.04  ? 89  LYS A CA  1 
ATOM   722  C  C   . LYS A 1 94  ? -10.630 -9.328  2.135   1.00 52.61  ? 89  LYS A C   1 
ATOM   723  O  O   . LYS A 1 94  ? -10.792 -8.307  2.807   1.00 51.83  ? 89  LYS A O   1 
ATOM   724  C  CB  . LYS A 1 94  ? -12.382 -11.125 2.086   1.00 57.49  ? 89  LYS A CB  1 
ATOM   725  C  CG  . LYS A 1 94  ? -12.992 -10.773 3.434   1.00 60.08  ? 89  LYS A CG  1 
ATOM   726  C  CD  . LYS A 1 94  ? -13.617 -11.983 4.105   1.00 61.77  ? 89  LYS A CD  1 
ATOM   727  C  CE  . LYS A 1 94  ? -14.217 -11.608 5.452   1.00 63.27  ? 89  LYS A CE  1 
ATOM   728  N  NZ  . LYS A 1 94  ? -15.284 -12.564 5.861   1.00 64.95  ? 89  LYS A NZ  1 
ATOM   729  N  N   . ASP A 1 95  ? -9.467  -9.972  2.054   1.00 49.40  ? 90  ASP A N   1 
ATOM   730  C  CA  . ASP A 1 95  ? -8.254  -9.478  2.710   1.00 47.12  ? 90  ASP A CA  1 
ATOM   731  C  C   . ASP A 1 95  ? -7.878  -8.082  2.219   1.00 45.36  ? 90  ASP A C   1 
ATOM   732  O  O   . ASP A 1 95  ? -7.546  -7.205  3.019   1.00 44.87  ? 90  ASP A O   1 
ATOM   733  C  CB  . ASP A 1 95  ? -7.081  -10.436 2.473   1.00 46.91  ? 90  ASP A CB  1 
ATOM   734  C  CG  . ASP A 1 95  ? -7.215  -11.739 3.248   1.00 46.95  ? 90  ASP A CG  1 
ATOM   735  O  OD1 . ASP A 1 95  ? -8.081  -11.833 4.143   1.00 46.85  ? 90  ASP A OD1 1 
ATOM   736  O  OD2 . ASP A 1 95  ? -6.438  -12.674 2.962   1.00 46.92  ? 90  ASP A OD2 1 
ATOM   737  N  N   . ARG A 1 96  ? -7.933  -7.881  0.906   1.00 43.84  ? 91  ARG A N   1 
ATOM   738  C  CA  . ARG A 1 96  ? -7.596  -6.587  0.313   1.00 42.93  ? 91  ARG A CA  1 
ATOM   739  C  C   . ARG A 1 96  ? -8.574  -5.499  0.755   1.00 41.85  ? 91  ARG A C   1 
ATOM   740  O  O   . ARG A 1 96  ? -8.160  -4.390  1.085   1.00 42.28  ? 91  ARG A O   1 
ATOM   741  C  CB  . ARG A 1 96  ? -7.533  -6.685  -1.217  1.00 42.87  ? 91  ARG A CB  1 
ATOM   742  C  CG  . ARG A 1 96  ? -6.284  -7.396  -1.720  1.00 42.59  ? 91  ARG A CG  1 
ATOM   743  C  CD  . ARG A 1 96  ? -6.154  -7.373  -3.236  1.00 42.69  ? 91  ARG A CD  1 
ATOM   744  N  NE  . ARG A 1 96  ? -6.709  -8.574  -3.862  1.00 42.87  ? 91  ARG A NE  1 
ATOM   745  C  CZ  . ARG A 1 96  ? -7.865  -8.647  -4.525  1.00 43.18  ? 91  ARG A CZ  1 
ATOM   746  N  NH1 . ARG A 1 96  ? -8.645  -7.582  -4.682  1.00 43.56  ? 91  ARG A NH1 1 
ATOM   747  N  NH2 . ARG A 1 96  ? -8.247  -9.811  -5.040  1.00 43.71  ? 91  ARG A NH2 1 
ATOM   748  N  N   . ASN A 1 97  ? -9.863  -5.824  0.770   1.00 40.87  ? 92  ASN A N   1 
ATOM   749  C  CA  . ASN A 1 97  ? -10.888 -4.902  1.262   1.00 40.30  ? 92  ASN A CA  1 
ATOM   750  C  C   . ASN A 1 97  ? -10.681 -4.565  2.738   1.00 39.30  ? 92  ASN A C   1 
ATOM   751  O  O   . ASN A 1 97  ? -10.789 -3.406  3.134   1.00 39.17  ? 92  ASN A O   1 
ATOM   752  C  CB  . ASN A 1 97  ? -12.288 -5.494  1.064   1.00 41.06  ? 92  ASN A CB  1 
ATOM   753  C  CG  . ASN A 1 97  ? -12.739 -5.481  -0.386  1.00 41.14  ? 92  ASN A CG  1 
ATOM   754  O  OD1 . ASN A 1 97  ? -12.400 -4.576  -1.153  1.00 41.68  ? 92  ASN A OD1 1 
ATOM   755  N  ND2 . ASN A 1 97  ? -13.519 -6.484  -0.767  1.00 41.02  ? 92  ASN A ND2 1 
ATOM   756  N  N   . ASP A 1 98  ? -10.387 -5.579  3.547   1.00 38.53  ? 93  ASP A N   1 
ATOM   757  C  CA  . ASP A 1 98  ? -10.128 -5.373  4.974   1.00 38.27  ? 93  ASP A CA  1 
ATOM   758  C  C   . ASP A 1 98  ? -8.888  -4.510  5.192   1.00 36.54  ? 93  ASP A C   1 
ATOM   759  O  O   . ASP A 1 98  ? -8.930  -3.524  5.929   1.00 35.28  ? 93  ASP A O   1 
ATOM   760  C  CB  . ASP A 1 98  ? -9.961  -6.713  5.703   1.00 39.38  ? 93  ASP A CB  1 
ATOM   761  C  CG  . ASP A 1 98  ? -11.266 -7.498  5.814   1.00 40.43  ? 93  ASP A CG  1 
ATOM   762  O  OD1 . ASP A 1 98  ? -12.360 -6.894  5.700   1.00 41.19  ? 93  ASP A OD1 1 
ATOM   763  O  OD2 . ASP A 1 98  ? -11.193 -8.729  6.022   1.00 40.95  ? 93  ASP A OD2 1 
ATOM   764  N  N   . LEU A 1 99  ? -7.790  -4.887  4.538   1.00 35.70  ? 94  LEU A N   1 
ATOM   765  C  CA  . LEU A 1 99  ? -6.520  -4.172  4.660   1.00 35.25  ? 94  LEU A CA  1 
ATOM   766  C  C   . LEU A 1 99  ? -6.648  -2.704  4.253   1.00 35.14  ? 94  LEU A C   1 
ATOM   767  O  O   . LEU A 1 99  ? -6.182  -1.817  4.968   1.00 35.63  ? 94  LEU A O   1 
ATOM   768  C  CB  . LEU A 1 99  ? -5.446  -4.862  3.811   1.00 35.16  ? 94  LEU A CB  1 
ATOM   769  C  CG  . LEU A 1 99  ? -3.991  -4.375  3.881   1.00 35.22  ? 94  LEU A CG  1 
ATOM   770  C  CD1 . LEU A 1 99  ? -3.765  -3.082  3.102   1.00 35.27  ? 94  LEU A CD1 1 
ATOM   771  C  CD2 . LEU A 1 99  ? -3.529  -4.226  5.322   1.00 35.48  ? 94  LEU A CD2 1 
ATOM   772  N  N   . ILE A 1 100 ? -7.280  -2.455  3.108   1.00 34.64  ? 95  ILE A N   1 
ATOM   773  C  CA  . ILE A 1 100 ? -7.438  -1.096  2.585   1.00 34.42  ? 95  ILE A CA  1 
ATOM   774  C  C   . ILE A 1 100 ? -8.366  -0.249  3.463   1.00 34.85  ? 95  ILE A C   1 
ATOM   775  O  O   . ILE A 1 100 ? -8.143  0.952   3.623   1.00 35.39  ? 95  ILE A O   1 
ATOM   776  C  CB  . ILE A 1 100 ? -7.927  -1.112  1.119   1.00 34.09  ? 95  ILE A CB  1 
ATOM   777  C  CG1 . ILE A 1 100 ? -6.815  -1.649  0.215   1.00 33.95  ? 95  ILE A CG1 1 
ATOM   778  C  CG2 . ILE A 1 100 ? -8.345  0.280   0.654   1.00 33.91  ? 95  ILE A CG2 1 
ATOM   779  C  CD1 . ILE A 1 100 ? -7.288  -2.076  -1.157  1.00 34.15  ? 95  ILE A CD1 1 
ATOM   780  N  N   . THR A 1 101 ? -9.395  -0.869  4.035   1.00 35.06  ? 96  THR A N   1 
ATOM   781  C  CA  . THR A 1 101 ? -10.276 -0.168  4.970   1.00 35.32  ? 96  THR A CA  1 
ATOM   782  C  C   . THR A 1 101 ? -9.474  0.344   6.166   1.00 35.71  ? 96  THR A C   1 
ATOM   783  O  O   . THR A 1 101 ? -9.664  1.475   6.612   1.00 34.89  ? 96  THR A O   1 
ATOM   784  C  CB  . THR A 1 101 ? -11.423 -1.081  5.453   1.00 35.46  ? 96  THR A CB  1 
ATOM   785  O  OG1 . THR A 1 101 ? -12.158 -1.566  4.323   1.00 34.91  ? 96  THR A OG1 1 
ATOM   786  C  CG2 . THR A 1 101 ? -12.375 -0.330  6.386   1.00 35.27  ? 96  THR A CG2 1 
ATOM   787  N  N   . TYR A 1 102 ? -8.572  -0.493  6.674   1.00 37.22  ? 97  TYR A N   1 
ATOM   788  C  CA  . TYR A 1 102 ? -7.665  -0.089  7.747   1.00 38.38  ? 97  TYR A CA  1 
ATOM   789  C  C   . TYR A 1 102 ? -6.695  1.003   7.287   1.00 39.21  ? 97  TYR A C   1 
ATOM   790  O  O   . TYR A 1 102 ? -6.531  2.010   7.974   1.00 39.71  ? 97  TYR A O   1 
ATOM   791  C  CB  . TYR A 1 102 ? -6.882  -1.290  8.295   1.00 38.70  ? 97  TYR A CB  1 
ATOM   792  C  CG  . TYR A 1 102 ? -5.656  -0.888  9.086   1.00 39.38  ? 97  TYR A CG  1 
ATOM   793  C  CD1 . TYR A 1 102 ? -5.776  -0.375  10.374  1.00 39.40  ? 97  TYR A CD1 1 
ATOM   794  C  CD2 . TYR A 1 102 ? -4.378  -0.997  8.539   1.00 39.58  ? 97  TYR A CD2 1 
ATOM   795  C  CE1 . TYR A 1 102 ? -4.661  0.007   11.099  1.00 39.31  ? 97  TYR A CE1 1 
ATOM   796  C  CE2 . TYR A 1 102 ? -3.257  -0.616  9.258   1.00 39.43  ? 97  TYR A CE2 1 
ATOM   797  C  CZ  . TYR A 1 102 ? -3.405  -0.115  10.536  1.00 39.35  ? 97  TYR A CZ  1 
ATOM   798  O  OH  . TYR A 1 102 ? -2.299  0.267   11.253  1.00 39.79  ? 97  TYR A OH  1 
ATOM   799  N  N   . LEU A 1 103 ? -6.057  0.797   6.134   1.00 39.86  ? 98  LEU A N   1 
ATOM   800  C  CA  . LEU A 1 103 ? -5.056  1.744   5.614   1.00 40.66  ? 98  LEU A CA  1 
ATOM   801  C  C   . LEU A 1 103 ? -5.601  3.154   5.434   1.00 40.76  ? 98  LEU A C   1 
ATOM   802  O  O   . LEU A 1 103 ? -4.951  4.122   5.822   1.00 40.80  ? 98  LEU A O   1 
ATOM   803  C  CB  . LEU A 1 103 ? -4.475  1.275   4.273   1.00 41.42  ? 98  LEU A CB  1 
ATOM   804  C  CG  . LEU A 1 103 ? -3.160  0.495   4.260   1.00 42.07  ? 98  LEU A CG  1 
ATOM   805  C  CD1 . LEU A 1 103 ? -2.770  0.208   2.818   1.00 42.41  ? 98  LEU A CD1 1 
ATOM   806  C  CD2 . LEU A 1 103 ? -2.046  1.250   4.970   1.00 41.96  ? 98  LEU A CD2 1 
ATOM   807  N  N   . LYS A 1 104 ? -6.783  3.267   4.835   1.00 41.20  ? 99  LYS A N   1 
ATOM   808  C  CA  . LYS A 1 104 ? -7.395  4.570   4.581   1.00 42.15  ? 99  LYS A CA  1 
ATOM   809  C  C   . LYS A 1 104 ? -7.505  5.415   5.851   1.00 42.56  ? 99  LYS A C   1 
ATOM   810  O  O   . LYS A 1 104 ? -7.347  6.636   5.802   1.00 44.03  ? 99  LYS A O   1 
ATOM   811  C  CB  . LYS A 1 104 ? -8.772  4.406   3.932   1.00 43.08  ? 99  LYS A CB  1 
ATOM   812  C  CG  . LYS A 1 104 ? -8.717  4.007   2.465   1.00 43.72  ? 99  LYS A CG  1 
ATOM   813  C  CD  . LYS A 1 104 ? -10.080 3.595   1.929   1.00 44.84  ? 99  LYS A CD  1 
ATOM   814  C  CE  . LYS A 1 104 ? -11.043 4.771   1.839   1.00 45.69  ? 99  LYS A CE  1 
ATOM   815  N  NZ  . LYS A 1 104 ? -12.355 4.386   1.242   1.00 45.89  ? 99  LYS A NZ  1 
ATOM   816  N  N   . LYS A 1 105 ? -7.767  4.761   6.979   1.00 42.54  ? 100 LYS A N   1 
ATOM   817  C  CA  . LYS A 1 105 ? -7.854  5.444   8.268   1.00 43.03  ? 100 LYS A CA  1 
ATOM   818  C  C   . LYS A 1 105 ? -6.485  5.613   8.934   1.00 42.48  ? 100 LYS A C   1 
ATOM   819  O  O   . LYS A 1 105 ? -6.212  6.648   9.539   1.00 42.31  ? 100 LYS A O   1 
ATOM   820  C  CB  . LYS A 1 105 ? -8.794  4.682   9.210   1.00 44.00  ? 100 LYS A CB  1 
ATOM   821  C  CG  . LYS A 1 105 ? -10.223 4.513   8.696   1.00 44.51  ? 100 LYS A CG  1 
ATOM   822  C  CD  . LYS A 1 105 ? -10.953 5.833   8.463   1.00 44.62  ? 100 LYS A CD  1 
ATOM   823  C  CE  . LYS A 1 105 ? -11.079 6.658   9.735   1.00 44.88  ? 100 LYS A CE  1 
ATOM   824  N  NZ  . LYS A 1 105 ? -11.941 7.854   9.533   1.00 45.38  ? 100 LYS A NZ  1 
ATOM   825  N  N   . ALA A 1 106 ? -5.632  4.598   8.825   1.00 42.43  ? 101 ALA A N   1 
ATOM   826  C  CA  . ALA A 1 106 ? -4.331  4.598   9.502   1.00 43.46  ? 101 ALA A CA  1 
ATOM   827  C  C   . ALA A 1 106 ? -3.323  5.574   8.889   1.00 43.89  ? 101 ALA A C   1 
ATOM   828  O  O   . ALA A 1 106 ? -2.393  6.011   9.569   1.00 43.91  ? 101 ALA A O   1 
ATOM   829  C  CB  . ALA A 1 106 ? -3.748  3.190   9.523   1.00 43.95  ? 101 ALA A CB  1 
ATOM   830  N  N   . THR A 1 107 ? -3.503  5.900   7.612   1.00 44.61  ? 102 THR A N   1 
ATOM   831  C  CA  . THR A 1 107 ? -2.631  6.841   6.908   1.00 45.18  ? 102 THR A CA  1 
ATOM   832  C  C   . THR A 1 107 ? -3.331  8.179   6.661   1.00 47.67  ? 102 THR A C   1 
ATOM   833  O  O   . THR A 1 107 ? -2.887  8.976   5.833   1.00 48.06  ? 102 THR A O   1 
ATOM   834  C  CB  . THR A 1 107 ? -2.181  6.261   5.552   1.00 43.69  ? 102 THR A CB  1 
ATOM   835  O  OG1 . THR A 1 107 ? -3.315  6.106   4.688   1.00 42.22  ? 102 THR A OG1 1 
ATOM   836  C  CG2 . THR A 1 107 ? -1.494  4.913   5.742   1.00 43.14  ? 102 THR A CG2 1 
ATOM   837  N  N   . GLU A 1 108 ? -4.412  8.427   7.397   1.00 50.77  ? 103 GLU A N   1 
ATOM   838  C  CA  . GLU A 1 108 ? -5.297  9.563   7.143   1.00 52.98  ? 103 GLU A CA  1 
ATOM   839  C  C   . GLU A 1 108 ? -4.661  10.862  7.625   1.00 53.79  ? 103 GLU A C   1 
ATOM   840  O  O   . GLU A 1 108 ? -4.657  11.862  6.904   1.00 54.04  ? 103 GLU A O   1 
ATOM   841  C  CB  . GLU A 1 108 ? -6.639  9.337   7.848   1.00 54.54  ? 103 GLU A CB  1 
ATOM   842  C  CG  . GLU A 1 108 ? -7.812  10.123  7.291   1.00 55.66  ? 103 GLU A CG  1 
ATOM   843  C  CD  . GLU A 1 108 ? -9.139  9.659   7.872   1.00 56.81  ? 103 GLU A CD  1 
ATOM   844  O  OE1 . GLU A 1 108 ? -10.052 9.321   7.088   1.00 57.11  ? 103 GLU A OE1 1 
ATOM   845  O  OE2 . GLU A 1 108 ? -9.267  9.613   9.116   1.00 57.22  ? 103 GLU A OE2 1 
ATOM   846  O  OXT . GLU A 1 108 ? -4.133  10.940  8.738   1.00 54.40  ? 103 GLU A OXT 1 
HETATM 847  FE FE  . HEC B 2 .   ? 5.098   -2.134  0.125   1.00 31.68  ? 201 HEC A FE  1 
HETATM 848  C  CHA . HEC B 2 .   ? 5.949   0.320   -1.962  1.00 31.80  ? 201 HEC A CHA 1 
HETATM 849  C  CHB . HEC B 2 .   ? 1.856   -0.917  0.326   1.00 31.66  ? 201 HEC A CHB 1 
HETATM 850  C  CHC . HEC B 2 .   ? 4.041   -4.970  1.913   1.00 32.32  ? 201 HEC A CHC 1 
HETATM 851  C  CHD . HEC B 2 .   ? 8.286   -3.174  0.486   1.00 32.18  ? 201 HEC A CHD 1 
HETATM 852  N  NA  . HEC B 2 .   ? 4.097   -0.589  -0.618  1.00 31.80  ? 201 HEC A NA  1 
HETATM 853  C  C1A . HEC B 2 .   ? 4.642   0.285   -1.531  1.00 31.57  ? 201 HEC A C1A 1 
HETATM 854  C  C2A . HEC B 2 .   ? 3.639   1.199   -1.920  1.00 31.27  ? 201 HEC A C2A 1 
HETATM 855  C  C3A . HEC B 2 .   ? 2.496   0.858   -1.270  1.00 31.30  ? 201 HEC A C3A 1 
HETATM 856  C  C4A . HEC B 2 .   ? 2.777   -0.261  -0.466  1.00 31.50  ? 201 HEC A C4A 1 
HETATM 857  C  CMA . HEC B 2 .   ? 1.162   1.551   -1.389  1.00 31.41  ? 201 HEC A CMA 1 
HETATM 858  C  CAA . HEC B 2 .   ? 3.783   2.352   -2.881  1.00 31.02  ? 201 HEC A CAA 1 
HETATM 859  C  CBA . HEC B 2 .   ? 4.077   3.617   -2.070  1.00 30.99  ? 201 HEC A CBA 1 
HETATM 860  C  CGA . HEC B 2 .   ? 4.211   4.825   -2.962  1.00 30.86  ? 201 HEC A CGA 1 
HETATM 861  O  O1A . HEC B 2 .   ? 4.476   5.941   -2.458  1.00 30.35  ? 201 HEC A O1A 1 
HETATM 862  O  O2A . HEC B 2 .   ? 4.058   4.723   -4.201  1.00 30.94  ? 201 HEC A O2A 1 
HETATM 863  N  NB  . HEC B 2 .   ? 3.283   -2.814  0.968   1.00 31.98  ? 201 HEC A NB  1 
HETATM 864  C  C1B . HEC B 2 .   ? 2.117   -2.152  0.937   1.00 31.86  ? 201 HEC A C1B 1 
HETATM 865  C  C2B . HEC B 2 .   ? 1.104   -2.912  1.596   1.00 31.95  ? 201 HEC A C2B 1 
HETATM 866  C  C3B . HEC B 2 .   ? 1.687   -4.062  2.059   1.00 32.52  ? 201 HEC A C3B 1 
HETATM 867  C  C4B . HEC B 2 .   ? 3.104   -3.976  1.618   1.00 32.37  ? 201 HEC A C4B 1 
HETATM 868  C  CMB . HEC B 2 .   ? -0.340  -2.504  1.764   1.00 32.20  ? 201 HEC A CMB 1 
HETATM 869  C  CAB . HEC B 2 .   ? 1.092   -5.227  2.777   1.00 33.51  ? 201 HEC A CAB 1 
HETATM 870  C  CBB . HEC B 2 .   ? -0.217  -5.461  2.901   1.00 34.21  ? 201 HEC A CBB 1 
HETATM 871  N  NC  . HEC B 2 .   ? 5.995   -3.784  1.050   1.00 32.07  ? 201 HEC A NC  1 
HETATM 872  C  C1C . HEC B 2 .   ? 5.403   -4.839  1.685   1.00 32.21  ? 201 HEC A C1C 1 
HETATM 873  C  C2C . HEC B 2 .   ? 6.394   -5.713  2.168   1.00 32.24  ? 201 HEC A C2C 1 
HETATM 874  C  C3C . HEC B 2 .   ? 7.627   -5.204  1.774   1.00 32.70  ? 201 HEC A C3C 1 
HETATM 875  C  C4C . HEC B 2 .   ? 7.347   -3.993  1.053   1.00 32.05  ? 201 HEC A C4C 1 
HETATM 876  C  CMC . HEC B 2 .   ? 6.148   -6.979  2.951   1.00 31.91  ? 201 HEC A CMC 1 
HETATM 877  C  CAC . HEC B 2 .   ? 8.989   -5.762  2.021   1.00 33.75  ? 201 HEC A CAC 1 
HETATM 878  C  CBC . HEC B 2 .   ? 9.265   -6.955  2.549   1.00 33.55  ? 201 HEC A CBC 1 
HETATM 879  N  ND  . HEC B 2 .   ? 6.740   -1.558  -0.577  1.00 32.34  ? 201 HEC A ND  1 
HETATM 880  C  C1D . HEC B 2 .   ? 7.950   -2.081  -0.319  1.00 32.58  ? 201 HEC A C1D 1 
HETATM 881  C  C2D . HEC B 2 .   ? 8.979   -1.353  -1.072  1.00 32.56  ? 201 HEC A C2D 1 
HETATM 882  C  C3D . HEC B 2 .   ? 8.346   -0.383  -1.756  1.00 32.72  ? 201 HEC A C3D 1 
HETATM 883  C  C4D . HEC B 2 .   ? 6.915   -0.534  -1.441  1.00 32.32  ? 201 HEC A C4D 1 
HETATM 884  C  CMD . HEC B 2 .   ? 10.459  -1.639  -1.054  1.00 32.70  ? 201 HEC A CMD 1 
HETATM 885  C  CAD . HEC B 2 .   ? 8.987   0.620   -2.683  1.00 33.42  ? 201 HEC A CAD 1 
HETATM 886  C  CBD . HEC B 2 .   ? 9.068   -0.049  -4.060  1.00 34.26  ? 201 HEC A CBD 1 
HETATM 887  C  CGD . HEC B 2 .   ? 9.707   0.825   -5.115  1.00 34.93  ? 201 HEC A CGD 1 
HETATM 888  O  O1D . HEC B 2 .   ? 10.323  1.873   -4.814  1.00 35.76  ? 201 HEC A O1D 1 
HETATM 889  O  O2D . HEC B 2 .   ? 9.619   0.487   -6.317  1.00 35.14  ? 201 HEC A O2D 1 
HETATM 890  C  C11 . EVB C 3 .   ? 8.747   -10.562 10.861  1.00 39.84  ? 202 EVB A C11 1 
HETATM 891  C  C12 . EVB C 3 .   ? 9.360   -9.367  11.233  1.00 39.76  ? 202 EVB A C12 1 
HETATM 892  C  C13 . EVB C 3 .   ? 8.601   -8.209  11.386  1.00 39.36  ? 202 EVB A C13 1 
HETATM 893  C  C14 . EVB C 3 .   ? 10.846  -9.373  11.518  1.00 39.80  ? 202 EVB A C14 1 
HETATM 894  C  C15 . EVB C 3 .   ? 7.358   -4.230  15.399  1.00 38.34  ? 202 EVB A C15 1 
HETATM 895  C  C17 . EVB C 3 .   ? 5.796   -2.532  16.348  1.00 39.43  ? 202 EVB A C17 1 
HETATM 896  C  C18 . EVB C 3 .   ? 5.172   -1.286  16.346  1.00 40.44  ? 202 EVB A C18 1 
HETATM 897  C  C19 . EVB C 3 .   ? 5.467   -0.382  15.327  1.00 39.98  ? 202 EVB A C19 1 
HETATM 898  C  C20 . EVB C 3 .   ? 6.368   -0.715  14.318  1.00 39.35  ? 202 EVB A C20 1 
HETATM 899  C  C21 . EVB C 3 .   ? 6.989   -1.962  14.329  1.00 38.93  ? 202 EVB A C21 1 
HETATM 900  C  C22 . EVB C 3 .   ? 11.741  -9.091  10.332  1.00 40.41  ? 202 EVB A C22 1 
HETATM 901  C  C23 . EVB C 3 .   ? 12.137  -7.790  10.050  1.00 40.20  ? 202 EVB A C23 1 
HETATM 902  C  C1  . EVB C 3 .   ? 5.175   -7.369  13.453  1.00 38.29  ? 202 EVB A C1  1 
HETATM 903  C  C2  . EVB C 3 .   ? 6.140   -6.653  12.741  1.00 38.32  ? 202 EVB A C2  1 
HETATM 904  C  C3  . EVB C 3 .   ? 6.849   -5.630  13.366  1.00 37.86  ? 202 EVB A C3  1 
HETATM 905  C  C4  . EVB C 3 .   ? 6.591   -5.323  14.694  1.00 37.97  ? 202 EVB A C4  1 
HETATM 906  C  C5  . EVB C 3 .   ? 5.640   -6.045  15.408  1.00 38.25  ? 202 EVB A C5  1 
HETATM 907  C  C6  . EVB C 3 .   ? 4.921   -7.070  14.793  1.00 38.45  ? 202 EVB A C6  1 
HETATM 908  C  C7  . EVB C 3 .   ? 6.394   -6.994  11.286  1.00 38.55  ? 202 EVB A C7  1 
HETATM 909  C  C8  . EVB C 3 .   ? 7.233   -8.243  11.145  1.00 38.82  ? 202 EVB A C8  1 
HETATM 910  C  C9  . EVB C 3 .   ? 6.623   -9.434  10.761  1.00 39.42  ? 202 EVB A C9  1 
HETATM 911  C  C10 . EVB C 3 .   ? 7.373   -10.600 10.618  1.00 40.10  ? 202 EVB A C10 1 
HETATM 912  C  C16 . EVB C 3 .   ? 6.692   -2.873  15.340  1.00 38.66  ? 202 EVB A C16 1 
HETATM 913  C  C24 . EVB C 3 .   ? 12.970  -7.541  8.968   1.00 40.40  ? 202 EVB A C24 1 
HETATM 914  C  C25 . EVB C 3 .   ? 13.431  -8.594  8.183   1.00 40.94  ? 202 EVB A C25 1 
HETATM 915  C  C26 . EVB C 3 .   ? 13.049  -9.905  8.464   1.00 41.72  ? 202 EVB A C26 1 
HETATM 916  C  C27 . EVB C 3 .   ? 12.204  -10.152 9.550   1.00 41.01  ? 202 EVB A C27 1 
HETATM 917  C  C28 . EVB C 3 .   ? 13.416  -6.128  8.655   1.00 40.43  ? 202 EVB A C28 1 
HETATM 918  C  C29 . EVB C 3 .   ? 6.653   0.313   13.241  1.00 39.41  ? 202 EVB A C29 1 
HETATM 919  C  C30 . EVB C 3 .   ? 14.471  -5.777  9.689   1.00 40.19  ? 202 EVB A C30 1 
HETATM 920  C  C31 . EVB C 3 .   ? 14.296  -4.716  10.571  1.00 39.88  ? 202 EVB A C31 1 
HETATM 921  C  C32 . EVB C 3 .   ? 15.281  -4.430  11.509  1.00 39.91  ? 202 EVB A C32 1 
HETATM 922  C  C33 . EVB C 3 .   ? 16.430  -5.214  11.582  1.00 40.25  ? 202 EVB A C33 1 
HETATM 923  C  C34 . EVB C 3 .   ? 16.614  -6.280  10.710  1.00 40.34  ? 202 EVB A C34 1 
HETATM 924  C  C35 . EVB C 3 .   ? 15.627  -6.561  9.766   1.00 40.15  ? 202 EVB A C35 1 
HETATM 925  C  C36 . EVB C 3 .   ? 7.505   1.393   13.871  1.00 39.34  ? 202 EVB A C36 1 
HETATM 926  C  C37 . EVB C 3 .   ? 6.925   2.602   14.246  1.00 39.56  ? 202 EVB A C37 1 
HETATM 927  C  C38 . EVB C 3 .   ? 7.694   3.602   14.838  1.00 40.41  ? 202 EVB A C38 1 
HETATM 928  C  C39 . EVB C 3 .   ? 9.056   3.374   15.056  1.00 40.07  ? 202 EVB A C39 1 
HETATM 929  C  C40 . EVB C 3 .   ? 9.640   2.165   14.669  1.00 39.55  ? 202 EVB A C40 1 
HETATM 930  C  C41 . EVB C 3 .   ? 8.856   1.169   14.095  1.00 39.52  ? 202 EVB A C41 1 
HETATM 931  C  C42 . EVB C 3 .   ? 15.115  -3.290  12.485  1.00 40.01  ? 202 EVB A C42 1 
HETATM 932  C  C43 . EVB C 3 .   ? 11.109  1.933   14.949  1.00 39.03  ? 202 EVB A C43 1 
HETATM 933  C  C44 . EVB C 3 .   ? 15.515  -1.938  11.933  1.00 40.11  ? 202 EVB A C44 1 
HETATM 934  C  C45 . EVB C 3 .   ? 14.540  -1.001  11.617  1.00 39.88  ? 202 EVB A C45 1 
HETATM 935  C  C46 . EVB C 3 .   ? 14.904  0.251   11.131  1.00 39.83  ? 202 EVB A C46 1 
HETATM 936  C  C47 . EVB C 3 .   ? 16.252  0.562   10.961  1.00 40.61  ? 202 EVB A C47 1 
HETATM 937  C  C48 . EVB C 3 .   ? 17.242  -0.368  11.286  1.00 41.56  ? 202 EVB A C48 1 
HETATM 938  C  C49 . EVB C 3 .   ? 16.866  -1.623  11.777  1.00 40.70  ? 202 EVB A C49 1 
HETATM 939  C  C50 . EVB C 3 .   ? 12.115  2.436   13.934  1.00 38.68  ? 202 EVB A C50 1 
HETATM 940  C  C51 . EVB C 3 .   ? 12.709  3.681   14.134  1.00 38.34  ? 202 EVB A C51 1 
HETATM 941  C  C52 . EVB C 3 .   ? 13.660  4.163   13.236  1.00 38.39  ? 202 EVB A C52 1 
HETATM 942  C  C53 . EVB C 3 .   ? 14.030  3.373   12.147  1.00 38.39  ? 202 EVB A C53 1 
HETATM 943  C  C54 . EVB C 3 .   ? 13.453  2.118   11.957  1.00 38.57  ? 202 EVB A C54 1 
HETATM 944  C  C55 . EVB C 3 .   ? 12.500  1.649   12.854  1.00 38.55  ? 202 EVB A C55 1 
HETATM 945  O  O1  . EVB C 3 .   ? 13.228  -1.323  11.783  1.00 39.42  ? 202 EVB A O1  1 
HETATM 946  O  O2  . EVB C 3 .   ? 13.175  -3.945  10.514  1.00 39.99  ? 202 EVB A O2  1 
HETATM 947  O  O3  . EVB C 3 .   ? 11.692  -6.759  10.819  1.00 39.93  ? 202 EVB A O3  1 
HETATM 948  O  O4  . EVB C 3 .   ? 9.196   -7.041  11.759  1.00 39.15  ? 202 EVB A O4  1 
HETATM 949  O  O5  . EVB C 3 .   ? 7.791   -4.921  12.678  1.00 36.87  ? 202 EVB A O5  1 
HETATM 950  O  O6  . EVB C 3 .   ? 7.875   -2.293  13.348  1.00 38.43  ? 202 EVB A O6  1 
HETATM 951  O  O7  . EVB C 3 .   ? 9.410   -0.022  13.726  1.00 39.46  ? 202 EVB A O7  1 
HETATM 952  O  O8  . EVB C 3 .   ? 11.929  0.426   12.674  1.00 38.25  ? 202 EVB A O8  1 
HETATM 953  S  S64 . EVB C 3 .   ? 18.784  0.031   11.085  1.00 43.05  ? 202 EVB A S64 1 
HETATM 954  S  S65 . EVB C 3 .   ? 17.950  -7.160  10.810  1.00 40.56  ? 202 EVB A S65 1 
HETATM 955  S  S66 . EVB C 3 .   ? 13.603  -11.079 7.526   1.00 42.88  ? 202 EVB A S66 1 
HETATM 956  S  S67 . EVB C 3 .   ? 6.637   -11.958 10.187  1.00 40.80  ? 202 EVB A S67 1 
HETATM 957  S  S68 . EVB C 3 .   ? 3.822   -7.884  15.629  1.00 39.03  ? 202 EVB A S68 1 
HETATM 958  S  S69 . EVB C 3 .   ? 4.137   -0.913  17.512  1.00 41.91  ? 202 EVB A S69 1 
HETATM 959  S  S70 . EVB C 3 .   ? 7.002   4.984   15.260  1.00 41.67  ? 202 EVB A S70 1 
HETATM 960  S  S71 . EVB C 3 .   ? 14.331  5.601   13.467  1.00 38.51  ? 202 EVB A S71 1 
HETATM 961  C  C72 . EVB C 3 .   ? 13.865  1.289   10.760  1.00 39.12  ? 202 EVB A C72 1 
HETATM 962  O  O9  . EVB C 3 .   ? 19.123  -0.021  9.643   1.00 42.68  ? 202 EVB A O9  1 
HETATM 963  O  O10 . EVB C 3 .   ? 18.998  1.411   11.580  1.00 41.68  ? 202 EVB A O10 1 
HETATM 964  O  O11 . EVB C 3 .   ? 19.663  -0.904  11.834  1.00 41.51  ? 202 EVB A O11 1 
HETATM 965  O  O12 . EVB C 3 .   ? 17.865  -8.057  11.986  1.00 40.33  ? 202 EVB A O12 1 
HETATM 966  O  O13 . EVB C 3 .   ? 18.139  -7.972  9.586   1.00 40.89  ? 202 EVB A O13 1 
HETATM 967  O  O14 . EVB C 3 .   ? 19.119  -6.267  10.968  1.00 40.14  ? 202 EVB A O14 1 
HETATM 968  O  O15 . EVB C 3 .   ? 13.303  -10.745 6.117   1.00 42.33  ? 202 EVB A O15 1 
HETATM 969  O  O16 . EVB C 3 .   ? 15.069  -11.185 7.700   1.00 42.87  ? 202 EVB A O16 1 
HETATM 970  O  O17 . EVB C 3 .   ? 12.990  -12.384 7.870   1.00 42.42  ? 202 EVB A O17 1 
HETATM 971  O  O18 . EVB C 3 .   ? 7.584   -13.099 10.208  1.00 40.21  ? 202 EVB A O18 1 
HETATM 972  O  O19 . EVB C 3 .   ? 6.073   -11.809 8.824   1.00 40.49  ? 202 EVB A O19 1 
HETATM 973  O  O20 . EVB C 3 .   ? 5.541   -12.217 11.146  1.00 39.67  ? 202 EVB A O20 1 
HETATM 974  O  O21 . EVB C 3 .   ? 3.192   -6.978  16.613  1.00 38.61  ? 202 EVB A O21 1 
HETATM 975  O  O22 . EVB C 3 .   ? 4.455   -9.012  16.351  1.00 38.44  ? 202 EVB A O22 1 
HETATM 976  O  O23 . EVB C 3 .   ? 2.772   -8.409  14.725  1.00 38.65  ? 202 EVB A O23 1 
HETATM 977  O  O24 . EVB C 3 .   ? 3.253   -2.078  17.755  1.00 41.42  ? 202 EVB A O24 1 
HETATM 978  O  O25 . EVB C 3 .   ? 3.290   0.249   17.148  1.00 41.62  ? 202 EVB A O25 1 
HETATM 979  O  O26 . EVB C 3 .   ? 4.912   -0.582  18.734  1.00 39.83  ? 202 EVB A O26 1 
HETATM 980  O  O27 . EVB C 3 .   ? 5.700   4.701   15.904  1.00 41.44  ? 202 EVB A O27 1 
HETATM 981  O  O28 . EVB C 3 .   ? 6.759   5.829   14.071  1.00 42.09  ? 202 EVB A O28 1 
HETATM 982  O  O29 . EVB C 3 .   ? 7.862   5.713   16.222  1.00 40.83  ? 202 EVB A O29 1 
HETATM 983  O  O30 . EVB C 3 .   ? 14.675  6.217   12.164  1.00 38.69  ? 202 EVB A O30 1 
HETATM 984  O  O31 . EVB C 3 .   ? 13.415  6.492   14.215  1.00 38.23  ? 202 EVB A O31 1 
HETATM 985  O  O32 . EVB C 3 .   ? 15.571  5.433   14.252  1.00 38.67  ? 202 EVB A O32 1 
HETATM 986  C  C11 . EVB D 3 .   ? -17.334 1.787   6.053   1.00 42.58  ? 203 EVB A C11 1 
HETATM 987  C  C12 . EVB D 3 .   ? -17.072 0.852   7.059   1.00 42.67  ? 203 EVB A C12 1 
HETATM 988  C  C13 . EVB D 3 .   ? -15.931 0.996   7.850   1.00 42.35  ? 203 EVB A C13 1 
HETATM 989  C  C14 . EVB D 3 .   ? -18.025 -0.325  7.237   1.00 43.00  ? 203 EVB A C14 1 
HETATM 990  C  C15 . EVB D 3 .   ? -12.157 3.655   13.050  1.00 42.34  ? 203 EVB A C15 1 
HETATM 991  C  C17 . EVB D 3 .   ? -10.420 5.434   13.465  1.00 42.40  ? 203 EVB A C17 1 
HETATM 992  C  C18 . EVB D 3 .   ? -9.099  5.895   13.475  1.00 42.48  ? 203 EVB A C18 1 
HETATM 993  C  C19 . EVB D 3 .   ? -8.081  5.046   13.040  1.00 41.41  ? 203 EVB A C19 1 
HETATM 994  C  C20 . EVB D 3 .   ? -8.377  3.753   12.607  1.00 41.01  ? 203 EVB A C20 1 
HETATM 995  C  C21 . EVB D 3 .   ? -9.695  3.302   12.600  1.00 41.76  ? 203 EVB A C21 1 
HETATM 996  C  C22 . EVB D 3 .   ? -19.128 -0.117  8.261   1.00 43.01  ? 203 EVB A C22 1 
HETATM 997  C  C23 . EVB D 3 .   ? -18.916 -0.424  9.602   1.00 42.76  ? 203 EVB A C23 1 
HETATM 998  C  C1  . EVB D 3 .   ? -14.622 4.427   9.611   1.00 42.63  ? 203 EVB A C1  1 
HETATM 999  C  C2  . EVB D 3 .   ? -13.845 3.260   9.645   1.00 42.16  ? 203 EVB A C2  1 
HETATM 1000 C  C3  . EVB D 3 .   ? -13.035 3.014   10.755  1.00 42.03  ? 203 EVB A C3  1 
HETATM 1001 C  C4  . EVB D 3 .   ? -13.000 3.912   11.818  1.00 42.22  ? 203 EVB A C4  1 
HETATM 1002 C  C5  . EVB D 3 .   ? -13.788 5.053   11.787  1.00 42.37  ? 203 EVB A C5  1 
HETATM 1003 C  C6  . EVB D 3 .   ? -14.597 5.322   10.688  1.00 43.39  ? 203 EVB A C6  1 
HETATM 1004 C  C7  . EVB D 3 .   ? -13.814 2.252   8.502   1.00 42.07  ? 203 EVB A C7  1 
HETATM 1005 C  C8  . EVB D 3 .   ? -15.073 2.085   7.662   1.00 42.37  ? 203 EVB A C8  1 
HETATM 1006 C  C9  . EVB D 3 .   ? -15.343 3.006   6.648   1.00 42.34  ? 203 EVB A C9  1 
HETATM 1007 C  C10 . EVB D 3 .   ? -16.477 2.873   5.847   1.00 42.68  ? 203 EVB A C10 1 
HETATM 1008 C  C16 . EVB D 3 .   ? -10.720 4.143   13.019  1.00 42.11  ? 203 EVB A C16 1 
HETATM 1009 C  C24 . EVB D 3 .   ? -19.931 -0.242  10.539  1.00 43.06  ? 203 EVB A C24 1 
HETATM 1010 C  C25 . EVB D 3 .   ? -21.174 0.241   10.126  1.00 43.36  ? 203 EVB A C25 1 
HETATM 1011 C  C26 . EVB D 3 .   ? -21.404 0.542   8.781   1.00 44.26  ? 203 EVB A C26 1 
HETATM 1012 C  C27 . EVB D 3 .   ? -20.377 0.356   7.849   1.00 43.24  ? 203 EVB A C27 1 
HETATM 1013 C  C28 . EVB D 3 .   ? -19.705 -0.567  12.003  1.00 43.00  ? 203 EVB A C28 1 
HETATM 1014 C  C29 . EVB D 3 .   ? -7.244  2.859   12.149  1.00 40.36  ? 203 EVB A C29 1 
HETATM 1015 C  C30 . EVB D 3 .   ? -19.144 0.642   12.723  1.00 43.04  ? 203 EVB A C30 1 
HETATM 1016 C  C31 . EVB D 3 .   ? -17.796 0.965   12.607  1.00 42.77  ? 203 EVB A C31 1 
HETATM 1017 C  C32 . EVB D 3 .   ? -17.281 2.067   13.273  1.00 42.14  ? 203 EVB A C32 1 
HETATM 1018 C  C33 . EVB D 3 .   ? -18.124 2.868   14.047  1.00 42.73  ? 203 EVB A C33 1 
HETATM 1019 C  C34 . EVB D 3 .   ? -19.484 2.557   14.174  1.00 43.21  ? 203 EVB A C34 1 
HETATM 1020 C  C35 . EVB D 3 .   ? -19.986 1.438   13.505  1.00 43.00  ? 203 EVB A C35 1 
HETATM 1021 C  C36 . EVB D 3 .   ? -6.855  1.879   13.242  1.00 39.75  ? 203 EVB A C36 1 
HETATM 1022 C  C37 . EVB D 3 .   ? -5.835  2.203   14.140  1.00 40.11  ? 203 EVB A C37 1 
HETATM 1023 C  C38 . EVB D 3 .   ? -5.468  1.305   15.149  1.00 41.00  ? 203 EVB A C38 1 
HETATM 1024 C  C39 . EVB D 3 .   ? -6.126  0.078   15.243  1.00 40.52  ? 203 EVB A C39 1 
HETATM 1025 C  C40 . EVB D 3 .   ? -7.149  -0.250  14.356  1.00 40.26  ? 203 EVB A C40 1 
HETATM 1026 C  C41 . EVB D 3 .   ? -7.497  0.651   13.351  1.00 39.74  ? 203 EVB A C41 1 
HETATM 1027 C  C42 . EVB D 3 .   ? -15.817 2.422   13.117  1.00 41.80  ? 203 EVB A C42 1 
HETATM 1028 C  C43 . EVB D 3 .   ? -7.832  -1.603  14.484  1.00 40.59  ? 203 EVB A C43 1 
HETATM 1029 C  C44 . EVB D 3 .   ? -14.912 1.879   14.198  1.00 41.20  ? 203 EVB A C44 1 
HETATM 1030 C  C45 . EVB D 3 .   ? -14.322 0.623   14.112  1.00 40.51  ? 203 EVB A C45 1 
HETATM 1031 C  C46 . EVB D 3 .   ? -13.471 0.164   15.119  1.00 40.77  ? 203 EVB A C46 1 
HETATM 1032 C  C47 . EVB D 3 .   ? -13.226 0.987   16.226  1.00 41.88  ? 203 EVB A C47 1 
HETATM 1033 C  C48 . EVB D 3 .   ? -13.814 2.257   16.300  1.00 42.89  ? 203 EVB A C48 1 
HETATM 1034 C  C49 . EVB D 3 .   ? -14.649 2.695   15.285  1.00 41.74  ? 203 EVB A C49 1 
HETATM 1035 C  C50 . EVB D 3 .   ? -9.087  -1.626  15.345  1.00 40.91  ? 203 EVB A C50 1 
HETATM 1036 C  C51 . EVB D 3 .   ? -8.973  -1.897  16.709  1.00 41.33  ? 203 EVB A C51 1 
HETATM 1037 C  C52 . EVB D 3 .   ? -10.107 -1.938  17.524  1.00 41.30  ? 203 EVB A C52 1 
HETATM 1038 C  C53 . EVB D 3 .   ? -11.363 -1.721  16.956  1.00 40.88  ? 203 EVB A C53 1 
HETATM 1039 C  C54 . EVB D 3 .   ? -11.489 -1.447  15.593  1.00 40.85  ? 203 EVB A C54 1 
HETATM 1040 C  C55 . EVB D 3 .   ? -10.349 -1.420  14.792  1.00 40.75  ? 203 EVB A C55 1 
HETATM 1041 O  O1  . EVB D 3 .   ? -14.587 -0.162  13.032  1.00 40.15  ? 203 EVB A O1  1 
HETATM 1042 O  O2  . EVB D 3 .   ? -16.966 0.193   11.853  1.00 42.36  ? 203 EVB A O2  1 
HETATM 1043 O  O3  . EVB D 3 .   ? -17.705 -0.899  9.997   1.00 41.90  ? 203 EVB A O3  1 
HETATM 1044 O  O4  . EVB D 3 .   ? -15.666 0.080   8.824   1.00 41.70  ? 203 EVB A O4  1 
HETATM 1045 O  O5  . EVB D 3 .   ? -12.264 1.890   10.804  1.00 41.64  ? 203 EVB A O5  1 
HETATM 1046 O  O6  . EVB D 3 .   ? -9.996  2.041   12.175  1.00 41.16  ? 203 EVB A O6  1 
HETATM 1047 O  O7  . EVB D 3 .   ? -8.487  0.338   12.473  1.00 39.42  ? 203 EVB A O7  1 
HETATM 1048 O  O8  . EVB D 3 .   ? -10.458 -1.169  13.461  1.00 40.75  ? 203 EVB A O8  1 
HETATM 1049 S  S64 . EVB D 3 .   ? -13.578 3.255   17.523  1.00 44.66  ? 203 EVB A S64 1 
HETATM 1050 S  S65 . EVB D 3 .   ? -20.479 3.454   15.068  1.00 43.41  ? 203 EVB A S65 1 
HETATM 1051 S  S66 . EVB D 3 .   ? -22.842 1.099   8.336   1.00 45.67  ? 203 EVB A S66 1 
HETATM 1052 S  S67 . EVB D 3 .   ? -16.758 3.960   4.702   1.00 42.43  ? 203 EVB A S67 1 
HETATM 1053 S  S68 . EVB D 3 .   ? -15.472 6.665   10.695  1.00 44.78  ? 203 EVB A S68 1 
HETATM 1054 S  S69 . EVB D 3 .   ? -8.752  7.382   13.973  1.00 43.01  ? 203 EVB A S69 1 
HETATM 1055 S  S70 . EVB D 3 .   ? -4.299  1.648   16.197  1.00 42.04  ? 203 EVB A S70 1 
HETATM 1056 S  S71 . EVB D 3 .   ? -9.990  -2.237  19.096  1.00 41.50  ? 203 EVB A S71 1 
HETATM 1057 C  C72 . EVB D 3 .   ? -12.873 -1.231  14.995  1.00 40.63  ? 203 EVB A C72 1 
HETATM 1058 O  O9  . EVB D 3 .   ? -14.857 3.425   18.248  1.00 45.21  ? 203 EVB A O9  1 
HETATM 1059 O  O10 . EVB D 3 .   ? -12.583 2.714   18.470  1.00 44.49  ? 203 EVB A O10 1 
HETATM 1060 O  O11 . EVB D 3 .   ? -13.138 4.565   16.990  1.00 44.44  ? 203 EVB A O11 1 
HETATM 1061 O  O12 . EVB D 3 .   ? -20.913 2.696   16.265  1.00 42.64  ? 203 EVB A O12 1 
HETATM 1062 O  O13 . EVB D 3 .   ? -19.817 4.695   15.519  1.00 43.52  ? 203 EVB A O13 1 
HETATM 1063 O  O14 . EVB D 3 .   ? -21.664 3.824   14.263  1.00 43.11  ? 203 EVB A O14 1 
HETATM 1064 O  O15 . EVB D 3 .   ? -23.004 1.040   6.868   1.00 45.74  ? 203 EVB A O15 1 
HETATM 1065 O  O16 . EVB D 3 .   ? -23.901 0.264   8.948   1.00 45.92  ? 203 EVB A O16 1 
HETATM 1066 O  O17 . EVB D 3 .   ? -23.005 2.494   8.794   1.00 44.62  ? 203 EVB A O17 1 
HETATM 1067 O  O18 . EVB D 3 .   ? -17.999 3.666   3.955   1.00 42.89  ? 203 EVB A O18 1 
HETATM 1068 O  O19 . EVB D 3 .   ? -15.635 3.910   3.746   1.00 42.55  ? 203 EVB A O19 1 
HETATM 1069 O  O20 . EVB D 3 .   ? -16.849 5.314   5.289   1.00 41.63  ? 203 EVB A O20 1 
HETATM 1070 O  O21 . EVB D 3 .   ? -15.737 7.097   9.302   1.00 45.29  ? 203 EVB A O21 1 
HETATM 1071 O  O22 . EVB D 3 .   ? -16.742 6.435   11.423  1.00 44.06  ? 203 EVB A O22 1 
HETATM 1072 O  O23 . EVB D 3 .   ? -14.722 7.750   11.367  1.00 44.71  ? 203 EVB A O23 1 
HETATM 1073 O  O24 . EVB D 3 .   ? -8.790  8.300   12.812  1.00 43.10  ? 203 EVB A O24 1 
HETATM 1074 O  O25 . EVB D 3 .   ? -7.411  7.405   14.605  1.00 42.48  ? 203 EVB A O25 1 
HETATM 1075 O  O26 . EVB D 3 .   ? -9.740  7.848   14.970  1.00 43.21  ? 203 EVB A O26 1 
HETATM 1076 O  O27 . EVB D 3 .   ? -4.058  3.108   16.275  1.00 41.67  ? 203 EVB A O27 1 
HETATM 1077 O  O28 . EVB D 3 .   ? -3.056  0.965   15.766  1.00 42.48  ? 203 EVB A O28 1 
HETATM 1078 O  O29 . EVB D 3 .   ? -4.647  1.147   17.543  1.00 41.73  ? 203 EVB A O29 1 
HETATM 1079 O  O30 . EVB D 3 .   ? -10.644 -3.532  19.391  1.00 41.91  ? 203 EVB A O30 1 
HETATM 1080 O  O31 . EVB D 3 .   ? -8.582  -2.328  19.534  1.00 41.45  ? 203 EVB A O31 1 
HETATM 1081 O  O32 . EVB D 3 .   ? -10.659 -1.160  19.857  1.00 40.80  ? 203 EVB A O32 1 
HETATM 1082 C  C11 . EVB E 3 .   ? 1.846   -13.158 -14.225 1.00 132.08 ? 204 EVB A C11 1 
HETATM 1083 C  C12 . EVB E 3 .   ? 2.094   -13.704 -12.965 1.00 131.12 ? 204 EVB A C12 1 
HETATM 1084 C  C13 . EVB E 3 .   ? 2.823   -12.978 -12.024 1.00 132.18 ? 204 EVB A C13 1 
HETATM 1085 C  C14 . EVB E 3 .   ? 1.571   -15.092 -12.648 1.00 129.04 ? 204 EVB A C14 1 
HETATM 1086 C  C15 . EVB E 3 .   ? 8.516   -13.037 -10.330 1.00 132.51 ? 204 EVB A C15 1 
HETATM 1087 C  C17 . EVB E 3 .   ? 10.366  -12.035 -8.965  1.00 131.36 ? 204 EVB A C17 1 
HETATM 1088 C  C18 . EVB E 3 .   ? 10.874  -11.508 -7.779  1.00 131.95 ? 204 EVB A C18 1 
HETATM 1089 C  C19 . EVB E 3 .   ? 10.052  -11.421 -6.656  1.00 130.04 ? 204 EVB A C19 1 
HETATM 1090 C  C20 . EVB E 3 .   ? 8.733   -11.860 -6.719  1.00 126.84 ? 204 EVB A C20 1 
HETATM 1091 C  C21 . EVB E 3 .   ? 8.229   -12.381 -7.904  1.00 129.76 ? 204 EVB A C21 1 
HETATM 1092 C  C22 . EVB E 3 .   ? 0.567   -15.120 -11.502 1.00 126.24 ? 204 EVB A C22 1 
HETATM 1093 C  C23 . EVB E 3 .   ? 0.533   -16.223 -10.654 1.00 125.52 ? 204 EVB A C23 1 
HETATM 1094 C  C1  . EVB E 3 .   ? 6.233   -9.917  -12.203 1.00 135.31 ? 204 EVB A C1  1 
HETATM 1095 C  C2  . EVB E 3 .   ? 5.579   -10.921 -11.485 1.00 133.86 ? 204 EVB A C2  1 
HETATM 1096 C  C3  . EVB E 3 .   ? 6.309   -11.927 -10.869 1.00 132.53 ? 204 EVB A C3  1 
HETATM 1097 C  C4  . EVB E 3 .   ? 7.695   -11.950 -10.988 1.00 132.84 ? 204 EVB A C4  1 
HETATM 1098 C  C5  . EVB E 3 .   ? 8.351   -10.952 -11.710 1.00 133.97 ? 204 EVB A C5  1 
HETATM 1099 C  C6  . EVB E 3 .   ? 7.626   -9.931  -12.324 1.00 135.29 ? 204 EVB A C6  1 
HETATM 1100 C  C7  . EVB E 3 .   ? 4.075   -10.884 -11.341 1.00 133.41 ? 204 EVB A C7  1 
HETATM 1101 C  C8  . EVB E 3 .   ? 3.303   -11.710 -12.347 1.00 132.83 ? 204 EVB A C8  1 
HETATM 1102 C  C9  . EVB E 3 .   ? 3.041   -11.161 -13.599 1.00 132.72 ? 204 EVB A C9  1 
HETATM 1103 C  C10 . EVB E 3 .   ? 2.319   -11.886 -14.545 1.00 133.77 ? 204 EVB A C10 1 
HETATM 1104 C  C16 . EVB E 3 .   ? 9.046   -12.477 -9.027  1.00 131.44 ? 204 EVB A C16 1 
HETATM 1105 C  C24 . EVB E 3 .   ? -0.367  -16.300 -9.594  1.00 122.79 ? 204 EVB A C24 1 
HETATM 1106 C  C25 . EVB E 3 .   ? -1.256  -15.238 -9.385  1.00 121.73 ? 204 EVB A C25 1 
HETATM 1107 C  C26 . EVB E 3 .   ? -1.237  -14.124 -10.229 1.00 121.57 ? 204 EVB A C26 1 
HETATM 1108 C  C27 . EVB E 3 .   ? -0.328  -14.069 -11.288 1.00 123.19 ? 204 EVB A C27 1 
HETATM 1109 C  C28 . EVB E 3 .   ? -0.304  -17.562 -8.739  1.00 121.22 ? 204 EVB A C28 1 
HETATM 1110 C  C29 . EVB E 3 .   ? 7.860   -11.749 -5.489  1.00 122.13 ? 204 EVB A C29 1 
HETATM 1111 C  C30 . EVB E 3 .   ? -1.286  -17.696 -7.586  1.00 119.01 ? 204 EVB A C30 1 
HETATM 1112 C  C31 . EVB E 3 .   ? -0.823  -18.016 -6.310  1.00 116.65 ? 204 EVB A C31 1 
HETATM 1113 C  C32 . EVB E 3 .   ? -1.706  -18.156 -5.241  1.00 114.88 ? 204 EVB A C32 1 
HETATM 1114 C  C33 . EVB E 3 .   ? -3.075  -17.987 -5.464  1.00 119.37 ? 204 EVB A C33 1 
HETATM 1115 C  C34 . EVB E 3 .   ? -3.553  -17.683 -6.743  1.00 122.75 ? 204 EVB A C34 1 
HETATM 1116 C  C35 . EVB E 3 .   ? -2.655  -17.548 -7.801  1.00 119.52 ? 204 EVB A C35 1 
HETATM 1117 C  C36 . EVB E 3 .   ? 7.967   -12.983 -4.617  1.00 118.15 ? 204 EVB A C36 1 
HETATM 1118 C  C37 . EVB E 3 .   ? 9.172   -13.234 -3.962  1.00 118.84 ? 204 EVB A C37 1 
HETATM 1119 C  C38 . EVB E 3 .   ? 9.306   -14.352 -3.143  1.00 120.49 ? 204 EVB A C38 1 
HETATM 1120 C  C39 . EVB E 3 .   ? 8.228   -15.222 -2.978  1.00 117.43 ? 204 EVB A C39 1 
HETATM 1121 C  C40 . EVB E 3 .   ? 7.022   -14.978 -3.632  1.00 112.32 ? 204 EVB A C40 1 
HETATM 1122 C  C41 . EVB E 3 .   ? 6.892   -13.852 -4.447  1.00 114.47 ? 204 EVB A C41 1 
HETATM 1123 C  C42 . EVB E 3 .   ? -1.200  -18.486 -3.840  1.00 109.48 ? 204 EVB A C42 1 
HETATM 1124 C  C43 . EVB E 3 .   ? 5.861   -15.934 -3.425  1.00 105.18 ? 204 EVB A C43 1 
HETATM 1125 C  C44 . EVB E 3 .   ? -1.020  -17.213 -3.029  1.00 104.85 ? 204 EVB A C44 1 
HETATM 1126 C  C45 . EVB E 3 .   ? -0.045  -16.282 -3.384  1.00 102.76 ? 204 EVB A C45 1 
HETATM 1127 C  C46 . EVB E 3 .   ? 0.118   -15.126 -2.641  1.00 98.44  ? 204 EVB A C46 1 
HETATM 1128 C  C47 . EVB E 3 .   ? -0.703  -14.869 -1.548  1.00 97.36  ? 204 EVB A C47 1 
HETATM 1129 C  C48 . EVB E 3 .   ? -1.685  -15.783 -1.177  1.00 95.97  ? 204 EVB A C48 1 
HETATM 1130 C  C49 . EVB E 3 .   ? -1.840  -16.961 -1.921  1.00 100.50 ? 204 EVB A C49 1 
HETATM 1131 C  C50 . EVB E 3 .   ? 4.781   -15.176 -2.676  1.00 99.44  ? 204 EVB A C50 1 
HETATM 1132 C  C51 . EVB E 3 .   ? 5.090   -14.601 -1.442  1.00 95.98  ? 204 EVB A C51 1 
HETATM 1133 C  C52 . EVB E 3 .   ? 4.126   -13.885 -0.737  1.00 93.66  ? 204 EVB A C52 1 
HETATM 1134 C  C53 . EVB E 3 .   ? 2.851   -13.741 -1.272  1.00 95.25  ? 204 EVB A C53 1 
HETATM 1135 C  C54 . EVB E 3 .   ? 2.540   -14.322 -2.494  1.00 96.08  ? 204 EVB A C54 1 
HETATM 1136 C  C55 . EVB E 3 .   ? 3.505   -15.025 -3.209  1.00 96.75  ? 204 EVB A C55 1 
HETATM 1137 O  O1  . EVB E 3 .   ? 0.774   -16.492 -4.452  1.00 103.24 ? 204 EVB A O1  1 
HETATM 1138 O  O2  . EVB E 3 .   ? 0.513   -18.177 -6.101  1.00 116.70 ? 204 EVB A O2  1 
HETATM 1139 O  O3  . EVB E 3 .   ? 1.400   -17.256 -10.860 1.00 129.68 ? 204 EVB A O3  1 
HETATM 1140 O  O4  . EVB E 3 .   ? 3.069   -13.513 -10.794 1.00 130.19 ? 204 EVB A O4  1 
HETATM 1141 O  O5  . EVB E 3 .   ? 5.653   -12.892 -10.165 1.00 130.54 ? 204 EVB A O5  1 
HETATM 1142 O  O6  . EVB E 3 .   ? 6.936   -12.806 -7.952  1.00 130.98 ? 204 EVB A O6  1 
HETATM 1143 O  O7  . EVB E 3 .   ? 5.710   -13.613 -5.083  1.00 111.97 ? 204 EVB A O7  1 
HETATM 1144 O  O8  . EVB E 3 .   ? 3.193   -15.573 -4.416  1.00 94.35  ? 204 EVB A O8  1 
HETATM 1145 S  S64 . EVB E 3 .   ? -2.603  -15.455 0.095   1.00 89.97  ? 204 EVB A S64 1 
HETATM 1146 S  S65 . EVB E 3 .   ? -5.120  -17.487 -7.012  1.00 128.10 ? 204 EVB A S65 1 
HETATM 1147 S  S66 . EVB E 3 .   ? -2.259  -12.912 -9.991  1.00 119.65 ? 204 EVB A S66 1 
HETATM 1148 S  S67 . EVB E 3 .   ? 2.034   -11.252 -15.984 1.00 135.64 ? 204 EVB A S67 1 
HETATM 1149 S  S68 . EVB E 3 .   ? 8.406   -8.798  -13.147 1.00 135.06 ? 204 EVB A S68 1 
HETATM 1150 S  S69 . EVB E 3 .   ? 12.390  -11.012 -7.716  1.00 134.00 ? 204 EVB A S69 1 
HETATM 1151 S  S70 . EVB E 3 .   ? 10.684  -14.651 -2.393  1.00 124.47 ? 204 EVB A S70 1 
HETATM 1152 S  S71 . EVB E 3 .   ? 4.501   -13.234 0.670   1.00 89.66  ? 204 EVB A S71 1 
HETATM 1153 C  C72 . EVB E 3 .   ? 1.154   -14.107 -3.045  1.00 96.89  ? 204 EVB A C72 1 
HETATM 1154 O  O9  . EVB E 3 .   ? -3.878  -16.202 0.016   1.00 91.18  ? 204 EVB A O9  1 
HETATM 1155 O  O10 . EVB E 3 .   ? -1.887  -15.837 1.329   1.00 89.44  ? 204 EVB A O10 1 
HETATM 1156 O  O11 . EVB E 3 .   ? -2.909  -14.008 0.144   1.00 87.98  ? 204 EVB A O11 1 
HETATM 1157 O  O12 . EVB E 3 .   ? -5.472  -16.060 -6.835  1.00 128.87 ? 204 EVB A O12 1 
HETATM 1158 O  O13 . EVB E 3 .   ? -5.456  -17.905 -8.394  1.00 126.94 ? 204 EVB A O13 1 
HETATM 1159 O  O14 . EVB E 3 .   ? -5.914  -18.301 -6.063  1.00 128.29 ? 204 EVB A O14 1 
HETATM 1160 O  O15 . EVB E 3 .   ? -2.640  -12.820 -8.563  1.00 117.59 ? 204 EVB A O15 1 
HETATM 1161 O  O16 . EVB E 3 .   ? -1.636  -11.636 -10.410 1.00 119.69 ? 204 EVB A O16 1 
HETATM 1162 O  O17 . EVB E 3 .   ? -3.481  -13.131 -10.795 1.00 120.03 ? 204 EVB A O17 1 
HETATM 1163 O  O18 . EVB E 3 .   ? 1.867   -12.327 -16.989 1.00 135.87 ? 204 EVB A O18 1 
HETATM 1164 O  O19 . EVB E 3 .   ? 3.168   -10.390 -16.390 1.00 134.50 ? 204 EVB A O19 1 
HETATM 1165 O  O20 . EVB E 3 .   ? 0.799   -10.438 -15.922 1.00 135.92 ? 204 EVB A O20 1 
HETATM 1166 O  O21 . EVB E 3 .   ? 9.136   -9.431  -14.270 1.00 134.73 ? 204 EVB A O21 1 
HETATM 1167 O  O22 . EVB E 3 .   ? 7.463   -7.791  -13.687 1.00 134.03 ? 204 EVB A O22 1 
HETATM 1168 O  O23 . EVB E 3 .   ? 9.375   -8.122  -12.254 1.00 131.63 ? 204 EVB A O23 1 
HETATM 1169 O  O24 . EVB E 3 .   ? 13.277  -12.179 -7.518  1.00 133.19 ? 204 EVB A O24 1 
HETATM 1170 O  O25 . EVB E 3 .   ? 12.579  -10.063 -6.593  1.00 132.60 ? 204 EVB A O25 1 
HETATM 1171 O  O26 . EVB E 3 .   ? 12.738  -10.340 -8.990  1.00 133.21 ? 204 EVB A O26 1 
HETATM 1172 O  O27 . EVB E 3 .   ? 10.403  -15.096 -1.008  1.00 124.82 ? 204 EVB A O27 1 
HETATM 1173 O  O28 . EVB E 3 .   ? 11.524  -13.433 -2.345  1.00 125.15 ? 204 EVB A O28 1 
HETATM 1174 O  O29 . EVB E 3 .   ? 11.407  -15.717 -3.121  1.00 123.72 ? 204 EVB A O29 1 
HETATM 1175 O  O30 . EVB E 3 .   ? 3.393   -12.391 1.175   1.00 88.97  ? 204 EVB A O30 1 
HETATM 1176 O  O31 . EVB E 3 .   ? 4.787   -14.309 1.647   1.00 90.41  ? 204 EVB A O31 1 
HETATM 1177 O  O32 . EVB E 3 .   ? 5.699   -12.389 0.485   1.00 88.61  ? 204 EVB A O32 1 
HETATM 1178 N  N1  . EPE F 4 .   ? 0.807   -1.227  13.930  1.00 86.76  ? 205 EPE A N1  1 
HETATM 1179 C  C2  . EPE F 4 .   ? 0.551   -1.900  15.221  1.00 87.41  ? 205 EPE A C2  1 
HETATM 1180 C  C3  . EPE F 4 .   ? -0.787  -1.456  15.807  1.00 87.18  ? 205 EPE A C3  1 
HETATM 1181 N  N4  . EPE F 4 .   ? -1.913  -1.913  14.964  1.00 86.55  ? 205 EPE A N4  1 
HETATM 1182 C  C5  . EPE F 4 .   ? -1.508  -2.031  13.545  1.00 86.57  ? 205 EPE A C5  1 
HETATM 1183 C  C6  . EPE F 4 .   ? -0.445  -0.997  13.185  1.00 86.13  ? 205 EPE A C6  1 
HETATM 1184 C  C7  . EPE F 4 .   ? -2.478  -3.191  15.456  1.00 85.25  ? 205 EPE A C7  1 
HETATM 1185 C  C8  . EPE F 4 .   ? -3.820  -2.954  16.139  1.00 84.11  ? 205 EPE A C8  1 
HETATM 1186 O  O8  . EPE F 4 .   ? -3.693  -1.947  17.147  1.00 82.85  ? 205 EPE A O8  1 
HETATM 1187 C  C9  . EPE F 4 .   ? 1.526   0.044   14.150  1.00 86.72  ? 205 EPE A C9  1 
HETATM 1188 C  C10 . EPE F 4 .   ? 2.071   0.621   12.844  1.00 86.87  ? 205 EPE A C10 1 
HETATM 1189 S  S   . EPE F 4 .   ? 2.641   2.163   13.105  1.00 86.85  ? 205 EPE A S   1 
HETATM 1190 O  O1S . EPE F 4 .   ? 1.487   3.057   13.337  1.00 86.93  ? 205 EPE A O1S 1 
HETATM 1191 O  O2S . EPE F 4 .   ? 3.419   2.616   11.929  1.00 84.28  ? 205 EPE A O2S 1 
HETATM 1192 O  O3S . EPE F 4 .   ? 3.494   2.196   14.310  1.00 87.80  ? 205 EPE A O3S 1 
HETATM 1193 N  N1  . EPE G 4 .   ? 19.286  -4.279  7.128   1.00 125.21 ? 206 EPE A N1  1 
HETATM 1194 C  C2  . EPE G 4 .   ? 18.089  -5.134  7.244   1.00 123.72 ? 206 EPE A C2  1 
HETATM 1195 C  C3  . EPE G 4 .   ? 16.834  -4.406  6.771   1.00 122.22 ? 206 EPE A C3  1 
HETATM 1196 N  N4  . EPE G 4 .   ? 16.665  -3.157  7.532   1.00 121.09 ? 206 EPE A N4  1 
HETATM 1197 C  C5  . EPE G 4 .   ? 17.830  -2.297  7.287   1.00 121.69 ? 206 EPE A C5  1 
HETATM 1198 C  C6  . EPE G 4 .   ? 19.075  -2.992  7.820   1.00 123.07 ? 206 EPE A C6  1 
HETATM 1199 C  C7  . EPE G 4 .   ? 15.430  -2.477  7.111   1.00 118.65 ? 206 EPE A C7  1 
HETATM 1200 C  C8  . EPE G 4 .   ? 15.057  -1.376  8.097   1.00 116.71 ? 206 EPE A C8  1 
HETATM 1201 O  O8  . EPE G 4 .   ? 15.312  -0.098  7.505   1.00 114.95 ? 206 EPE A O8  1 
HETATM 1202 C  C9  . EPE G 4 .   ? 20.427  -5.005  7.718   1.00 127.93 ? 206 EPE A C9  1 
HETATM 1203 C  C10 . EPE G 4 .   ? 21.757  -4.332  7.382   1.00 130.51 ? 206 EPE A C10 1 
HETATM 1204 S  S   . EPE G 4 .   ? 22.497  -3.766  8.762   1.00 134.33 ? 206 EPE A S   1 
HETATM 1205 O  O1S . EPE G 4 .   ? 23.717  -3.016  8.386   1.00 134.41 ? 206 EPE A O1S 1 
HETATM 1206 O  O2S . EPE G 4 .   ? 21.588  -2.877  9.518   1.00 131.98 ? 206 EPE A O2S 1 
HETATM 1207 O  O3S . EPE G 4 .   ? 22.863  -4.918  9.617   1.00 134.38 ? 206 EPE A O3S 1 
HETATM 1208 N  N1  A EPE H 4 .   ? -19.224 4.621   8.004   0.50 76.67  ? 207 EPE A N1  1 
HETATM 1209 N  N1  B EPE H 4 .   ? -20.298 3.655   8.998   0.50 81.42  ? 207 EPE A N1  1 
HETATM 1210 C  C2  A EPE H 4 .   ? -18.567 5.748   8.669   0.50 76.74  ? 207 EPE A C2  1 
HETATM 1211 C  C2  B EPE H 4 .   ? -18.858 3.816   9.209   0.50 80.01  ? 207 EPE A C2  1 
HETATM 1212 C  C3  A EPE H 4 .   ? -19.558 6.404   9.623   0.50 76.30  ? 207 EPE A C3  1 
HETATM 1213 C  C3  B EPE H 4 .   ? -18.433 5.118   8.545   0.50 80.28  ? 207 EPE A C3  1 
HETATM 1214 N  N4  A EPE H 4 .   ? -20.221 5.366   10.423  0.50 74.95  ? 207 EPE A N4  1 
HETATM 1215 N  N4  B EPE H 4 .   ? -19.527 6.095   8.655   0.50 80.04  ? 207 EPE A N4  1 
HETATM 1216 C  C5  A EPE H 4 .   ? -19.399 4.147   10.404  0.50 74.47  ? 207 EPE A C5  1 
HETATM 1217 C  C5  B EPE H 4 .   ? -20.214 5.895   9.939   0.50 80.72  ? 207 EPE A C5  1 
HETATM 1218 C  C6  A EPE H 4 .   ? -19.419 3.557   8.999   0.50 75.25  ? 207 EPE A C6  1 
HETATM 1219 C  C6  B EPE H 4 .   ? -21.003 4.596   9.878   0.50 80.80  ? 207 EPE A C6  1 
HETATM 1220 C  C7  A EPE H 4 .   ? -20.399 5.856   11.796  0.50 74.10  ? 207 EPE A C7  1 
HETATM 1221 C  C7  B EPE H 4 .   ? -19.025 7.476   8.580   0.50 78.62  ? 207 EPE A C7  1 
HETATM 1222 C  C8  A EPE H 4 .   ? -20.448 7.381   11.785  0.50 72.94  ? 207 EPE A C8  1 
HETATM 1223 C  C8  B EPE H 4 .   ? -18.807 7.885   7.127   0.50 77.12  ? 207 EPE A C8  1 
HETATM 1224 O  O8  A EPE H 4 .   ? -21.162 7.856   12.930  0.50 71.44  ? 207 EPE A O8  1 
HETATM 1225 O  O8  B EPE H 4 .   ? -19.581 9.056   6.842   0.50 75.76  ? 207 EPE A O8  1 
HETATM 1226 C  C9  A EPE H 4 .   ? -20.521 5.069   7.472   0.50 78.48  ? 207 EPE A C9  1 
HETATM 1227 C  C9  B EPE H 4 .   ? -20.594 3.952   7.585   0.50 83.30  ? 207 EPE A C9  1 
HETATM 1228 C  C10 A EPE H 4 .   ? -20.476 5.144   5.948   0.50 79.06  ? 207 EPE A C10 1 
HETATM 1229 C  C10 B EPE H 4 .   ? -21.661 5.037   7.459   0.50 84.00  ? 207 EPE A C10 1 
HETATM 1230 S  S   A EPE H 4 .   ? -21.145 6.566   5.393   0.50 79.84  ? 207 EPE A S   1 
HETATM 1231 S  S   B EPE H 4 .   ? -22.525 4.846   6.046   0.50 84.34  ? 207 EPE A S   1 
HETATM 1232 O  O1S A EPE H 4 .   ? -21.839 6.311   4.111   0.50 79.14  ? 207 EPE A O1S 1 
HETATM 1233 O  O1S B EPE H 4 .   ? -23.625 3.879   6.263   0.50 82.84  ? 207 EPE A O1S 1 
HETATM 1234 O  O2S A EPE H 4 .   ? -22.115 7.088   6.383   0.50 79.10  ? 207 EPE A O2S 1 
HETATM 1235 O  O2S B EPE H 4 .   ? -23.094 6.152   5.647   0.50 83.79  ? 207 EPE A O2S 1 
HETATM 1236 O  O3S A EPE H 4 .   ? -20.071 7.563   5.184   0.50 79.50  ? 207 EPE A O3S 1 
HETATM 1237 O  O3S B EPE H 4 .   ? -21.631 4.348   4.973   0.50 83.39  ? 207 EPE A O3S 1 
HETATM 1238 N  N1  A EPE I 4 .   ? -7.751  2.840   17.700  0.60 87.88  ? 208 EPE A N1  1 
HETATM 1239 N  N1  B EPE I 4 .   ? -9.166  3.989   16.774  0.40 61.84  ? 208 EPE A N1  1 
HETATM 1240 C  C2  A EPE I 4 .   ? -8.581  2.499   18.874  0.60 89.13  ? 208 EPE A C2  1 
HETATM 1241 C  C2  B EPE I 4 .   ? -7.708  3.922   16.942  0.40 61.65  ? 208 EPE A C2  1 
HETATM 1242 C  C3  A EPE I 4 .   ? -9.491  3.657   19.286  0.60 89.94  ? 208 EPE A C3  1 
HETATM 1243 C  C3  B EPE I 4 .   ? -7.335  2.757   17.848  0.40 61.19  ? 208 EPE A C3  1 
HETATM 1244 N  N4  A EPE I 4 .   ? -9.586  4.670   18.215  0.60 90.19  ? 208 EPE A N4  1 
HETATM 1245 N  N4  B EPE I 4 .   ? -8.471  2.386   18.692  0.40 60.56  ? 208 EPE A N4  1 
HETATM 1246 C  C5  A EPE I 4 .   ? -9.795  4.030   16.900  0.60 88.90  ? 208 EPE A C5  1 
HETATM 1247 C  C5  B EPE I 4 .   ? -9.468  1.757   17.823  0.40 60.38  ? 208 EPE A C5  1 
HETATM 1248 C  C6  A EPE I 4 .   ? -8.641  3.094   16.544  0.60 87.87  ? 208 EPE A C6  1 
HETATM 1249 C  C6  B EPE I 4 .   ? -9.738  2.640   16.608  0.40 60.70  ? 208 EPE A C6  1 
HETATM 1250 C  C7  A EPE I 4 .   ? -10.646 5.654   18.513  0.60 91.22  ? 208 EPE A C7  1 
HETATM 1251 C  C7  B EPE I 4 .   ? -8.017  1.418   19.701  0.40 60.08  ? 208 EPE A C7  1 
HETATM 1252 C  C8  A EPE I 4 .   ? -10.129 6.702   19.494  0.60 91.56  ? 208 EPE A C8  1 
HETATM 1253 C  C8  B EPE I 4 .   ? -8.048  2.047   21.090  0.40 59.42  ? 208 EPE A C8  1 
HETATM 1254 O  O8  A EPE I 4 .   ? -10.606 6.415   20.815  0.60 90.59  ? 208 EPE A O8  1 
HETATM 1255 O  O8  B EPE I 4 .   ? -6.971  1.529   21.880  0.40 58.25  ? 208 EPE A O8  1 
HETATM 1256 C  C9  A EPE I 4 .   ? -6.760  3.901   18.052  0.60 86.67  ? 208 EPE A C9  1 
HETATM 1257 C  C9  B EPE I 4 .   ? -9.751  4.690   17.928  0.40 63.33  ? 208 EPE A C9  1 
HETATM 1258 C  C10 A EPE I 4 .   ? -6.593  5.044   17.044  0.60 84.98  ? 208 EPE A C10 1 
HETATM 1259 C  C10 B EPE I 4 .   ? -9.983  6.152   17.562  0.40 64.28  ? 208 EPE A C10 1 
HETATM 1260 S  S   A EPE I 4 .   ? -5.680  6.269   17.705  0.60 82.98  ? 208 EPE A S   1 
HETATM 1261 S  S   B EPE I 4 .   ? -10.507 7.022   18.881  0.40 65.85  ? 208 EPE A S   1 
HETATM 1262 O  O1S A EPE I 4 .   ? -6.576  7.232   18.383  0.60 82.18  ? 208 EPE A O1S 1 
HETATM 1263 O  O1S B EPE I 4 .   ? -9.629  6.745   20.040  0.40 65.75  ? 208 EPE A O1S 1 
HETATM 1264 O  O2S A EPE I 4 .   ? -4.952  6.958   16.617  0.60 82.64  ? 208 EPE A O2S 1 
HETATM 1265 O  O2S B EPE I 4 .   ? -11.898 6.632   19.210  0.40 65.34  ? 208 EPE A O2S 1 
HETATM 1266 O  O3S A EPE I 4 .   ? -4.714  5.731   18.688  0.60 82.01  ? 208 EPE A O3S 1 
HETATM 1267 O  O3S B EPE I 4 .   ? -10.462 8.468   18.563  0.40 65.09  ? 208 EPE A O3S 1 
HETATM 1268 S  S   . SO4 J 5 .   ? 15.975  1.947   -10.330 1.00 99.23  ? 209 SO4 A S   1 
HETATM 1269 O  O1  . SO4 J 5 .   ? 14.689  2.239   -11.000 1.00 97.77  ? 209 SO4 A O1  1 
HETATM 1270 O  O2  . SO4 J 5 .   ? 16.777  3.190   -10.239 1.00 98.38  ? 209 SO4 A O2  1 
HETATM 1271 O  O3  . SO4 J 5 .   ? 16.707  0.932   -11.121 1.00 99.53  ? 209 SO4 A O3  1 
HETATM 1272 O  O4  . SO4 J 5 .   ? 15.725  1.423   -8.967  1.00 99.17  ? 209 SO4 A O4  1 
HETATM 1273 S  S   . SO4 K 5 .   ? -11.222 -14.011 -4.152  1.00 108.80 ? 210 SO4 A S   1 
HETATM 1274 O  O1  . SO4 K 5 .   ? -12.538 -13.353 -3.975  1.00 108.33 ? 210 SO4 A O1  1 
HETATM 1275 O  O2  . SO4 K 5 .   ? -10.175 -12.974 -4.285  1.00 109.47 ? 210 SO4 A O2  1 
HETATM 1276 O  O3  . SO4 K 5 .   ? -10.930 -14.870 -2.982  1.00 106.21 ? 210 SO4 A O3  1 
HETATM 1277 O  O4  . SO4 K 5 .   ? -11.241 -14.841 -5.378  1.00 108.24 ? 210 SO4 A O4  1 
HETATM 1278 S  S   . SO4 L 5 .   ? 0.972   2.501   -16.927 0.50 44.92  ? 211 SO4 A S   1 
HETATM 1279 O  O1  . SO4 L 5 .   ? 0.449   3.158   -15.707 0.50 44.66  ? 211 SO4 A O1  1 
HETATM 1280 O  O2  . SO4 L 5 .   ? 1.520   3.529   -17.841 0.50 45.02  ? 211 SO4 A O2  1 
HETATM 1281 O  O3  . SO4 L 5 .   ? -0.120  1.775   -17.616 0.50 45.14  ? 211 SO4 A O3  1 
HETATM 1282 O  O4  . SO4 L 5 .   ? 2.036   1.541   -16.552 0.50 44.92  ? 211 SO4 A O4  1 
HETATM 1283 O  O   . HOH M 6 .   ? -12.647 0.405   19.798  1.00 44.11  ? 301 HOH A O   1 
HETATM 1284 O  O   . HOH M 6 .   ? 4.256   8.785   2.845   1.00 36.47  ? 302 HOH A O   1 
HETATM 1285 O  O   . HOH M 6 .   ? 3.359   8.329   -3.122  1.00 36.79  ? 303 HOH A O   1 
HETATM 1286 O  O   . HOH M 6 .   ? 17.546  -10.310 10.694  1.00 30.71  ? 304 HOH A O   1 
HETATM 1287 O  O   . HOH M 6 .   ? 10.750  -3.945  11.965  1.00 34.61  ? 305 HOH A O   1 
HETATM 1288 O  O   . HOH M 6 .   ? -11.607 2.898   5.556   1.00 27.23  ? 306 HOH A O   1 
HETATM 1289 O  O   . HOH M 6 .   ? 12.048  -3.245  6.598   1.00 50.67  ? 307 HOH A O   1 
HETATM 1290 O  O   . HOH M 6 .   ? 5.876   -0.090  -6.066  1.00 39.44  ? 308 HOH A O   1 
HETATM 1291 O  O   . HOH M 6 .   ? 4.566   4.943   12.835  1.00 38.34  ? 309 HOH A O   1 
HETATM 1292 O  O   . HOH M 6 .   ? 12.890  0.451   -11.949 1.00 32.45  ? 310 HOH A O   1 
HETATM 1293 O  O   . HOH M 6 .   ? 11.599  -6.988  -5.270  1.00 40.06  ? 311 HOH A O   1 
HETATM 1294 O  O   . HOH M 6 .   ? -2.706  -5.300  -12.393 1.00 31.80  ? 312 HOH A O   1 
HETATM 1295 O  O   . HOH M 6 .   ? 4.869   -9.832  4.222   1.00 30.58  ? 313 HOH A O   1 
HETATM 1296 O  O   . HOH M 6 .   ? -12.029 -13.585 -0.850  1.00 34.79  ? 314 HOH A O   1 
HETATM 1297 O  O   . HOH M 6 .   ? 13.110  7.157   7.871   1.00 30.91  ? 315 HOH A O   1 
HETATM 1298 O  O   . HOH M 6 .   ? 4.707   -7.436  8.256   1.00 24.90  ? 316 HOH A O   1 
HETATM 1299 O  O   . HOH M 6 .   ? -1.807  -6.836  -9.909  1.00 27.61  ? 317 HOH A O   1 
HETATM 1300 O  O   . HOH M 6 .   ? -17.012 -3.401  9.031   1.00 34.36  ? 318 HOH A O   1 
HETATM 1301 O  O   . HOH M 6 .   ? -10.263 -8.549  -6.696  1.00 44.59  ? 319 HOH A O   1 
HETATM 1302 O  O   . HOH M 6 .   ? 5.743   10.796  -11.068 1.00 39.40  ? 320 HOH A O   1 
HETATM 1303 O  O   . HOH M 6 .   ? 20.141  -4.479  12.875  1.00 36.30  ? 321 HOH A O   1 
HETATM 1304 O  O   . HOH M 6 .   ? 15.994  1.969   -6.211  1.00 28.38  ? 322 HOH A O   1 
HETATM 1305 O  O   . HOH M 6 .   ? -3.993  8.339   3.074   1.00 38.81  ? 323 HOH A O   1 
HETATM 1306 O  O   . HOH M 6 .   ? 5.884   -9.550  7.083   1.00 23.30  ? 324 HOH A O   1 
HETATM 1307 O  O   . HOH M 6 .   ? -2.654  -13.332 5.306   1.00 28.94  ? 325 HOH A O   1 
HETATM 1308 O  O   . HOH M 6 .   ? -6.174  -6.106  15.036  1.00 39.88  ? 326 HOH A O   1 
HETATM 1309 O  O   . HOH M 6 .   ? -13.173 2.368   3.205   1.00 33.19  ? 327 HOH A O   1 
HETATM 1310 O  O   . HOH M 6 .   ? 8.220   2.721   6.263   1.00 39.45  ? 328 HOH A O   1 
HETATM 1311 O  O   . HOH M 6 .   ? -11.309 -2.606  -7.572  1.00 48.33  ? 329 HOH A O   1 
HETATM 1312 O  O   . HOH M 6 .   ? 15.309  3.294   3.884   1.00 24.19  ? 330 HOH A O   1 
HETATM 1313 O  O   . HOH M 6 .   ? 1.712   13.693  1.832   1.00 24.37  ? 331 HOH A O   1 
HETATM 1314 O  O   . HOH M 6 .   ? 15.244  4.950   0.980   1.00 25.17  ? 332 HOH A O   1 
HETATM 1315 O  O   . HOH M 6 .   ? 1.383   13.990  4.522   1.00 35.05  ? 333 HOH A O   1 
HETATM 1316 O  O   . HOH M 6 .   ? 1.981   15.305  -0.314  1.00 44.80  ? 334 HOH A O   1 
HETATM 1317 O  O   . HOH M 6 .   ? -8.889  7.373   1.847   1.00 29.77  ? 335 HOH A O   1 
# 
